data_3IUI
#
_entry.id   3IUI
#
_cell.length_a   78.692
_cell.length_b   104.826
_cell.length_c   101.768
_cell.angle_alpha   90.00
_cell.angle_beta   102.98
_cell.angle_gamma   90.00
#
_symmetry.space_group_name_H-M   'P 1 21 1'
#
loop_
_entity.id
_entity.type
_entity.pdbx_description
1 polymer 'L-rhamnose isomerase'
2 non-polymer 'ZINC ION'
3 water water
#
_entity_poly.entity_id   1
_entity_poly.type   'polypeptide(L)'
_entity_poly.pdbx_seq_one_letter_code
;MAEFRIAQDVVARENDRRASALKEDYEALGANLARRGVDIEAVTAKVEKFFVAVPSWGVGTGGTRFARFPGTGEPRGIFD
KLDDCAVIQQLTRATPNVSLHIPWDKADPKELKARGDALGLGFDAMNSNTFSDAPGQAHSYKYGSLSHTNAATRAQAVEH
NLECIEIGKAIGSKALTVWIGDGSNFPGQSNFTRAFERYLSAMAEIYKGLPDDWKLFSEHKMYEPAFYSTVVQDWGTNYL
IAQTLGPKAQCLVDLGHHAPNTNIEMIVARLIQFGKLGGFHFNDSKYGDDDLDAGAIEPYRLFLVFNELVDAEARGVKGF
HPAHMIDQSHNVTDPIESLINSANEIRRAYAQALLVDRAALSGYQEDNDALMATETLKRAYRTDVEPILAEARRRTGGAV
DPVATYRASGYRARVAAERPASVAGGGGIIGSHHHHHH
;
_entity_poly.pdbx_strand_id   A,B,C,D
#
loop_
_chem_comp.id
_chem_comp.type
_chem_comp.name
_chem_comp.formula
ZN non-polymer 'ZINC ION' 'Zn 2'
#
# COMPACT_ATOMS: atom_id res chain seq x y z
N PHE A 4 -21.10 26.37 -33.31
CA PHE A 4 -21.53 25.83 -31.99
C PHE A 4 -21.92 24.36 -32.08
N ARG A 5 -21.17 23.51 -31.39
CA ARG A 5 -21.46 22.08 -31.39
C ARG A 5 -22.81 21.80 -30.75
N ILE A 6 -23.10 22.50 -29.66
CA ILE A 6 -24.38 22.32 -28.98
C ILE A 6 -25.30 23.49 -29.31
N ALA A 7 -26.48 23.16 -29.83
CA ALA A 7 -27.48 24.17 -30.19
C ALA A 7 -27.72 25.12 -29.02
N GLN A 8 -27.60 26.42 -29.29
CA GLN A 8 -27.79 27.44 -28.27
C GLN A 8 -29.22 27.51 -27.73
N ASP A 9 -30.19 27.09 -28.54
CA ASP A 9 -31.58 27.11 -28.09
C ASP A 9 -31.73 26.09 -26.98
N VAL A 10 -31.02 24.97 -27.12
CA VAL A 10 -31.06 23.90 -26.13
C VAL A 10 -30.41 24.38 -24.83
N VAL A 11 -29.26 25.04 -24.97
CA VAL A 11 -28.53 25.56 -23.83
C VAL A 11 -29.40 26.52 -23.02
N ALA A 12 -30.10 27.41 -23.72
CA ALA A 12 -30.97 28.39 -23.08
C ALA A 12 -32.21 27.73 -22.49
N ARG A 13 -32.76 26.75 -23.20
CA ARG A 13 -33.95 26.07 -22.73
C ARG A 13 -33.65 25.31 -21.42
N GLU A 14 -32.52 24.62 -21.39
CA GLU A 14 -32.14 23.87 -20.20
C GLU A 14 -31.71 24.76 -19.04
N ASN A 15 -31.29 25.99 -19.36
CA ASN A 15 -30.89 26.94 -18.32
C ASN A 15 -32.12 27.58 -17.71
N ASP A 16 -33.11 27.88 -18.54
CA ASP A 16 -34.34 28.50 -18.05
C ASP A 16 -35.04 27.50 -17.16
N ARG A 17 -35.02 26.24 -17.59
CA ARG A 17 -35.66 25.16 -16.84
C ARG A 17 -35.12 25.03 -15.41
N ARG A 18 -33.92 25.54 -15.18
CA ARG A 18 -33.28 25.45 -13.87
C ARG A 18 -32.91 26.81 -13.28
N ALA A 19 -33.17 27.87 -14.05
CA ALA A 19 -32.84 29.21 -13.62
C ALA A 19 -33.51 29.64 -12.31
N SER A 20 -34.70 29.09 -12.05
CA SER A 20 -35.45 29.43 -10.85
C SER A 20 -34.84 28.80 -9.60
N ALA A 21 -34.50 27.52 -9.69
CA ALA A 21 -33.91 26.81 -8.56
C ALA A 21 -32.52 27.35 -8.28
N LEU A 22 -31.79 27.67 -9.34
CA LEU A 22 -30.43 28.19 -9.20
C LEU A 22 -30.41 29.51 -8.43
N LYS A 23 -31.28 30.44 -8.82
CA LYS A 23 -31.33 31.74 -8.15
C LYS A 23 -31.54 31.56 -6.65
N GLU A 24 -32.44 30.66 -6.27
CA GLU A 24 -32.71 30.40 -4.86
C GLU A 24 -31.45 29.90 -4.15
N ASP A 25 -30.83 28.86 -4.72
CA ASP A 25 -29.63 28.30 -4.12
C ASP A 25 -28.49 29.31 -4.08
N TYR A 26 -28.35 30.09 -5.15
CA TYR A 26 -27.30 31.08 -5.22
C TYR A 26 -27.45 32.13 -4.13
N GLU A 27 -28.62 32.76 -4.06
CA GLU A 27 -28.89 33.79 -3.06
C GLU A 27 -28.63 33.28 -1.65
N ALA A 28 -29.09 32.06 -1.36
CA ALA A 28 -28.91 31.46 -0.04
C ALA A 28 -27.42 31.27 0.29
N LEU A 29 -26.64 30.78 -0.66
CA LEU A 29 -25.21 30.60 -0.42
C LEU A 29 -24.59 31.98 -0.27
N GLY A 30 -25.05 32.92 -1.09
CA GLY A 30 -24.53 34.27 -1.01
C GLY A 30 -24.72 34.84 0.38
N ALA A 31 -25.91 34.64 0.94
CA ALA A 31 -26.23 35.11 2.27
C ALA A 31 -25.35 34.39 3.31
N ASN A 32 -25.18 33.09 3.12
CA ASN A 32 -24.35 32.29 4.01
C ASN A 32 -22.92 32.82 4.02
N LEU A 33 -22.35 32.98 2.84
CA LEU A 33 -20.98 33.49 2.71
C LEU A 33 -20.80 34.88 3.28
N ALA A 34 -21.78 35.75 3.07
CA ALA A 34 -21.68 37.12 3.58
C ALA A 34 -21.49 37.07 5.09
N ARG A 35 -22.16 36.14 5.75
CA ARG A 35 -22.05 35.98 7.19
C ARG A 35 -20.67 35.47 7.60
N ARG A 36 -19.90 34.99 6.64
CA ARG A 36 -18.55 34.48 6.87
C ARG A 36 -17.56 35.49 6.32
N GLY A 37 -18.05 36.67 5.97
CA GLY A 37 -17.22 37.73 5.44
C GLY A 37 -16.69 37.48 4.04
N VAL A 38 -17.45 36.74 3.24
CA VAL A 38 -17.04 36.45 1.88
C VAL A 38 -18.08 36.91 0.89
N ASP A 39 -17.61 37.61 -0.14
CA ASP A 39 -18.47 38.14 -1.19
C ASP A 39 -18.57 37.09 -2.30
N ILE A 40 -19.69 36.38 -2.32
CA ILE A 40 -19.92 35.32 -3.29
C ILE A 40 -19.69 35.72 -4.75
N GLU A 41 -19.64 37.01 -5.03
CA GLU A 41 -19.38 37.48 -6.38
C GLU A 41 -17.89 37.41 -6.69
N ALA A 42 -17.07 37.75 -5.70
CA ALA A 42 -15.62 37.72 -5.88
C ALA A 42 -15.21 36.29 -6.11
N VAL A 43 -15.89 35.38 -5.43
CA VAL A 43 -15.59 33.96 -5.57
C VAL A 43 -15.98 33.52 -6.97
N THR A 44 -17.19 33.88 -7.39
CA THR A 44 -17.67 33.51 -8.71
C THR A 44 -16.76 34.08 -9.80
N ALA A 45 -16.36 35.33 -9.64
CA ALA A 45 -15.50 35.98 -10.61
C ALA A 45 -14.22 35.19 -10.86
N LYS A 46 -13.63 34.65 -9.80
CA LYS A 46 -12.39 33.88 -9.92
C LYS A 46 -12.63 32.48 -10.47
N VAL A 47 -13.78 31.89 -10.16
CA VAL A 47 -14.11 30.56 -10.65
C VAL A 47 -14.31 30.60 -12.16
N GLU A 48 -14.90 31.69 -12.65
CA GLU A 48 -15.14 31.83 -14.10
C GLU A 48 -13.81 31.85 -14.85
N LYS A 49 -12.75 32.25 -14.16
CA LYS A 49 -11.43 32.36 -14.74
C LYS A 49 -10.50 31.17 -14.50
N PHE A 50 -11.00 30.11 -13.87
CA PHE A 50 -10.15 28.96 -13.62
C PHE A 50 -10.26 27.93 -14.73
N PHE A 51 -9.15 27.65 -15.39
CA PHE A 51 -9.15 26.71 -16.49
C PHE A 51 -8.19 25.55 -16.35
N VAL A 52 -8.60 24.39 -16.83
CA VAL A 52 -7.78 23.20 -16.82
C VAL A 52 -7.82 22.65 -18.23
N ALA A 53 -6.69 22.22 -18.75
CA ALA A 53 -6.63 21.69 -20.12
C ALA A 53 -7.21 20.30 -20.24
N VAL A 54 -7.74 20.01 -21.42
CA VAL A 54 -8.31 18.69 -21.71
C VAL A 54 -7.39 17.97 -22.67
N PRO A 55 -7.17 16.67 -22.44
CA PRO A 55 -6.31 15.85 -23.30
C PRO A 55 -7.10 15.45 -24.54
N SER A 56 -6.51 15.66 -25.71
CA SER A 56 -7.20 15.33 -26.95
C SER A 56 -7.61 13.86 -26.97
N TRP A 57 -6.82 13.02 -26.30
CA TRP A 57 -7.09 11.59 -26.28
C TRP A 57 -8.14 11.16 -25.26
N GLY A 58 -8.57 12.10 -24.42
CA GLY A 58 -9.55 11.78 -23.40
C GLY A 58 -11.00 11.64 -23.85
N VAL A 59 -11.34 12.20 -25.02
CA VAL A 59 -12.70 12.14 -25.53
C VAL A 59 -13.03 10.79 -26.18
N GLY A 60 -12.01 9.97 -26.37
CA GLY A 60 -12.21 8.66 -26.94
C GLY A 60 -12.26 7.67 -25.79
N THR A 61 -13.10 6.64 -25.89
CA THR A 61 -13.22 5.63 -24.83
C THR A 61 -11.89 4.95 -24.52
N GLY A 62 -11.56 4.86 -23.23
CA GLY A 62 -10.32 4.21 -22.84
C GLY A 62 -10.54 2.74 -22.53
N GLY A 63 -9.46 2.02 -22.31
CA GLY A 63 -9.55 0.61 -21.99
C GLY A 63 -8.39 0.13 -21.14
N THR A 64 -8.33 -1.17 -20.91
CA THR A 64 -7.25 -1.77 -20.12
C THR A 64 -6.56 -2.80 -20.99
N ARG A 65 -5.57 -3.50 -20.41
CA ARG A 65 -4.85 -4.50 -21.18
C ARG A 65 -5.75 -5.71 -21.47
N PHE A 66 -6.88 -5.79 -20.79
CA PHE A 66 -7.82 -6.90 -20.97
C PHE A 66 -8.86 -6.67 -22.04
N ALA A 67 -9.31 -5.43 -22.17
CA ALA A 67 -10.32 -5.11 -23.16
C ALA A 67 -10.67 -3.63 -23.23
N ARG A 68 -11.19 -3.24 -24.40
CA ARG A 68 -11.62 -1.88 -24.66
C ARG A 68 -13.08 -2.00 -25.10
N PHE A 69 -13.97 -1.28 -24.43
CA PHE A 69 -15.39 -1.35 -24.75
C PHE A 69 -15.86 0.00 -25.29
N PRO A 70 -15.55 0.29 -26.56
CA PRO A 70 -15.93 1.56 -27.20
C PRO A 70 -17.43 1.85 -27.20
N GLY A 71 -17.77 3.14 -27.26
CA GLY A 71 -19.16 3.56 -27.28
C GLY A 71 -19.57 3.90 -28.71
N THR A 72 -20.66 4.63 -28.86
CA THR A 72 -21.14 5.01 -30.19
C THR A 72 -20.56 6.36 -30.62
N GLY A 73 -20.20 6.45 -31.89
CA GLY A 73 -19.67 7.69 -32.41
C GLY A 73 -18.27 8.02 -31.93
N GLU A 74 -17.46 6.98 -31.70
CA GLU A 74 -16.09 7.18 -31.26
C GLU A 74 -15.39 8.13 -32.22
N PRO A 75 -14.76 9.19 -31.71
CA PRO A 75 -14.08 10.13 -32.60
C PRO A 75 -12.90 9.44 -33.30
N ARG A 76 -12.61 9.86 -34.53
CA ARG A 76 -11.51 9.29 -35.28
C ARG A 76 -10.64 10.40 -35.82
N GLY A 77 -9.47 10.56 -35.22
CA GLY A 77 -8.55 11.59 -35.65
C GLY A 77 -8.67 12.82 -34.77
N ILE A 78 -7.68 13.70 -34.84
CA ILE A 78 -7.69 14.89 -34.03
C ILE A 78 -8.88 15.81 -34.26
N PHE A 79 -9.25 16.03 -35.51
CA PHE A 79 -10.37 16.90 -35.83
C PHE A 79 -11.67 16.45 -35.20
N ASP A 80 -11.91 15.15 -35.13
CA ASP A 80 -13.11 14.64 -34.47
C ASP A 80 -12.98 14.90 -32.97
N LYS A 81 -11.79 14.68 -32.44
CA LYS A 81 -11.55 14.89 -31.02
C LYS A 81 -11.73 16.36 -30.64
N LEU A 82 -11.22 17.26 -31.47
CA LEU A 82 -11.35 18.68 -31.20
C LEU A 82 -12.84 19.07 -31.17
N ASP A 83 -13.63 18.46 -32.04
CA ASP A 83 -15.07 18.75 -32.07
C ASP A 83 -15.70 18.39 -30.72
N ASP A 84 -15.29 17.27 -30.16
CA ASP A 84 -15.85 16.82 -28.89
C ASP A 84 -15.35 17.69 -27.73
N CYS A 85 -14.09 18.09 -27.78
CA CYS A 85 -13.53 18.92 -26.73
C CYS A 85 -14.28 20.26 -26.72
N ALA A 86 -14.65 20.73 -27.90
CA ALA A 86 -15.37 21.99 -28.03
C ALA A 86 -16.67 21.93 -27.23
N VAL A 87 -17.29 20.76 -27.21
CA VAL A 87 -18.53 20.57 -26.47
C VAL A 87 -18.29 20.78 -24.97
N ILE A 88 -17.22 20.15 -24.48
CA ILE A 88 -16.85 20.25 -23.07
C ILE A 88 -16.61 21.71 -22.71
N GLN A 89 -15.85 22.42 -23.56
CA GLN A 89 -15.55 23.82 -23.33
C GLN A 89 -16.80 24.67 -23.35
N GLN A 90 -17.67 24.44 -24.34
CA GLN A 90 -18.89 25.20 -24.48
C GLN A 90 -19.85 25.09 -23.30
N LEU A 91 -20.06 23.87 -22.82
CA LEU A 91 -20.98 23.64 -21.71
C LEU A 91 -20.41 23.93 -20.32
N THR A 92 -19.13 23.61 -20.09
CA THR A 92 -18.51 23.86 -18.78
C THR A 92 -17.73 25.18 -18.72
N ARG A 93 -17.29 25.66 -19.88
CA ARG A 93 -16.51 26.90 -19.96
C ARG A 93 -15.25 26.84 -19.12
N ALA A 94 -14.76 25.62 -18.85
CA ALA A 94 -13.56 25.47 -18.04
C ALA A 94 -12.41 24.79 -18.75
N THR A 95 -12.61 24.46 -20.02
CA THR A 95 -11.56 23.78 -20.78
C THR A 95 -11.34 24.43 -22.14
N PRO A 96 -10.90 25.70 -22.15
CA PRO A 96 -10.64 26.44 -23.38
C PRO A 96 -9.41 25.97 -24.16
N ASN A 97 -8.56 25.18 -23.52
CA ASN A 97 -7.35 24.72 -24.19
C ASN A 97 -7.23 23.20 -24.28
N VAL A 98 -6.75 22.75 -25.44
CA VAL A 98 -6.58 21.33 -25.68
C VAL A 98 -5.10 20.98 -25.74
N SER A 99 -4.76 19.85 -25.14
CA SER A 99 -3.38 19.38 -25.15
C SER A 99 -3.32 18.27 -26.20
N LEU A 100 -2.45 18.45 -27.20
CA LEU A 100 -2.31 17.48 -28.28
C LEU A 100 -1.26 16.42 -27.99
N HIS A 101 -1.43 15.26 -28.63
CA HIS A 101 -0.52 14.14 -28.46
C HIS A 101 -0.02 13.71 -29.83
N ILE A 102 1.30 13.67 -29.99
CA ILE A 102 1.91 13.28 -31.25
C ILE A 102 2.50 11.89 -31.07
N PRO A 103 2.47 11.05 -32.12
CA PRO A 103 1.93 11.29 -33.46
C PRO A 103 0.43 11.13 -33.65
N TRP A 104 -0.30 10.76 -32.61
CA TRP A 104 -1.76 10.58 -32.74
C TRP A 104 -2.49 11.76 -33.39
N ASP A 105 -2.14 12.98 -33.01
CA ASP A 105 -2.82 14.15 -33.56
C ASP A 105 -2.05 14.89 -34.63
N LYS A 106 -1.09 14.23 -35.27
CA LYS A 106 -0.32 14.89 -36.31
C LYS A 106 -1.25 15.31 -37.44
N ALA A 107 -1.11 16.57 -37.87
CA ALA A 107 -1.93 17.12 -38.94
C ALA A 107 -1.41 18.52 -39.29
N ASP A 108 -1.82 19.03 -40.45
CA ASP A 108 -1.38 20.37 -40.86
C ASP A 108 -1.63 21.36 -39.73
N PRO A 109 -0.56 21.96 -39.19
CA PRO A 109 -0.64 22.94 -38.11
C PRO A 109 -1.61 24.08 -38.41
N LYS A 110 -1.52 24.61 -39.63
CA LYS A 110 -2.39 25.71 -40.03
C LYS A 110 -3.86 25.32 -39.93
N GLU A 111 -4.15 24.05 -40.22
CA GLU A 111 -5.53 23.56 -40.15
C GLU A 111 -5.99 23.36 -38.71
N LEU A 112 -5.12 22.85 -37.86
CA LEU A 112 -5.45 22.64 -36.46
C LEU A 112 -5.77 24.00 -35.85
N LYS A 113 -4.90 24.95 -36.13
CA LYS A 113 -5.03 26.32 -35.63
C LYS A 113 -6.38 26.92 -36.03
N ALA A 114 -6.75 26.75 -37.29
CA ALA A 114 -8.00 27.29 -37.80
C ALA A 114 -9.23 26.62 -37.17
N ARG A 115 -9.21 25.30 -37.09
CA ARG A 115 -10.33 24.57 -36.51
C ARG A 115 -10.48 24.97 -35.04
N GLY A 116 -9.36 25.17 -34.37
CA GLY A 116 -9.40 25.56 -32.98
C GLY A 116 -10.04 26.94 -32.82
N ASP A 117 -9.57 27.90 -33.61
CA ASP A 117 -10.11 29.26 -33.54
C ASP A 117 -11.60 29.27 -33.80
N ALA A 118 -12.05 28.40 -34.71
CA ALA A 118 -13.46 28.30 -35.06
C ALA A 118 -14.27 27.71 -33.92
N LEU A 119 -13.71 26.70 -33.25
CA LEU A 119 -14.38 26.03 -32.14
C LEU A 119 -14.24 26.77 -30.81
N GLY A 120 -13.37 27.78 -30.79
CA GLY A 120 -13.17 28.53 -29.57
C GLY A 120 -12.24 27.80 -28.64
N LEU A 121 -11.22 27.15 -29.21
CA LEU A 121 -10.26 26.38 -28.44
C LEU A 121 -8.82 26.79 -28.74
N GLY A 122 -7.98 26.73 -27.72
CA GLY A 122 -6.57 27.05 -27.86
C GLY A 122 -5.82 25.76 -27.66
N PHE A 123 -4.49 25.80 -27.71
CA PHE A 123 -3.72 24.58 -27.51
C PHE A 123 -2.74 24.70 -26.36
N ASP A 124 -2.78 23.70 -25.48
CA ASP A 124 -1.91 23.69 -24.33
C ASP A 124 -0.64 22.91 -24.63
N ALA A 125 0.02 22.44 -23.59
CA ALA A 125 1.27 21.70 -23.71
C ALA A 125 1.23 20.55 -24.73
N MET A 126 2.35 20.33 -25.40
CA MET A 126 2.47 19.25 -26.37
C MET A 126 2.86 17.99 -25.60
N ASN A 127 2.46 16.83 -26.10
CA ASN A 127 2.76 15.56 -25.46
C ASN A 127 3.47 14.61 -26.42
N SER A 128 4.73 14.26 -26.12
CA SER A 128 5.45 13.37 -27.00
C SER A 128 5.07 11.93 -26.68
N ASN A 129 5.28 11.04 -27.65
CA ASN A 129 4.94 9.64 -27.47
C ASN A 129 6.09 8.70 -27.81
N THR A 130 6.82 8.25 -26.80
CA THR A 130 7.90 7.30 -27.02
C THR A 130 7.69 6.12 -26.09
N PHE A 131 6.44 5.79 -25.83
CA PHE A 131 6.07 4.67 -24.97
C PHE A 131 5.32 3.61 -25.78
N SER A 132 5.44 3.72 -27.10
CA SER A 132 4.80 2.80 -28.03
C SER A 132 5.46 2.98 -29.39
N ASP A 133 5.43 1.94 -30.22
CA ASP A 133 6.04 2.02 -31.55
C ASP A 133 5.03 2.39 -32.63
N ALA A 134 5.47 3.24 -33.56
CA ALA A 134 4.65 3.66 -34.68
C ALA A 134 5.16 2.93 -35.93
N PRO A 135 4.30 2.77 -36.95
CA PRO A 135 4.73 2.07 -38.17
C PRO A 135 5.89 2.78 -38.90
N GLY A 136 6.80 2.01 -39.46
CA GLY A 136 7.93 2.59 -40.18
C GLY A 136 8.98 3.21 -39.28
N GLN A 137 8.87 2.94 -37.98
CA GLN A 137 9.80 3.45 -36.98
C GLN A 137 11.08 2.62 -37.11
N ALA A 138 12.24 3.29 -37.13
CA ALA A 138 13.51 2.59 -37.29
C ALA A 138 13.98 1.80 -36.06
N HIS A 139 13.66 2.32 -34.87
CA HIS A 139 14.06 1.66 -33.63
C HIS A 139 12.90 1.54 -32.66
N SER A 140 12.67 0.33 -32.15
CA SER A 140 11.59 0.08 -31.20
C SER A 140 11.92 0.61 -29.81
N TYR A 141 10.89 1.06 -29.09
CA TYR A 141 11.07 1.58 -27.74
C TYR A 141 10.75 0.49 -26.70
N LYS A 142 10.75 -0.77 -27.15
CA LYS A 142 10.45 -1.90 -26.27
C LYS A 142 11.27 -1.84 -24.98
N TYR A 143 12.56 -1.56 -25.11
CA TYR A 143 13.44 -1.49 -23.95
C TYR A 143 13.77 -0.05 -23.56
N GLY A 144 12.88 0.87 -23.84
CA GLY A 144 13.13 2.26 -23.49
C GLY A 144 13.21 3.21 -24.68
N SER A 145 13.26 4.51 -24.38
CA SER A 145 13.35 5.52 -25.41
C SER A 145 14.47 6.51 -25.10
N LEU A 146 14.17 7.57 -24.36
CA LEU A 146 15.20 8.54 -24.03
C LEU A 146 16.33 7.95 -23.17
N SER A 147 16.09 6.79 -22.55
CA SER A 147 17.12 6.16 -21.71
C SER A 147 17.57 4.79 -22.21
N HIS A 148 17.16 4.42 -23.42
CA HIS A 148 17.52 3.15 -24.03
C HIS A 148 19.04 3.06 -24.15
N THR A 149 19.60 1.86 -24.02
CA THR A 149 21.05 1.68 -24.12
C THR A 149 21.58 1.99 -25.52
N ASN A 150 20.73 1.85 -26.53
CA ASN A 150 21.11 2.12 -27.91
C ASN A 150 21.11 3.62 -28.27
N ALA A 151 22.29 4.15 -28.57
CA ALA A 151 22.42 5.57 -28.92
C ALA A 151 21.44 5.97 -30.03
N ALA A 152 21.40 5.19 -31.11
CA ALA A 152 20.51 5.50 -32.21
C ALA A 152 19.07 5.63 -31.71
N THR A 153 18.66 4.74 -30.82
CA THR A 153 17.31 4.77 -30.28
C THR A 153 17.06 6.04 -29.48
N ARG A 154 18.04 6.47 -28.69
CA ARG A 154 17.88 7.68 -27.91
C ARG A 154 17.80 8.89 -28.84
N ALA A 155 18.61 8.88 -29.90
CA ALA A 155 18.62 9.98 -30.87
C ALA A 155 17.25 10.12 -31.51
N GLN A 156 16.68 8.98 -31.91
CA GLN A 156 15.36 8.96 -32.53
C GLN A 156 14.31 9.52 -31.55
N ALA A 157 14.46 9.21 -30.27
CA ALA A 157 13.52 9.69 -29.27
C ALA A 157 13.63 11.20 -29.10
N VAL A 158 14.86 11.70 -29.18
CA VAL A 158 15.11 13.14 -29.04
C VAL A 158 14.55 13.94 -30.22
N GLU A 159 14.70 13.40 -31.43
CA GLU A 159 14.21 14.09 -32.61
C GLU A 159 12.68 14.20 -32.58
N HIS A 160 12.03 13.12 -32.18
CA HIS A 160 10.57 13.12 -32.10
C HIS A 160 10.07 14.21 -31.15
N ASN A 161 10.75 14.36 -30.02
CA ASN A 161 10.37 15.37 -29.04
C ASN A 161 10.64 16.75 -29.63
N LEU A 162 11.72 16.88 -30.39
CA LEU A 162 12.05 18.14 -31.03
C LEU A 162 10.96 18.47 -32.05
N GLU A 163 10.48 17.42 -32.70
CA GLU A 163 9.43 17.56 -33.70
C GLU A 163 8.15 18.07 -33.03
N CYS A 164 7.90 17.61 -31.81
CA CYS A 164 6.70 18.02 -31.06
C CYS A 164 6.76 19.52 -30.74
N ILE A 165 7.95 19.98 -30.39
CA ILE A 165 8.18 21.39 -30.07
C ILE A 165 7.86 22.25 -31.29
N GLU A 166 8.27 21.78 -32.47
CA GLU A 166 8.04 22.51 -33.71
C GLU A 166 6.55 22.64 -34.02
N ILE A 167 5.83 21.54 -33.92
CA ILE A 167 4.40 21.55 -34.18
C ILE A 167 3.70 22.46 -33.17
N GLY A 168 4.17 22.45 -31.93
CA GLY A 168 3.58 23.29 -30.91
C GLY A 168 3.86 24.77 -31.15
N LYS A 169 5.06 25.07 -31.68
CA LYS A 169 5.43 26.44 -31.96
C LYS A 169 4.53 27.02 -33.03
N ALA A 170 4.06 26.17 -33.94
CA ALA A 170 3.20 26.62 -35.03
C ALA A 170 1.73 26.74 -34.65
N ILE A 171 1.32 26.10 -33.56
CA ILE A 171 -0.08 26.15 -33.14
C ILE A 171 -0.31 26.99 -31.89
N GLY A 172 0.77 27.51 -31.31
CA GLY A 172 0.61 28.34 -30.14
C GLY A 172 0.96 27.70 -28.81
N SER A 173 1.29 26.41 -28.80
CA SER A 173 1.63 25.75 -27.55
C SER A 173 2.86 26.43 -26.97
N LYS A 174 3.06 26.28 -25.66
CA LYS A 174 4.21 26.89 -24.98
C LYS A 174 4.92 25.92 -24.03
N ALA A 175 4.71 24.62 -24.23
CA ALA A 175 5.33 23.63 -23.37
C ALA A 175 5.28 22.23 -23.93
N LEU A 176 6.29 21.44 -23.61
CA LEU A 176 6.38 20.05 -24.03
C LEU A 176 6.35 19.18 -22.79
N THR A 177 5.43 18.22 -22.75
CA THR A 177 5.32 17.31 -21.62
C THR A 177 5.91 15.97 -22.02
N VAL A 178 6.86 15.50 -21.23
CA VAL A 178 7.52 14.23 -21.52
C VAL A 178 7.27 13.16 -20.46
N TRP A 179 6.43 12.19 -20.79
CA TRP A 179 6.16 11.09 -19.88
C TRP A 179 6.57 9.82 -20.64
N ILE A 180 7.48 9.04 -20.08
CA ILE A 180 7.90 7.81 -20.74
C ILE A 180 7.70 6.57 -19.87
N GLY A 181 7.69 5.41 -20.51
CA GLY A 181 7.51 4.17 -19.80
C GLY A 181 8.84 3.59 -19.35
N ASP A 182 9.92 4.17 -19.88
CA ASP A 182 11.28 3.72 -19.56
C ASP A 182 11.43 3.20 -18.15
N GLY A 183 11.89 1.96 -18.06
CA GLY A 183 12.09 1.31 -16.77
C GLY A 183 12.45 -0.14 -16.97
N SER A 184 12.29 -0.95 -15.92
CA SER A 184 12.60 -2.37 -16.00
C SER A 184 11.55 -3.21 -15.29
N ASN A 185 11.44 -4.48 -15.72
CA ASN A 185 10.48 -5.40 -15.11
C ASN A 185 11.21 -6.45 -14.29
N PHE A 186 12.54 -6.40 -14.30
CA PHE A 186 13.35 -7.37 -13.59
C PHE A 186 14.56 -6.79 -12.89
N PRO A 187 14.90 -7.32 -11.71
CA PRO A 187 16.06 -6.81 -10.99
C PRO A 187 17.31 -7.10 -11.83
N GLY A 188 18.17 -6.11 -12.01
CA GLY A 188 19.39 -6.33 -12.78
C GLY A 188 19.27 -5.94 -14.25
N GLN A 189 18.06 -5.99 -14.78
CA GLN A 189 17.81 -5.63 -16.18
C GLN A 189 18.37 -4.25 -16.52
N SER A 190 18.22 -3.31 -15.59
CA SER A 190 18.71 -1.95 -15.78
C SER A 190 19.65 -1.52 -14.68
N ASN A 191 20.59 -0.65 -15.02
CA ASN A 191 21.48 -0.11 -14.00
C ASN A 191 20.81 1.23 -13.74
N PHE A 192 20.14 1.35 -12.60
CA PHE A 192 19.42 2.57 -12.25
C PHE A 192 20.17 3.85 -12.62
N THR A 193 21.42 3.94 -12.18
CA THR A 193 22.23 5.12 -12.42
C THR A 193 22.57 5.36 -13.90
N ARG A 194 23.12 4.35 -14.56
CA ARG A 194 23.47 4.49 -15.98
C ARG A 194 22.23 4.87 -16.81
N ALA A 195 21.09 4.27 -16.45
CA ALA A 195 19.84 4.56 -17.15
C ALA A 195 19.41 6.00 -16.93
N PHE A 196 19.55 6.49 -15.69
CA PHE A 196 19.15 7.85 -15.38
C PHE A 196 20.10 8.83 -16.05
N GLU A 197 21.38 8.50 -16.11
CA GLU A 197 22.35 9.37 -16.75
C GLU A 197 21.96 9.56 -18.21
N ARG A 198 21.66 8.44 -18.87
CA ARG A 198 21.28 8.49 -20.28
C ARG A 198 20.05 9.36 -20.48
N TYR A 199 19.06 9.20 -19.60
CA TYR A 199 17.86 9.99 -19.69
C TYR A 199 18.21 11.47 -19.55
N LEU A 200 18.98 11.81 -18.52
CA LEU A 200 19.37 13.20 -18.30
C LEU A 200 20.08 13.79 -19.51
N SER A 201 21.01 13.02 -20.10
CA SER A 201 21.73 13.52 -21.26
C SER A 201 20.80 13.77 -22.44
N ALA A 202 19.88 12.84 -22.69
CA ALA A 202 18.94 12.99 -23.80
C ALA A 202 17.98 14.16 -23.59
N MET A 203 17.50 14.32 -22.35
CA MET A 203 16.59 15.41 -22.03
C MET A 203 17.29 16.75 -22.20
N ALA A 204 18.60 16.76 -22.03
CA ALA A 204 19.38 17.97 -22.18
C ALA A 204 19.27 18.42 -23.63
N GLU A 205 19.29 17.45 -24.55
CA GLU A 205 19.19 17.76 -25.98
C GLU A 205 17.80 18.31 -26.30
N ILE A 206 16.77 17.75 -25.69
CA ILE A 206 15.41 18.25 -25.95
C ILE A 206 15.30 19.66 -25.39
N TYR A 207 15.95 19.90 -24.26
CA TYR A 207 15.92 21.19 -23.60
C TYR A 207 16.51 22.29 -24.50
N LYS A 208 17.57 21.95 -25.23
CA LYS A 208 18.23 22.88 -26.12
C LYS A 208 17.35 23.35 -27.27
N GLY A 209 16.28 22.61 -27.52
CA GLY A 209 15.36 22.98 -28.59
C GLY A 209 14.16 23.75 -28.06
N LEU A 210 14.26 24.23 -26.84
CA LEU A 210 13.18 24.98 -26.22
C LEU A 210 13.29 26.48 -26.42
N PRO A 211 12.22 27.11 -26.94
CA PRO A 211 12.28 28.57 -27.13
C PRO A 211 12.45 29.21 -25.75
N ASP A 212 12.87 30.47 -25.73
CA ASP A 212 13.08 31.21 -24.49
C ASP A 212 11.85 31.24 -23.57
N ASP A 213 10.66 31.21 -24.15
CA ASP A 213 9.43 31.28 -23.36
C ASP A 213 8.65 29.96 -23.26
N TRP A 214 9.35 28.83 -23.41
CA TRP A 214 8.72 27.52 -23.31
C TRP A 214 9.14 26.80 -22.04
N LYS A 215 8.38 25.77 -21.68
CA LYS A 215 8.67 24.96 -20.51
C LYS A 215 8.80 23.51 -20.96
N LEU A 216 9.62 22.74 -20.24
CA LEU A 216 9.81 21.32 -20.50
C LEU A 216 9.32 20.64 -19.24
N PHE A 217 8.29 19.81 -19.38
CA PHE A 217 7.73 19.12 -18.23
C PHE A 217 8.04 17.62 -18.20
N SER A 218 8.65 17.16 -17.11
CA SER A 218 8.94 15.74 -16.95
C SER A 218 7.88 15.23 -15.95
N GLU A 219 7.23 14.14 -16.30
CA GLU A 219 6.18 13.56 -15.47
C GLU A 219 6.58 12.25 -14.82
N HIS A 220 6.54 12.19 -13.50
CA HIS A 220 6.92 10.95 -12.84
C HIS A 220 5.75 9.98 -12.70
N LYS A 221 6.08 8.71 -12.48
CA LYS A 221 5.10 7.65 -12.31
C LYS A 221 5.81 6.47 -11.64
N MET A 222 5.26 6.01 -10.51
CA MET A 222 5.84 4.90 -9.74
C MET A 222 6.03 3.60 -10.52
N TYR A 223 5.05 3.24 -11.34
CA TYR A 223 5.13 2.00 -12.11
C TYR A 223 4.06 1.97 -13.21
N GLU A 224 4.22 1.00 -14.11
CA GLU A 224 3.35 0.79 -15.27
C GLU A 224 3.72 1.79 -16.36
N PRO A 225 4.15 1.30 -17.53
CA PRO A 225 4.35 -0.08 -17.98
C PRO A 225 5.50 -0.86 -17.35
N ALA A 226 6.40 -0.19 -16.64
CA ALA A 226 7.51 -0.90 -16.02
C ALA A 226 7.05 -1.38 -14.63
N PHE A 227 7.16 -2.68 -14.39
CA PHE A 227 6.72 -3.25 -13.13
C PHE A 227 7.76 -3.52 -12.04
N TYR A 228 9.02 -3.19 -12.29
CA TYR A 228 10.05 -3.37 -11.26
C TYR A 228 10.62 -1.99 -10.93
N SER A 229 11.11 -1.28 -11.95
CA SER A 229 11.64 0.04 -11.73
C SER A 229 11.26 0.95 -12.89
N THR A 230 11.20 2.25 -12.60
CA THR A 230 10.87 3.26 -13.58
C THR A 230 11.93 4.34 -13.42
N VAL A 231 12.52 4.80 -14.53
CA VAL A 231 13.55 5.82 -14.45
C VAL A 231 13.01 7.05 -13.73
N VAL A 232 11.86 7.58 -14.14
CA VAL A 232 11.28 8.74 -13.48
C VAL A 232 10.16 8.21 -12.57
N GLN A 233 10.54 7.58 -11.47
CA GLN A 233 9.58 6.95 -10.56
C GLN A 233 8.80 7.83 -9.57
N ASP A 234 9.44 8.88 -9.05
CA ASP A 234 8.75 9.76 -8.11
C ASP A 234 9.19 11.21 -8.23
N TRP A 235 8.54 12.09 -7.48
CA TRP A 235 8.84 13.51 -7.51
C TRP A 235 10.28 13.82 -7.10
N GLY A 236 10.86 12.94 -6.29
CA GLY A 236 12.25 13.14 -5.88
C GLY A 236 13.13 13.12 -7.11
N THR A 237 13.00 12.07 -7.90
CA THR A 237 13.80 11.97 -9.12
C THR A 237 13.38 13.06 -10.09
N ASN A 238 12.10 13.39 -10.10
CA ASN A 238 11.62 14.42 -11.00
C ASN A 238 12.30 15.76 -10.69
N TYR A 239 12.44 16.06 -9.40
CA TYR A 239 13.09 17.30 -8.98
C TYR A 239 14.53 17.31 -9.49
N LEU A 240 15.23 16.20 -9.30
CA LEU A 240 16.62 16.11 -9.74
C LEU A 240 16.75 16.44 -11.23
N ILE A 241 15.77 15.98 -12.00
CA ILE A 241 15.74 16.24 -13.43
C ILE A 241 15.60 17.74 -13.70
N ALA A 242 14.52 18.33 -13.19
CA ALA A 242 14.25 19.76 -13.39
C ALA A 242 15.38 20.66 -12.93
N GLN A 243 16.00 20.34 -11.80
CA GLN A 243 17.09 21.15 -11.27
C GLN A 243 18.34 21.06 -12.16
N THR A 244 18.53 19.88 -12.74
CA THR A 244 19.67 19.61 -13.61
C THR A 244 19.52 20.21 -14.99
N LEU A 245 18.33 20.07 -15.58
CA LEU A 245 18.11 20.60 -16.92
C LEU A 245 18.19 22.12 -16.95
N GLY A 246 17.50 22.78 -16.03
CA GLY A 246 17.54 24.24 -16.00
C GLY A 246 16.23 24.91 -15.64
N PRO A 247 16.22 26.25 -15.57
CA PRO A 247 15.06 27.09 -15.22
C PRO A 247 13.79 26.82 -16.02
N LYS A 248 13.94 26.37 -17.27
CA LYS A 248 12.77 26.11 -18.10
C LYS A 248 12.22 24.71 -17.92
N ALA A 249 12.87 23.94 -17.05
CA ALA A 249 12.43 22.58 -16.78
C ALA A 249 11.68 22.54 -15.46
N GLN A 250 10.50 21.91 -15.46
CA GLN A 250 9.69 21.80 -14.26
C GLN A 250 9.02 20.43 -14.17
N CYS A 251 8.43 20.13 -13.02
CA CYS A 251 7.81 18.83 -12.79
C CYS A 251 6.30 18.84 -12.85
N LEU A 252 5.75 17.74 -13.35
CA LEU A 252 4.31 17.57 -13.44
C LEU A 252 3.91 16.54 -12.40
N VAL A 253 2.88 16.84 -11.63
CA VAL A 253 2.41 15.92 -10.59
C VAL A 253 1.06 15.32 -11.00
N ASP A 254 1.04 14.03 -11.34
CA ASP A 254 -0.19 13.35 -11.73
C ASP A 254 -0.73 12.61 -10.52
N LEU A 255 -1.92 12.99 -10.07
CA LEU A 255 -2.53 12.39 -8.90
C LEU A 255 -2.38 10.88 -8.70
N GLY A 256 -2.78 10.09 -9.69
CA GLY A 256 -2.70 8.65 -9.55
C GLY A 256 -1.36 7.96 -9.80
N HIS A 257 -0.27 8.73 -9.89
CA HIS A 257 1.05 8.14 -10.15
C HIS A 257 1.90 7.94 -8.89
N HIS A 258 1.27 7.80 -7.74
CA HIS A 258 2.03 7.67 -6.51
C HIS A 258 1.76 6.40 -5.71
N ALA A 259 2.70 6.07 -4.83
CA ALA A 259 2.61 4.91 -3.97
C ALA A 259 1.42 5.02 -3.03
N PRO A 260 0.90 3.88 -2.55
CA PRO A 260 -0.25 3.90 -1.63
C PRO A 260 -0.03 4.78 -0.40
N ASN A 261 -1.03 5.60 -0.09
CA ASN A 261 -1.01 6.48 1.08
C ASN A 261 -0.11 7.71 1.01
N THR A 262 0.60 7.88 -0.10
CA THR A 262 1.46 9.03 -0.27
C THR A 262 0.69 10.32 0.00
N ASN A 263 1.36 11.30 0.59
CA ASN A 263 0.73 12.59 0.83
C ASN A 263 1.03 13.43 -0.38
N ILE A 264 0.09 13.43 -1.32
CA ILE A 264 0.25 14.14 -2.58
C ILE A 264 0.29 15.65 -2.43
N GLU A 265 -0.54 16.21 -1.56
CA GLU A 265 -0.55 17.66 -1.39
C GLU A 265 0.78 18.19 -0.83
N MET A 266 1.50 17.39 -0.05
CA MET A 266 2.79 17.84 0.47
C MET A 266 3.77 17.93 -0.69
N ILE A 267 3.66 16.99 -1.62
CA ILE A 267 4.51 16.98 -2.79
C ILE A 267 4.30 18.29 -3.55
N VAL A 268 3.05 18.65 -3.76
CA VAL A 268 2.72 19.88 -4.45
C VAL A 268 3.37 21.09 -3.76
N ALA A 269 3.26 21.14 -2.45
CA ALA A 269 3.86 22.24 -1.68
C ALA A 269 5.38 22.29 -1.79
N ARG A 270 6.02 21.13 -1.69
CA ARG A 270 7.47 21.06 -1.78
C ARG A 270 7.98 21.59 -3.11
N LEU A 271 7.35 21.18 -4.20
CA LEU A 271 7.76 21.62 -5.52
C LEU A 271 7.52 23.13 -5.69
N ILE A 272 6.38 23.62 -5.20
CA ILE A 272 6.06 25.04 -5.27
C ILE A 272 7.09 25.86 -4.50
N GLN A 273 7.50 25.35 -3.34
CA GLN A 273 8.49 26.05 -2.52
C GLN A 273 9.80 26.24 -3.29
N PHE A 274 10.21 25.22 -4.05
CA PHE A 274 11.45 25.29 -4.83
C PHE A 274 11.29 25.70 -6.28
N GLY A 275 10.10 26.16 -6.64
CA GLY A 275 9.84 26.62 -7.98
C GLY A 275 9.88 25.60 -9.10
N LYS A 276 9.56 24.34 -8.79
CA LYS A 276 9.58 23.31 -9.82
C LYS A 276 8.24 22.62 -10.07
N LEU A 277 7.15 23.29 -9.70
CA LEU A 277 5.83 22.72 -9.95
C LEU A 277 5.35 23.28 -11.29
N GLY A 278 5.57 22.51 -12.36
CA GLY A 278 5.15 22.96 -13.67
C GLY A 278 3.65 22.91 -13.84
N GLY A 279 3.03 21.92 -13.22
CA GLY A 279 1.59 21.78 -13.32
C GLY A 279 1.10 20.52 -12.66
N PHE A 280 -0.22 20.39 -12.55
CA PHE A 280 -0.82 19.23 -11.93
C PHE A 280 -1.74 18.53 -12.92
N HIS A 281 -1.70 17.20 -12.93
CA HIS A 281 -2.55 16.41 -13.81
C HIS A 281 -3.65 15.72 -13.00
N PHE A 282 -4.87 16.22 -13.17
CA PHE A 282 -6.01 15.72 -12.44
C PHE A 282 -6.66 14.44 -12.94
N ASN A 283 -7.11 13.67 -11.95
CA ASN A 283 -7.79 12.40 -12.12
C ASN A 283 -7.95 11.92 -10.68
N ASP A 284 -8.47 10.73 -10.49
CA ASP A 284 -8.63 10.20 -9.14
C ASP A 284 -8.29 8.72 -9.18
N SER A 285 -8.08 8.13 -8.01
CA SER A 285 -7.73 6.71 -7.98
C SER A 285 -7.97 6.10 -6.61
N LYS A 286 -7.95 4.77 -6.59
CA LYS A 286 -8.14 4.04 -5.36
C LYS A 286 -7.08 2.96 -5.20
N TYR A 287 -6.62 2.42 -6.33
CA TYR A 287 -5.63 1.35 -6.29
C TYR A 287 -4.26 1.69 -6.85
N GLY A 288 -4.21 2.11 -8.10
CA GLY A 288 -2.94 2.47 -8.72
C GLY A 288 -3.18 3.70 -9.57
N ASP A 289 -2.71 3.67 -10.81
CA ASP A 289 -2.93 4.80 -11.70
C ASP A 289 -4.22 4.46 -12.44
N ASP A 290 -5.32 4.51 -11.70
CA ASP A 290 -6.65 4.18 -12.22
C ASP A 290 -7.17 5.18 -13.25
N ASP A 291 -6.65 6.41 -13.21
CA ASP A 291 -7.08 7.47 -14.13
C ASP A 291 -8.60 7.68 -14.13
N LEU A 292 -9.23 7.57 -12.96
CA LEU A 292 -10.66 7.77 -12.86
C LEU A 292 -11.02 9.24 -12.83
N ASP A 293 -12.30 9.54 -12.97
CA ASP A 293 -12.78 10.92 -12.94
C ASP A 293 -12.33 11.66 -11.68
N ALA A 294 -11.83 12.87 -11.85
CA ALA A 294 -11.36 13.66 -10.72
C ALA A 294 -12.41 13.79 -9.63
N GLY A 295 -11.99 13.59 -8.39
CA GLY A 295 -12.90 13.71 -7.27
C GLY A 295 -14.00 12.66 -7.13
N ALA A 296 -14.04 11.68 -8.02
CA ALA A 296 -15.07 10.65 -7.95
C ALA A 296 -14.80 9.61 -6.86
N ILE A 297 -13.59 9.61 -6.33
CA ILE A 297 -13.21 8.68 -5.27
C ILE A 297 -12.84 9.38 -3.97
N GLU A 298 -11.95 10.37 -4.06
CA GLU A 298 -11.49 11.13 -2.90
C GLU A 298 -11.54 12.63 -3.14
N PRO A 299 -12.72 13.23 -3.00
CA PRO A 299 -12.88 14.68 -3.21
C PRO A 299 -12.14 15.58 -2.22
N TYR A 300 -11.96 15.12 -0.98
CA TYR A 300 -11.27 15.91 0.01
C TYR A 300 -9.80 16.02 -0.38
N ARG A 301 -9.21 14.91 -0.82
CA ARG A 301 -7.82 14.95 -1.25
C ARG A 301 -7.69 16.00 -2.35
N LEU A 302 -8.63 15.95 -3.30
CA LEU A 302 -8.60 16.90 -4.40
C LEU A 302 -8.62 18.30 -3.82
N PHE A 303 -9.53 18.53 -2.87
CA PHE A 303 -9.63 19.83 -2.19
C PHE A 303 -8.32 20.23 -1.52
N LEU A 304 -7.66 19.27 -0.85
CA LEU A 304 -6.41 19.54 -0.14
C LEU A 304 -5.27 19.96 -1.08
N VAL A 305 -5.25 19.37 -2.28
CA VAL A 305 -4.26 19.72 -3.28
C VAL A 305 -4.50 21.18 -3.65
N PHE A 306 -5.76 21.56 -3.83
CA PHE A 306 -6.10 22.93 -4.18
C PHE A 306 -5.80 23.87 -3.01
N ASN A 307 -5.94 23.39 -1.79
CA ASN A 307 -5.65 24.22 -0.63
C ASN A 307 -4.19 24.68 -0.73
N GLU A 308 -3.31 23.80 -1.19
CA GLU A 308 -1.90 24.15 -1.36
C GLU A 308 -1.75 25.13 -2.53
N LEU A 309 -2.49 24.88 -3.61
CA LEU A 309 -2.41 25.77 -4.76
C LEU A 309 -2.87 27.17 -4.40
N VAL A 310 -3.97 27.27 -3.67
CA VAL A 310 -4.49 28.57 -3.24
C VAL A 310 -3.57 29.25 -2.24
N ASP A 311 -3.00 28.49 -1.30
CA ASP A 311 -2.10 29.05 -0.30
C ASP A 311 -0.87 29.66 -0.95
N ALA A 312 -0.42 29.06 -2.05
CA ALA A 312 0.73 29.56 -2.77
C ALA A 312 0.48 31.01 -3.18
N GLU A 313 -0.68 31.27 -3.77
CA GLU A 313 -1.04 32.63 -4.17
C GLU A 313 -1.14 33.53 -2.92
N ALA A 314 -1.75 32.99 -1.87
CA ALA A 314 -1.93 33.73 -0.62
C ALA A 314 -0.60 34.18 -0.03
N ARG A 315 0.41 33.32 -0.10
CA ARG A 315 1.73 33.67 0.43
C ARG A 315 2.44 34.58 -0.56
N GLY A 316 1.85 34.73 -1.75
CA GLY A 316 2.44 35.57 -2.77
C GLY A 316 3.63 34.96 -3.47
N VAL A 317 3.53 33.69 -3.87
CA VAL A 317 4.63 33.04 -4.55
C VAL A 317 4.79 33.63 -5.95
N LYS A 318 5.98 34.17 -6.20
CA LYS A 318 6.28 34.80 -7.48
C LYS A 318 6.61 33.78 -8.57
N GLY A 319 6.18 34.09 -9.79
CA GLY A 319 6.43 33.21 -10.93
C GLY A 319 5.65 31.91 -10.90
N PHE A 320 4.56 31.89 -10.14
CA PHE A 320 3.75 30.69 -10.04
C PHE A 320 2.66 30.68 -11.11
N HIS A 321 2.82 29.81 -12.10
CA HIS A 321 1.86 29.70 -13.19
C HIS A 321 1.70 28.24 -13.64
N PRO A 322 1.20 27.38 -12.74
CA PRO A 322 1.02 25.97 -13.07
C PRO A 322 0.17 25.73 -14.31
N ALA A 323 0.55 24.72 -15.10
CA ALA A 323 -0.16 24.36 -16.31
C ALA A 323 -0.96 23.10 -16.02
N HIS A 324 -2.18 23.30 -15.53
CA HIS A 324 -3.05 22.20 -15.17
C HIS A 324 -3.67 21.50 -16.38
N MET A 325 -3.91 20.21 -16.23
CA MET A 325 -4.51 19.43 -17.29
C MET A 325 -5.17 18.20 -16.70
N ILE A 326 -6.22 17.74 -17.37
CA ILE A 326 -6.93 16.54 -16.96
C ILE A 326 -6.31 15.39 -17.74
N ASP A 327 -5.93 14.33 -17.05
CA ASP A 327 -5.37 13.16 -17.71
C ASP A 327 -6.15 11.96 -17.20
N GLN A 328 -7.19 11.60 -17.93
CA GLN A 328 -8.03 10.50 -17.50
C GLN A 328 -8.34 9.49 -18.58
N SER A 329 -8.78 8.31 -18.14
CA SER A 329 -9.17 7.26 -19.04
C SER A 329 -10.62 6.91 -18.70
N HIS A 330 -11.51 7.03 -19.67
CA HIS A 330 -12.92 6.77 -19.47
C HIS A 330 -13.31 5.46 -20.15
N ASN A 331 -13.38 4.41 -19.35
CA ASN A 331 -13.67 3.10 -19.90
C ASN A 331 -15.11 2.62 -19.79
N VAL A 332 -15.92 3.27 -18.96
CA VAL A 332 -17.31 2.82 -18.78
C VAL A 332 -18.38 3.91 -18.78
N THR A 333 -18.06 5.05 -19.37
CA THR A 333 -19.01 6.16 -19.45
C THR A 333 -18.74 6.93 -20.73
N ASP A 334 -19.62 7.88 -21.04
CA ASP A 334 -19.43 8.72 -22.22
C ASP A 334 -18.28 9.64 -21.87
N PRO A 335 -17.14 9.51 -22.57
CA PRO A 335 -15.97 10.33 -22.32
C PRO A 335 -16.29 11.81 -22.15
N ILE A 336 -17.13 12.34 -23.04
CA ILE A 336 -17.53 13.75 -23.00
C ILE A 336 -18.20 14.05 -21.66
N GLU A 337 -19.08 13.16 -21.22
CA GLU A 337 -19.78 13.39 -19.96
C GLU A 337 -18.81 13.37 -18.77
N SER A 338 -17.89 12.39 -18.76
CA SER A 338 -16.92 12.29 -17.67
C SER A 338 -16.02 13.52 -17.61
N LEU A 339 -15.46 13.92 -18.74
CA LEU A 339 -14.58 15.09 -18.75
C LEU A 339 -15.30 16.34 -18.25
N ILE A 340 -16.59 16.43 -18.55
CA ILE A 340 -17.39 17.55 -18.12
C ILE A 340 -17.51 17.60 -16.60
N ASN A 341 -17.88 16.48 -15.99
CA ASN A 341 -18.01 16.43 -14.53
C ASN A 341 -16.66 16.49 -13.83
N SER A 342 -15.61 16.02 -14.50
CA SER A 342 -14.27 16.06 -13.92
C SER A 342 -13.82 17.51 -13.81
N ALA A 343 -14.04 18.27 -14.89
CA ALA A 343 -13.68 19.68 -14.93
C ALA A 343 -14.48 20.46 -13.89
N ASN A 344 -15.74 20.06 -13.68
CA ASN A 344 -16.60 20.72 -12.69
C ASN A 344 -16.10 20.38 -11.29
N GLU A 345 -15.72 19.13 -11.09
CA GLU A 345 -15.22 18.68 -9.81
C GLU A 345 -13.95 19.45 -9.49
N ILE A 346 -13.15 19.71 -10.53
CA ILE A 346 -11.91 20.46 -10.33
C ILE A 346 -12.23 21.86 -9.86
N ARG A 347 -13.17 22.52 -10.54
CA ARG A 347 -13.58 23.87 -10.17
C ARG A 347 -14.21 23.89 -8.78
N ARG A 348 -14.88 22.79 -8.43
CA ARG A 348 -15.52 22.69 -7.12
C ARG A 348 -14.46 22.78 -6.02
N ALA A 349 -13.43 21.95 -6.13
CA ALA A 349 -12.34 21.95 -5.14
C ALA A 349 -11.69 23.34 -5.11
N TYR A 350 -11.54 23.94 -6.29
CA TYR A 350 -10.96 25.27 -6.37
C TYR A 350 -11.77 26.29 -5.58
N ALA A 351 -13.08 26.33 -5.83
CA ALA A 351 -13.97 27.27 -5.15
C ALA A 351 -13.94 27.06 -3.64
N GLN A 352 -13.91 25.80 -3.23
CA GLN A 352 -13.86 25.47 -1.82
C GLN A 352 -12.53 25.96 -1.25
N ALA A 353 -11.45 25.82 -2.02
CA ALA A 353 -10.14 26.28 -1.54
C ALA A 353 -10.15 27.79 -1.32
N LEU A 354 -10.86 28.51 -2.17
CA LEU A 354 -10.94 29.96 -2.04
C LEU A 354 -11.70 30.39 -0.79
N LEU A 355 -12.63 29.58 -0.33
CA LEU A 355 -13.42 29.89 0.86
C LEU A 355 -12.67 29.75 2.17
N VAL A 356 -11.48 29.16 2.15
CA VAL A 356 -10.71 28.99 3.36
C VAL A 356 -10.31 30.32 3.99
N ASP A 357 -10.60 30.46 5.28
CA ASP A 357 -10.27 31.68 6.02
C ASP A 357 -8.79 31.57 6.37
N ARG A 358 -7.93 32.08 5.49
CA ARG A 358 -6.49 32.02 5.70
C ARG A 358 -6.03 32.65 7.02
N ALA A 359 -6.59 33.80 7.36
CA ALA A 359 -6.22 34.47 8.60
C ALA A 359 -6.51 33.54 9.77
N ALA A 360 -7.74 33.03 9.83
CA ALA A 360 -8.13 32.12 10.89
C ALA A 360 -7.25 30.88 10.91
N LEU A 361 -6.95 30.35 9.73
CA LEU A 361 -6.12 29.16 9.61
C LEU A 361 -4.72 29.36 10.16
N SER A 362 -4.01 30.36 9.67
CA SER A 362 -2.66 30.62 10.15
C SER A 362 -2.69 30.87 11.65
N GLY A 363 -3.79 31.44 12.13
CA GLY A 363 -3.92 31.70 13.55
C GLY A 363 -3.91 30.40 14.35
N TYR A 364 -4.67 29.41 13.86
CA TYR A 364 -4.74 28.12 14.53
C TYR A 364 -3.47 27.30 14.34
N GLN A 365 -2.78 27.52 13.23
CA GLN A 365 -1.53 26.81 12.99
C GLN A 365 -0.49 27.36 13.96
N GLU A 366 -0.43 28.68 14.08
CA GLU A 366 0.52 29.33 14.96
C GLU A 366 0.38 28.92 16.43
N ASP A 367 -0.85 28.84 16.93
CA ASP A 367 -1.00 28.44 18.34
C ASP A 367 -1.23 26.93 18.51
N ASN A 368 -0.89 26.18 17.47
CA ASN A 368 -1.03 24.73 17.47
C ASN A 368 -2.38 24.19 17.93
N ASP A 369 -3.45 24.82 17.42
CA ASP A 369 -4.81 24.40 17.72
C ASP A 369 -5.20 23.53 16.52
N ALA A 370 -4.73 22.29 16.54
CA ALA A 370 -4.99 21.33 15.45
C ALA A 370 -6.47 21.14 15.11
N LEU A 371 -7.28 20.92 16.14
CA LEU A 371 -8.70 20.68 15.91
C LEU A 371 -9.37 21.81 15.14
N MET A 372 -9.16 23.05 15.57
CA MET A 372 -9.75 24.21 14.91
C MET A 372 -9.12 24.48 13.54
N ALA A 373 -7.84 24.17 13.41
CA ALA A 373 -7.16 24.37 12.14
C ALA A 373 -7.82 23.45 11.13
N THR A 374 -7.99 22.19 11.49
CA THR A 374 -8.60 21.26 10.56
C THR A 374 -10.09 21.58 10.33
N GLU A 375 -10.76 22.16 11.33
CA GLU A 375 -12.17 22.52 11.15
C GLU A 375 -12.31 23.74 10.24
N THR A 376 -11.29 24.59 10.22
CA THR A 376 -11.31 25.78 9.38
C THR A 376 -11.33 25.34 7.92
N LEU A 377 -10.56 24.30 7.59
CA LEU A 377 -10.55 23.79 6.21
C LEU A 377 -11.90 23.15 5.90
N LYS A 378 -12.38 22.32 6.84
CA LYS A 378 -13.64 21.62 6.68
C LYS A 378 -14.83 22.55 6.42
N ARG A 379 -14.84 23.71 7.08
CA ARG A 379 -15.93 24.66 6.90
C ARG A 379 -15.97 25.11 5.45
N ALA A 380 -14.81 25.20 4.83
CA ALA A 380 -14.74 25.60 3.43
C ALA A 380 -15.09 24.42 2.53
N TYR A 381 -14.48 23.28 2.82
CA TYR A 381 -14.71 22.06 2.05
C TYR A 381 -16.16 21.59 2.07
N ARG A 382 -16.79 21.58 3.25
CA ARG A 382 -18.18 21.13 3.38
C ARG A 382 -19.17 22.03 2.66
N THR A 383 -18.81 23.30 2.48
CA THR A 383 -19.69 24.25 1.80
C THR A 383 -20.00 23.80 0.38
N ASP A 384 -21.28 23.67 0.06
CA ASP A 384 -21.68 23.25 -1.29
C ASP A 384 -21.58 24.45 -2.22
N VAL A 385 -20.58 24.44 -3.10
CA VAL A 385 -20.36 25.55 -4.02
C VAL A 385 -20.95 25.33 -5.40
N GLU A 386 -21.79 24.31 -5.57
CA GLU A 386 -22.39 24.05 -6.87
C GLU A 386 -23.05 25.31 -7.46
N PRO A 387 -23.87 26.04 -6.68
CA PRO A 387 -24.50 27.24 -7.23
C PRO A 387 -23.51 28.21 -7.86
N ILE A 388 -22.35 28.38 -7.23
CA ILE A 388 -21.31 29.29 -7.74
C ILE A 388 -20.80 28.76 -9.06
N LEU A 389 -20.64 27.43 -9.14
CA LEU A 389 -20.15 26.80 -10.35
C LEU A 389 -21.20 26.89 -11.46
N ALA A 390 -22.44 26.56 -11.12
CA ALA A 390 -23.55 26.60 -12.07
C ALA A 390 -23.80 28.02 -12.57
N GLU A 391 -23.67 28.99 -11.68
CA GLU A 391 -23.88 30.40 -12.02
C GLU A 391 -22.72 30.91 -12.86
N ALA A 392 -21.53 30.36 -12.65
CA ALA A 392 -20.34 30.78 -13.40
C ALA A 392 -20.49 30.34 -14.86
N ARG A 393 -21.04 29.14 -15.05
CA ARG A 393 -21.23 28.63 -16.40
C ARG A 393 -22.35 29.38 -17.12
N ARG A 394 -23.43 29.69 -16.40
CA ARG A 394 -24.56 30.40 -16.99
C ARG A 394 -24.17 31.78 -17.52
N ARG A 395 -23.34 32.48 -16.75
CA ARG A 395 -22.90 33.83 -17.12
C ARG A 395 -21.85 33.87 -18.23
N THR A 396 -21.22 32.74 -18.48
CA THR A 396 -20.18 32.68 -19.50
C THR A 396 -20.58 31.92 -20.75
N GLY A 397 -21.89 31.63 -20.87
CA GLY A 397 -22.38 30.92 -22.03
C GLY A 397 -22.40 29.41 -21.88
N GLY A 398 -22.22 28.94 -20.65
CA GLY A 398 -22.22 27.50 -20.40
C GLY A 398 -23.57 27.04 -19.87
N ALA A 399 -23.64 25.79 -19.43
CA ALA A 399 -24.87 25.21 -18.92
C ALA A 399 -24.93 25.02 -17.40
N VAL A 400 -26.10 25.29 -16.82
CA VAL A 400 -26.33 25.13 -15.39
C VAL A 400 -26.10 23.67 -15.00
N ASP A 401 -26.58 22.77 -15.85
CA ASP A 401 -26.40 21.33 -15.65
C ASP A 401 -25.85 20.85 -16.99
N PRO A 402 -24.52 20.92 -17.16
CA PRO A 402 -23.79 20.52 -18.37
C PRO A 402 -24.14 19.14 -18.91
N VAL A 403 -24.10 18.13 -18.06
CA VAL A 403 -24.40 16.77 -18.51
C VAL A 403 -25.85 16.65 -18.95
N ALA A 404 -26.75 17.35 -18.28
CA ALA A 404 -28.17 17.29 -18.63
C ALA A 404 -28.39 17.91 -19.99
N THR A 405 -27.82 19.10 -20.18
CA THR A 405 -27.93 19.81 -21.44
C THR A 405 -27.36 18.96 -22.57
N TYR A 406 -26.23 18.30 -22.29
CA TYR A 406 -25.56 17.45 -23.26
C TYR A 406 -26.46 16.27 -23.65
N ARG A 407 -27.14 15.68 -22.66
CA ARG A 407 -28.01 14.55 -22.93
C ARG A 407 -29.29 14.97 -23.63
N ALA A 408 -29.71 16.22 -23.42
CA ALA A 408 -30.92 16.73 -24.04
C ALA A 408 -30.66 17.13 -25.49
N SER A 409 -29.41 17.46 -25.81
CA SER A 409 -29.05 17.86 -27.16
C SER A 409 -28.99 16.66 -28.10
N GLY A 410 -28.73 15.48 -27.54
CA GLY A 410 -28.63 14.27 -28.34
C GLY A 410 -27.35 14.21 -29.16
N TYR A 411 -26.37 15.04 -28.80
CA TYR A 411 -25.09 15.10 -29.50
C TYR A 411 -24.44 13.75 -29.75
N ARG A 412 -24.49 12.85 -28.76
CA ARG A 412 -23.87 11.55 -28.92
C ARG A 412 -24.48 10.78 -30.09
N ALA A 413 -25.80 10.82 -30.19
CA ALA A 413 -26.50 10.14 -31.28
C ALA A 413 -26.13 10.78 -32.62
N ARG A 414 -25.91 12.09 -32.61
CA ARG A 414 -25.55 12.82 -33.82
C ARG A 414 -24.19 12.37 -34.36
N VAL A 415 -23.15 12.49 -33.54
CA VAL A 415 -21.82 12.09 -33.97
C VAL A 415 -21.78 10.59 -34.17
N ALA A 416 -22.70 9.88 -33.54
CA ALA A 416 -22.76 8.42 -33.69
C ALA A 416 -23.23 8.10 -35.10
N ALA A 417 -23.95 9.03 -35.70
CA ALA A 417 -24.46 8.86 -37.06
C ALA A 417 -23.46 9.37 -38.08
N GLU A 418 -22.74 10.44 -37.72
CA GLU A 418 -21.74 11.04 -38.61
C GLU A 418 -20.46 10.21 -38.66
N ARG A 419 -20.24 9.41 -37.63
CA ARG A 419 -19.03 8.60 -37.55
C ARG A 419 -19.30 7.10 -37.68
N PRO A 420 -18.34 6.36 -38.24
CA PRO A 420 -18.45 4.91 -38.43
C PRO A 420 -18.42 4.17 -37.11
N ALA A 421 -18.89 2.92 -37.12
CA ALA A 421 -18.91 2.11 -35.91
C ALA A 421 -17.60 1.33 -35.79
N PHE B 4 10.07 -34.15 -31.36
CA PHE B 4 10.88 -33.34 -30.40
C PHE B 4 11.17 -31.95 -30.94
N ARG B 5 10.55 -30.94 -30.33
CA ARG B 5 10.76 -29.56 -30.76
C ARG B 5 12.24 -29.20 -30.73
N ILE B 6 12.97 -29.86 -29.84
CA ILE B 6 14.40 -29.60 -29.70
C ILE B 6 15.18 -30.87 -30.02
N ALA B 7 16.22 -30.73 -30.83
CA ALA B 7 17.03 -31.87 -31.22
C ALA B 7 17.66 -32.59 -30.03
N GLN B 8 17.34 -33.88 -29.89
CA GLN B 8 17.87 -34.69 -28.81
C GLN B 8 19.39 -34.62 -28.71
N ASP B 9 20.06 -34.42 -29.84
CA ASP B 9 21.52 -34.33 -29.83
C ASP B 9 21.95 -32.99 -29.25
N VAL B 10 21.16 -31.95 -29.46
CA VAL B 10 21.46 -30.64 -28.91
C VAL B 10 21.34 -30.74 -27.40
N VAL B 11 20.30 -31.43 -26.96
CA VAL B 11 20.06 -31.61 -25.54
C VAL B 11 21.18 -32.43 -24.90
N ALA B 12 21.63 -33.47 -25.58
CA ALA B 12 22.70 -34.33 -25.09
C ALA B 12 24.02 -33.59 -24.99
N ARG B 13 24.35 -32.86 -26.05
CA ARG B 13 25.59 -32.10 -26.09
C ARG B 13 25.67 -31.09 -24.95
N GLU B 14 24.61 -30.31 -24.80
CA GLU B 14 24.56 -29.28 -23.77
C GLU B 14 24.47 -29.85 -22.35
N ASN B 15 24.06 -31.11 -22.24
CA ASN B 15 23.99 -31.75 -20.94
C ASN B 15 25.39 -32.26 -20.61
N ASP B 16 26.00 -32.97 -21.54
CA ASP B 16 27.36 -33.51 -21.35
C ASP B 16 28.31 -32.37 -21.05
N ARG B 17 28.04 -31.20 -21.63
CA ARG B 17 28.88 -30.03 -21.42
C ARG B 17 28.83 -29.55 -19.98
N ARG B 18 27.80 -29.96 -19.24
CA ARG B 18 27.65 -29.52 -17.86
C ARG B 18 27.61 -30.66 -16.84
N ALA B 19 27.72 -31.89 -17.33
CA ALA B 19 27.67 -33.08 -16.47
C ALA B 19 28.66 -33.09 -15.31
N SER B 20 29.93 -32.87 -15.62
CA SER B 20 30.98 -32.88 -14.60
C SER B 20 30.62 -31.96 -13.43
N ALA B 21 30.38 -30.69 -13.74
CA ALA B 21 30.03 -29.69 -12.74
C ALA B 21 28.80 -30.06 -11.91
N LEU B 22 27.78 -30.61 -12.56
CA LEU B 22 26.56 -31.01 -11.86
C LEU B 22 26.84 -32.15 -10.88
N LYS B 23 27.72 -33.06 -11.27
CA LYS B 23 28.08 -34.18 -10.42
C LYS B 23 28.74 -33.64 -9.16
N GLU B 24 29.66 -32.70 -9.34
CA GLU B 24 30.37 -32.11 -8.21
C GLU B 24 29.40 -31.41 -7.28
N ASP B 25 28.53 -30.57 -7.85
CA ASP B 25 27.55 -29.82 -7.07
C ASP B 25 26.53 -30.72 -6.41
N TYR B 26 26.04 -31.71 -7.14
CA TYR B 26 25.03 -32.61 -6.60
C TYR B 26 25.58 -33.46 -5.45
N GLU B 27 26.79 -33.98 -5.59
CA GLU B 27 27.39 -34.80 -4.52
C GLU B 27 27.72 -33.98 -3.27
N ALA B 28 28.15 -32.74 -3.46
CA ALA B 28 28.47 -31.87 -2.32
C ALA B 28 27.21 -31.56 -1.53
N LEU B 29 26.13 -31.21 -2.24
CA LEU B 29 24.85 -30.91 -1.59
C LEU B 29 24.29 -32.19 -1.00
N GLY B 30 24.57 -33.30 -1.65
CA GLY B 30 24.11 -34.59 -1.16
C GLY B 30 24.75 -34.87 0.17
N ALA B 31 26.04 -34.58 0.26
CA ALA B 31 26.79 -34.79 1.51
C ALA B 31 26.31 -33.83 2.60
N ASN B 32 26.07 -32.57 2.22
CA ASN B 32 25.60 -31.56 3.16
C ASN B 32 24.24 -31.96 3.72
N LEU B 33 23.35 -32.43 2.86
CA LEU B 33 22.02 -32.85 3.30
C LEU B 33 22.06 -34.08 4.18
N ALA B 34 23.01 -34.98 3.90
CA ALA B 34 23.13 -36.19 4.71
C ALA B 34 23.49 -35.81 6.14
N ARG B 35 24.34 -34.79 6.29
CA ARG B 35 24.74 -34.34 7.61
C ARG B 35 23.54 -33.73 8.34
N ARG B 36 22.59 -33.18 7.57
CA ARG B 36 21.40 -32.57 8.11
C ARG B 36 20.26 -33.57 8.25
N GLY B 37 20.59 -34.85 8.08
CA GLY B 37 19.60 -35.90 8.20
C GLY B 37 18.59 -36.01 7.08
N VAL B 38 18.98 -35.57 5.87
CA VAL B 38 18.10 -35.61 4.71
C VAL B 38 18.72 -36.40 3.54
N ASP B 39 17.95 -37.30 2.95
CA ASP B 39 18.42 -38.08 1.81
C ASP B 39 18.10 -37.31 0.53
N ILE B 40 19.13 -36.78 -0.11
CA ILE B 40 18.97 -35.99 -1.31
C ILE B 40 18.23 -36.69 -2.44
N GLU B 41 18.23 -38.02 -2.43
CA GLU B 41 17.53 -38.76 -3.47
C GLU B 41 16.03 -38.71 -3.26
N ALA B 42 15.60 -38.65 -2.00
CA ALA B 42 14.17 -38.60 -1.71
C ALA B 42 13.57 -37.27 -2.13
N VAL B 43 14.38 -36.22 -2.14
CA VAL B 43 13.91 -34.90 -2.53
C VAL B 43 13.85 -34.83 -4.04
N THR B 44 14.92 -35.29 -4.69
CA THR B 44 14.98 -35.27 -6.14
C THR B 44 13.81 -36.06 -6.70
N ALA B 45 13.48 -37.16 -6.05
CA ALA B 45 12.36 -38.00 -6.46
C ALA B 45 11.06 -37.21 -6.43
N LYS B 46 10.88 -36.39 -5.41
CA LYS B 46 9.65 -35.59 -5.30
C LYS B 46 9.67 -34.43 -6.28
N VAL B 47 10.82 -33.78 -6.42
CA VAL B 47 10.94 -32.67 -7.34
C VAL B 47 10.61 -33.14 -8.76
N GLU B 48 11.01 -34.36 -9.11
CA GLU B 48 10.75 -34.94 -10.43
C GLU B 48 9.26 -35.12 -10.65
N LYS B 49 8.48 -35.14 -9.56
CA LYS B 49 7.04 -35.33 -9.66
C LYS B 49 6.25 -34.04 -9.58
N PHE B 50 6.89 -32.92 -9.26
CA PHE B 50 6.14 -31.68 -9.16
C PHE B 50 5.91 -31.04 -10.53
N PHE B 51 4.64 -30.82 -10.85
CA PHE B 51 4.25 -30.21 -12.12
C PHE B 51 3.39 -28.98 -11.91
N VAL B 52 3.47 -28.05 -12.85
CA VAL B 52 2.69 -26.83 -12.80
C VAL B 52 2.23 -26.57 -14.24
N ALA B 53 0.97 -26.22 -14.41
CA ALA B 53 0.41 -25.98 -15.73
C ALA B 53 0.86 -24.66 -16.36
N VAL B 54 1.15 -24.69 -17.66
CA VAL B 54 1.54 -23.48 -18.37
C VAL B 54 0.34 -22.92 -19.10
N PRO B 55 0.16 -21.59 -19.08
CA PRO B 55 -0.97 -20.95 -19.76
C PRO B 55 -0.69 -20.83 -21.26
N SER B 56 -1.58 -21.35 -22.09
CA SER B 56 -1.39 -21.30 -23.53
C SER B 56 -1.13 -19.87 -24.02
N TRP B 57 -1.79 -18.91 -23.37
CA TRP B 57 -1.67 -17.50 -23.72
C TRP B 57 -0.45 -16.80 -23.11
N GLY B 58 0.44 -17.58 -22.53
CA GLY B 58 1.64 -17.00 -21.94
C GLY B 58 2.85 -17.25 -22.80
N VAL B 59 2.63 -17.95 -23.91
CA VAL B 59 3.72 -18.28 -24.82
C VAL B 59 3.93 -17.18 -25.84
N GLY B 60 2.96 -16.27 -25.95
CA GLY B 60 3.08 -15.15 -26.86
C GLY B 60 3.46 -13.93 -26.04
N THR B 61 4.15 -12.97 -26.65
CA THR B 61 4.55 -11.77 -25.92
C THR B 61 3.30 -11.01 -25.45
N GLY B 62 3.32 -10.52 -24.21
CA GLY B 62 2.19 -9.78 -23.68
C GLY B 62 2.37 -8.28 -23.71
N GLY B 63 1.37 -7.55 -23.23
CA GLY B 63 1.46 -6.09 -23.22
C GLY B 63 0.64 -5.37 -22.18
N THR B 64 0.73 -4.03 -22.22
CA THR B 64 0.01 -3.16 -21.31
C THR B 64 -0.97 -2.32 -22.11
N ARG B 65 -1.74 -1.47 -21.43
CA ARG B 65 -2.69 -0.62 -22.14
C ARG B 65 -1.95 0.42 -22.96
N PHE B 66 -0.66 0.61 -22.68
CA PHE B 66 0.14 1.60 -23.40
C PHE B 66 0.78 1.05 -24.67
N ALA B 67 1.14 -0.23 -24.67
CA ALA B 67 1.77 -0.82 -25.84
C ALA B 67 2.08 -2.30 -25.68
N ARG B 68 2.31 -2.93 -26.83
CA ARG B 68 2.68 -4.33 -26.92
C ARG B 68 3.85 -4.34 -27.90
N PHE B 69 4.97 -4.94 -27.48
CA PHE B 69 6.16 -5.00 -28.31
C PHE B 69 6.48 -6.46 -28.59
N PRO B 70 5.85 -7.03 -29.63
CA PRO B 70 6.09 -8.44 -29.97
C PRO B 70 7.53 -8.74 -30.38
N GLY B 71 7.96 -9.97 -30.11
CA GLY B 71 9.30 -10.38 -30.48
C GLY B 71 9.17 -11.15 -31.79
N THR B 72 10.23 -11.83 -32.21
CA THR B 72 10.17 -12.59 -33.46
C THR B 72 9.60 -13.98 -33.24
N GLY B 73 9.01 -14.53 -34.29
CA GLY B 73 8.45 -15.87 -34.19
C GLY B 73 7.24 -15.95 -33.29
N GLU B 74 6.50 -14.86 -33.18
CA GLU B 74 5.30 -14.85 -32.34
C GLU B 74 4.37 -15.97 -32.79
N PRO B 75 3.88 -16.78 -31.84
CA PRO B 75 2.98 -17.86 -32.24
C PRO B 75 1.66 -17.31 -32.77
N ARG B 76 1.13 -17.97 -33.79
CA ARG B 76 -0.15 -17.59 -34.37
C ARG B 76 -1.09 -18.76 -34.17
N GLY B 77 -2.02 -18.61 -33.23
CA GLY B 77 -2.96 -19.67 -32.98
C GLY B 77 -2.53 -20.65 -31.90
N ILE B 78 -3.49 -21.43 -31.43
CA ILE B 78 -3.24 -22.39 -30.38
C ILE B 78 -2.22 -23.47 -30.73
N PHE B 79 -2.20 -23.89 -32.00
CA PHE B 79 -1.26 -24.92 -32.42
C PHE B 79 0.19 -24.48 -32.35
N ASP B 80 0.47 -23.23 -32.74
CA ASP B 80 1.85 -22.74 -32.65
C ASP B 80 2.20 -22.64 -31.17
N LYS B 81 1.23 -22.22 -30.37
CA LYS B 81 1.41 -22.07 -28.94
C LYS B 81 1.74 -23.40 -28.27
N LEU B 82 1.03 -24.45 -28.67
CA LEU B 82 1.26 -25.77 -28.10
C LEU B 82 2.66 -26.22 -28.49
N ASP B 83 3.08 -25.89 -29.70
CA ASP B 83 4.41 -26.27 -30.16
C ASP B 83 5.48 -25.67 -29.26
N ASP B 84 5.29 -24.41 -28.88
CA ASP B 84 6.24 -23.75 -28.01
C ASP B 84 6.14 -24.27 -26.57
N CYS B 85 4.93 -24.59 -26.12
CA CYS B 85 4.74 -25.12 -24.78
C CYS B 85 5.47 -26.44 -24.64
N ALA B 86 5.51 -27.20 -25.74
CA ALA B 86 6.18 -28.49 -25.78
C ALA B 86 7.66 -28.31 -25.51
N VAL B 87 8.21 -27.16 -25.89
CA VAL B 87 9.63 -26.89 -25.66
C VAL B 87 9.89 -26.75 -24.16
N ILE B 88 8.98 -26.05 -23.50
CA ILE B 88 9.09 -25.82 -22.06
C ILE B 88 9.03 -27.16 -21.32
N GLN B 89 8.12 -28.02 -21.75
CA GLN B 89 7.97 -29.33 -21.14
C GLN B 89 9.18 -30.20 -21.42
N GLN B 90 9.64 -30.17 -22.67
CA GLN B 90 10.78 -30.97 -23.06
C GLN B 90 12.02 -30.62 -22.24
N LEU B 91 12.28 -29.33 -22.09
CA LEU B 91 13.45 -28.88 -21.36
C LEU B 91 13.37 -28.87 -19.83
N THR B 92 12.20 -28.56 -19.28
CA THR B 92 12.07 -28.50 -17.82
C THR B 92 11.47 -29.78 -17.25
N ARG B 93 10.64 -30.44 -18.04
CA ARG B 93 9.97 -31.68 -17.61
C ARG B 93 9.08 -31.40 -16.42
N ALA B 94 8.72 -30.13 -16.24
CA ALA B 94 7.88 -29.71 -15.13
C ALA B 94 6.56 -29.09 -15.58
N THR B 95 6.36 -28.97 -16.89
CA THR B 95 5.14 -28.36 -17.41
C THR B 95 4.44 -29.24 -18.44
N PRO B 96 4.07 -30.46 -18.04
CA PRO B 96 3.39 -31.41 -18.93
C PRO B 96 1.97 -31.05 -19.34
N ASN B 97 1.35 -30.10 -18.66
CA ASN B 97 -0.01 -29.74 -19.00
C ASN B 97 -0.22 -28.27 -19.33
N VAL B 98 -1.03 -28.04 -20.37
CA VAL B 98 -1.33 -26.70 -20.84
C VAL B 98 -2.76 -26.30 -20.51
N SER B 99 -2.92 -25.10 -19.99
CA SER B 99 -4.24 -24.59 -19.64
C SER B 99 -4.71 -23.73 -20.82
N LEU B 100 -5.82 -24.12 -21.44
CA LEU B 100 -6.34 -23.39 -22.59
C LEU B 100 -7.29 -22.27 -22.20
N HIS B 101 -7.45 -21.32 -23.11
CA HIS B 101 -8.32 -20.17 -22.90
C HIS B 101 -9.28 -20.09 -24.08
N ILE B 102 -10.57 -19.90 -23.80
CA ILE B 102 -11.59 -19.81 -24.84
C ILE B 102 -12.16 -18.41 -24.87
N PRO B 103 -12.45 -17.87 -26.07
CA PRO B 103 -12.31 -18.46 -27.40
C PRO B 103 -10.96 -18.34 -28.11
N TRP B 104 -9.98 -17.73 -27.47
CA TRP B 104 -8.68 -17.57 -28.11
C TRP B 104 -8.15 -18.90 -28.64
N ASP B 105 -8.34 -19.96 -27.86
CA ASP B 105 -7.85 -21.27 -28.25
C ASP B 105 -8.92 -22.17 -28.88
N LYS B 106 -10.07 -21.59 -29.22
CA LYS B 106 -11.13 -22.38 -29.81
C LYS B 106 -10.61 -23.10 -31.04
N ALA B 107 -10.85 -24.39 -31.11
CA ALA B 107 -10.42 -25.21 -32.22
C ALA B 107 -11.07 -26.57 -32.11
N ASP B 108 -10.84 -27.42 -33.11
CA ASP B 108 -11.42 -28.75 -33.12
C ASP B 108 -10.81 -29.60 -32.00
N PRO B 109 -11.65 -30.03 -31.05
CA PRO B 109 -11.18 -30.84 -29.92
C PRO B 109 -10.25 -31.97 -30.35
N LYS B 110 -10.75 -32.86 -31.18
CA LYS B 110 -9.97 -34.00 -31.68
C LYS B 110 -8.56 -33.60 -32.09
N GLU B 111 -8.45 -32.50 -32.83
CA GLU B 111 -7.15 -32.00 -33.28
C GLU B 111 -6.26 -31.59 -32.11
N LEU B 112 -6.83 -30.82 -31.19
CA LEU B 112 -6.11 -30.35 -30.00
C LEU B 112 -5.55 -31.55 -29.25
N LYS B 113 -6.44 -32.50 -28.96
CA LYS B 113 -6.07 -33.70 -28.23
C LYS B 113 -4.91 -34.39 -28.94
N ALA B 114 -5.06 -34.61 -30.24
CA ALA B 114 -4.03 -35.28 -31.04
C ALA B 114 -2.69 -34.56 -31.03
N ARG B 115 -2.72 -33.24 -31.20
CA ARG B 115 -1.49 -32.45 -31.20
C ARG B 115 -0.81 -32.55 -29.84
N GLY B 116 -1.61 -32.52 -28.78
CA GLY B 116 -1.06 -32.63 -27.45
C GLY B 116 -0.37 -33.96 -27.26
N ASP B 117 -1.07 -35.04 -27.62
CA ASP B 117 -0.53 -36.38 -27.51
C ASP B 117 0.78 -36.54 -28.27
N ALA B 118 0.87 -35.90 -29.42
CA ALA B 118 2.06 -35.97 -30.27
C ALA B 118 3.23 -35.19 -29.66
N LEU B 119 2.92 -34.10 -28.99
CA LEU B 119 3.95 -33.27 -28.38
C LEU B 119 4.27 -33.73 -26.96
N GLY B 120 3.40 -34.57 -26.40
CA GLY B 120 3.62 -35.06 -25.04
C GLY B 120 3.06 -34.06 -24.04
N LEU B 121 1.93 -33.45 -24.39
CA LEU B 121 1.28 -32.47 -23.54
C LEU B 121 -0.16 -32.82 -23.22
N GLY B 122 -0.53 -32.63 -21.96
CA GLY B 122 -1.89 -32.89 -21.53
C GLY B 122 -2.57 -31.53 -21.37
N PHE B 123 -3.83 -31.53 -20.95
CA PHE B 123 -4.55 -30.27 -20.80
C PHE B 123 -5.07 -30.06 -19.39
N ASP B 124 -4.68 -28.94 -18.79
CA ASP B 124 -5.12 -28.63 -17.44
C ASP B 124 -6.50 -27.98 -17.53
N ALA B 125 -6.82 -27.14 -16.53
CA ALA B 125 -8.12 -26.46 -16.47
C ALA B 125 -8.42 -25.53 -17.64
N MET B 126 -9.70 -25.46 -17.99
CA MET B 126 -10.17 -24.58 -19.06
C MET B 126 -10.32 -23.20 -18.44
N ASN B 127 -10.19 -22.16 -19.27
CA ASN B 127 -10.32 -20.79 -18.79
C ASN B 127 -11.36 -20.05 -19.63
N SER B 128 -12.46 -19.69 -18.99
CA SER B 128 -13.53 -18.96 -19.68
C SER B 128 -13.09 -17.51 -19.87
N ASN B 129 -13.71 -16.82 -20.82
CA ASN B 129 -13.37 -15.44 -21.10
C ASN B 129 -14.58 -14.55 -21.33
N THR B 130 -15.07 -13.94 -20.27
CA THR B 130 -16.20 -13.02 -20.38
C THR B 130 -15.77 -11.65 -19.87
N PHE B 131 -14.48 -11.35 -20.01
CA PHE B 131 -13.92 -10.07 -19.60
C PHE B 131 -13.48 -9.26 -20.81
N SER B 132 -13.95 -9.68 -21.97
CA SER B 132 -13.67 -9.01 -23.25
C SER B 132 -14.68 -9.53 -24.26
N ASP B 133 -15.06 -8.69 -25.21
CA ASP B 133 -16.03 -9.08 -26.23
C ASP B 133 -15.38 -9.78 -27.41
N ALA B 134 -15.89 -10.95 -27.75
CA ALA B 134 -15.39 -11.69 -28.89
C ALA B 134 -16.25 -11.25 -30.09
N PRO B 135 -15.68 -11.28 -31.30
CA PRO B 135 -16.41 -10.87 -32.50
C PRO B 135 -17.74 -11.61 -32.64
N GLY B 136 -18.79 -10.90 -33.02
CA GLY B 136 -20.09 -11.53 -33.21
C GLY B 136 -20.87 -11.80 -31.95
N GLN B 137 -20.32 -11.40 -30.82
CA GLN B 137 -20.97 -11.58 -29.53
C GLN B 137 -22.28 -10.79 -29.52
N ALA B 138 -23.34 -11.37 -28.97
CA ALA B 138 -24.64 -10.70 -28.92
C ALA B 138 -24.73 -9.59 -27.85
N HIS B 139 -24.18 -9.86 -26.66
CA HIS B 139 -24.21 -8.89 -25.58
C HIS B 139 -22.80 -8.56 -25.07
N SER B 140 -22.51 -7.28 -24.95
CA SER B 140 -21.20 -6.82 -24.49
C SER B 140 -21.05 -7.01 -22.98
N TYR B 141 -19.82 -7.32 -22.56
CA TYR B 141 -19.55 -7.51 -21.15
C TYR B 141 -18.98 -6.23 -20.55
N LYS B 142 -19.14 -5.13 -21.27
CA LYS B 142 -18.67 -3.82 -20.83
C LYS B 142 -19.02 -3.55 -19.38
N TYR B 143 -20.25 -3.84 -19.01
CA TYR B 143 -20.72 -3.61 -17.65
C TYR B 143 -20.84 -4.89 -16.84
N GLY B 144 -20.10 -5.92 -17.24
CA GLY B 144 -20.15 -7.18 -16.52
C GLY B 144 -20.57 -8.37 -17.37
N SER B 145 -20.56 -9.55 -16.77
CA SER B 145 -20.93 -10.77 -17.48
C SER B 145 -21.80 -11.64 -16.58
N LEU B 146 -21.16 -12.46 -15.75
CA LEU B 146 -21.90 -13.32 -14.84
C LEU B 146 -22.68 -12.53 -13.78
N SER B 147 -22.43 -11.23 -13.67
CA SER B 147 -23.13 -10.43 -12.68
C SER B 147 -23.77 -9.20 -13.31
N HIS B 148 -23.81 -9.20 -14.64
CA HIS B 148 -24.39 -8.10 -15.40
C HIS B 148 -25.86 -7.94 -15.00
N THR B 149 -26.35 -6.72 -14.97
CA THR B 149 -27.74 -6.47 -14.59
C THR B 149 -28.73 -7.11 -15.56
N ASN B 150 -28.36 -7.13 -16.84
CA ASN B 150 -29.20 -7.69 -17.87
C ASN B 150 -29.19 -9.22 -17.87
N ALA B 151 -30.38 -9.80 -17.75
CA ALA B 151 -30.52 -11.25 -17.71
C ALA B 151 -29.95 -11.95 -18.93
N ALA B 152 -30.12 -11.34 -20.10
CA ALA B 152 -29.62 -11.94 -21.33
C ALA B 152 -28.11 -12.06 -21.32
N THR B 153 -27.45 -10.99 -20.91
CA THR B 153 -26.00 -10.98 -20.86
C THR B 153 -25.49 -12.08 -19.93
N ARG B 154 -26.16 -12.27 -18.79
CA ARG B 154 -25.75 -13.29 -17.84
C ARG B 154 -25.90 -14.69 -18.43
N ALA B 155 -27.04 -14.92 -19.09
CA ALA B 155 -27.29 -16.22 -19.71
C ALA B 155 -26.20 -16.49 -20.72
N GLN B 156 -25.85 -15.47 -21.51
CA GLN B 156 -24.82 -15.61 -22.52
C GLN B 156 -23.52 -16.07 -21.87
N ALA B 157 -23.15 -15.39 -20.78
CA ALA B 157 -21.93 -15.70 -20.05
C ALA B 157 -21.97 -17.14 -19.50
N VAL B 158 -23.13 -17.55 -19.01
CA VAL B 158 -23.30 -18.89 -18.48
C VAL B 158 -23.06 -19.91 -19.59
N GLU B 159 -23.68 -19.66 -20.73
CA GLU B 159 -23.56 -20.54 -21.89
C GLU B 159 -22.11 -20.66 -22.33
N HIS B 160 -21.38 -19.56 -22.33
CA HIS B 160 -19.98 -19.58 -22.74
C HIS B 160 -19.19 -20.48 -21.80
N ASN B 161 -19.50 -20.39 -20.51
CA ASN B 161 -18.83 -21.21 -19.52
C ASN B 161 -19.13 -22.69 -19.72
N LEU B 162 -20.39 -23.01 -20.00
CA LEU B 162 -20.76 -24.42 -20.23
C LEU B 162 -20.01 -24.94 -21.45
N GLU B 163 -19.91 -24.11 -22.47
CA GLU B 163 -19.23 -24.49 -23.68
C GLU B 163 -17.77 -24.81 -23.38
N CYS B 164 -17.18 -24.08 -22.43
CA CYS B 164 -15.79 -24.33 -22.06
C CYS B 164 -15.66 -25.70 -21.45
N ILE B 165 -16.72 -26.12 -20.76
CA ILE B 165 -16.74 -27.43 -20.14
C ILE B 165 -16.81 -28.52 -21.22
N GLU B 166 -17.62 -28.28 -22.24
CA GLU B 166 -17.76 -29.24 -23.34
C GLU B 166 -16.42 -29.42 -24.05
N ILE B 167 -15.80 -28.31 -24.42
CA ILE B 167 -14.52 -28.37 -25.10
C ILE B 167 -13.53 -29.11 -24.21
N GLY B 168 -13.60 -28.82 -22.91
CA GLY B 168 -12.70 -29.44 -21.95
C GLY B 168 -12.85 -30.94 -21.78
N LYS B 169 -14.09 -31.42 -21.80
CA LYS B 169 -14.32 -32.85 -21.66
C LYS B 169 -13.73 -33.62 -22.84
N ALA B 170 -13.79 -33.03 -24.02
CA ALA B 170 -13.27 -33.67 -25.23
C ALA B 170 -11.75 -33.65 -25.37
N ILE B 171 -11.04 -32.93 -24.50
CA ILE B 171 -9.59 -32.90 -24.64
C ILE B 171 -8.82 -33.39 -23.42
N GLY B 172 -9.52 -33.73 -22.35
CA GLY B 172 -8.84 -34.21 -21.16
C GLY B 172 -8.71 -33.24 -20.00
N SER B 173 -9.42 -32.12 -20.06
CA SER B 173 -9.37 -31.13 -18.98
C SER B 173 -10.29 -31.59 -17.84
N LYS B 174 -9.97 -31.18 -16.60
CA LYS B 174 -10.78 -31.58 -15.45
C LYS B 174 -11.14 -30.41 -14.52
N ALA B 175 -11.22 -29.20 -15.07
CA ALA B 175 -11.57 -28.05 -14.26
C ALA B 175 -11.89 -26.79 -15.06
N LEU B 176 -12.75 -25.96 -14.48
CA LEU B 176 -13.14 -24.70 -15.11
C LEU B 176 -12.72 -23.54 -14.21
N THR B 177 -11.80 -22.71 -14.69
CA THR B 177 -11.36 -21.55 -13.94
C THR B 177 -12.18 -20.35 -14.39
N VAL B 178 -12.77 -19.66 -13.42
CA VAL B 178 -13.58 -18.51 -13.73
C VAL B 178 -13.04 -17.22 -13.10
N TRP B 179 -12.54 -16.34 -13.95
CA TRP B 179 -12.03 -15.03 -13.50
C TRP B 179 -12.68 -14.02 -14.44
N ILE B 180 -13.48 -13.13 -13.89
CA ILE B 180 -14.14 -12.11 -14.67
C ILE B 180 -13.70 -10.73 -14.15
N GLY B 181 -13.94 -9.69 -14.94
CA GLY B 181 -13.56 -8.36 -14.52
C GLY B 181 -14.68 -7.61 -13.84
N ASP B 182 -15.86 -8.25 -13.77
CA ASP B 182 -17.06 -7.68 -13.16
C ASP B 182 -16.83 -6.81 -11.94
N GLY B 183 -17.35 -5.59 -12.01
CA GLY B 183 -17.20 -4.66 -10.90
C GLY B 183 -17.67 -3.28 -11.30
N SER B 184 -17.11 -2.26 -10.66
CA SER B 184 -17.46 -0.89 -10.97
C SER B 184 -16.23 -0.01 -10.87
N ASN B 185 -16.31 1.17 -11.47
CA ASN B 185 -15.21 2.13 -11.46
C ASN B 185 -15.63 3.36 -10.68
N PHE B 186 -16.90 3.40 -10.26
CA PHE B 186 -17.45 4.53 -9.53
C PHE B 186 -18.34 4.14 -8.37
N PRO B 187 -18.29 4.92 -7.28
CA PRO B 187 -19.14 4.62 -6.13
C PRO B 187 -20.60 4.76 -6.57
N GLY B 188 -21.44 3.80 -6.20
CA GLY B 188 -22.84 3.87 -6.59
C GLY B 188 -23.19 3.17 -7.88
N GLN B 189 -22.24 3.07 -8.80
CA GLN B 189 -22.48 2.41 -10.09
C GLN B 189 -23.11 1.03 -9.91
N SER B 190 -22.63 0.30 -8.91
CA SER B 190 -23.17 -1.02 -8.65
C SER B 190 -23.68 -1.10 -7.21
N ASN B 191 -24.56 -2.06 -6.96
CA ASN B 191 -25.05 -2.32 -5.62
C ASN B 191 -24.25 -3.57 -5.30
N PHE B 192 -23.31 -3.46 -4.38
CA PHE B 192 -22.44 -4.58 -4.02
C PHE B 192 -23.16 -5.90 -3.81
N THR B 193 -24.13 -5.89 -2.91
CA THR B 193 -24.90 -7.08 -2.57
C THR B 193 -25.67 -7.69 -3.73
N ARG B 194 -26.47 -6.88 -4.44
CA ARG B 194 -27.24 -7.42 -5.56
C ARG B 194 -26.35 -7.94 -6.68
N ALA B 195 -25.25 -7.24 -6.93
CA ALA B 195 -24.34 -7.68 -7.98
C ALA B 195 -23.82 -9.06 -7.60
N PHE B 196 -23.43 -9.22 -6.35
CA PHE B 196 -22.90 -10.49 -5.85
C PHE B 196 -23.95 -11.59 -5.88
N GLU B 197 -25.22 -11.22 -5.70
CA GLU B 197 -26.30 -12.19 -5.73
C GLU B 197 -26.48 -12.75 -7.14
N ARG B 198 -26.38 -11.88 -8.14
CA ARG B 198 -26.53 -12.29 -9.53
C ARG B 198 -25.41 -13.26 -9.86
N TYR B 199 -24.17 -12.88 -9.51
CA TYR B 199 -23.00 -13.71 -9.76
C TYR B 199 -23.17 -15.11 -9.17
N LEU B 200 -23.71 -15.18 -7.96
CA LEU B 200 -23.93 -16.44 -7.26
C LEU B 200 -24.93 -17.35 -7.98
N SER B 201 -25.99 -16.75 -8.50
CA SER B 201 -27.00 -17.50 -9.21
C SER B 201 -26.39 -18.04 -10.51
N ALA B 202 -25.69 -17.19 -11.24
CA ALA B 202 -25.07 -17.59 -12.50
C ALA B 202 -24.08 -18.74 -12.30
N MET B 203 -23.22 -18.59 -11.31
CA MET B 203 -22.23 -19.60 -10.99
C MET B 203 -22.87 -20.94 -10.65
N ALA B 204 -24.03 -20.90 -9.99
CA ALA B 204 -24.74 -22.12 -9.63
C ALA B 204 -25.20 -22.88 -10.88
N GLU B 205 -25.66 -22.12 -11.87
CA GLU B 205 -26.10 -22.74 -13.12
C GLU B 205 -24.91 -23.46 -13.74
N ILE B 206 -23.74 -22.83 -13.68
CA ILE B 206 -22.53 -23.43 -14.23
C ILE B 206 -22.18 -24.67 -13.41
N TYR B 207 -22.38 -24.59 -12.10
CA TYR B 207 -22.07 -25.70 -11.22
C TYR B 207 -22.88 -26.93 -11.59
N LYS B 208 -24.13 -26.74 -11.99
CA LYS B 208 -24.97 -27.86 -12.38
C LYS B 208 -24.33 -28.64 -13.54
N GLY B 209 -23.80 -27.90 -14.51
CA GLY B 209 -23.17 -28.52 -15.65
C GLY B 209 -21.75 -29.01 -15.43
N LEU B 210 -21.28 -28.95 -14.18
CA LEU B 210 -19.92 -29.37 -13.86
C LEU B 210 -19.81 -30.88 -13.58
N PRO B 211 -18.92 -31.57 -14.30
CA PRO B 211 -18.73 -33.02 -14.10
C PRO B 211 -18.15 -33.33 -12.71
N ASP B 212 -18.50 -34.49 -12.17
CA ASP B 212 -18.02 -34.90 -10.85
C ASP B 212 -16.50 -35.01 -10.78
N ASP B 213 -15.86 -35.23 -11.92
CA ASP B 213 -14.41 -35.35 -11.94
C ASP B 213 -13.74 -33.99 -12.15
N TRP B 214 -14.57 -32.94 -12.17
CA TRP B 214 -14.09 -31.57 -12.36
C TRP B 214 -14.21 -30.71 -11.09
N LYS B 215 -13.48 -29.60 -11.09
CA LYS B 215 -13.50 -28.63 -10.00
C LYS B 215 -13.92 -27.31 -10.64
N LEU B 216 -14.74 -26.54 -9.95
CA LEU B 216 -15.16 -25.24 -10.45
C LEU B 216 -14.34 -24.20 -9.67
N PHE B 217 -13.31 -23.65 -10.30
CA PHE B 217 -12.43 -22.67 -9.65
C PHE B 217 -12.80 -21.22 -9.92
N SER B 218 -13.12 -20.48 -8.86
CA SER B 218 -13.40 -19.04 -8.97
C SER B 218 -12.14 -18.33 -8.47
N GLU B 219 -11.76 -17.27 -9.15
CA GLU B 219 -10.54 -16.53 -8.83
C GLU B 219 -10.78 -15.06 -8.46
N HIS B 220 -10.40 -14.68 -7.25
CA HIS B 220 -10.57 -13.30 -6.79
C HIS B 220 -9.41 -12.40 -7.22
N LYS B 221 -9.69 -11.10 -7.21
CA LYS B 221 -8.71 -10.08 -7.58
C LYS B 221 -9.19 -8.76 -6.98
N MET B 222 -8.29 -8.02 -6.36
CA MET B 222 -8.64 -6.76 -5.73
C MET B 222 -9.13 -5.70 -6.71
N TYR B 223 -8.43 -5.52 -7.82
CA TYR B 223 -8.81 -4.54 -8.82
C TYR B 223 -8.18 -4.83 -10.18
N GLU B 224 -8.65 -4.10 -11.20
CA GLU B 224 -8.23 -4.23 -12.60
C GLU B 224 -8.89 -5.47 -13.20
N PRO B 225 -9.72 -5.28 -14.23
CA PRO B 225 -10.09 -4.02 -14.89
C PRO B 225 -10.94 -3.02 -14.11
N ALA B 226 -11.67 -3.47 -13.10
CA ALA B 226 -12.52 -2.57 -12.31
C ALA B 226 -11.68 -1.80 -11.29
N PHE B 227 -11.84 -0.47 -11.29
CA PHE B 227 -11.03 0.37 -10.42
C PHE B 227 -11.63 0.93 -9.15
N TYR B 228 -12.90 0.62 -8.87
CA TYR B 228 -13.50 1.08 -7.63
C TYR B 228 -13.84 -0.15 -6.78
N SER B 229 -14.53 -1.10 -7.38
CA SER B 229 -14.89 -2.34 -6.71
C SER B 229 -14.91 -3.49 -7.70
N THR B 230 -14.68 -4.70 -7.20
CA THR B 230 -14.71 -5.92 -8.00
C THR B 230 -15.60 -6.87 -7.20
N VAL B 231 -16.52 -7.54 -7.88
CA VAL B 231 -17.42 -8.47 -7.21
C VAL B 231 -16.62 -9.49 -6.42
N VAL B 232 -15.71 -10.21 -7.08
CA VAL B 232 -14.89 -11.18 -6.38
C VAL B 232 -13.55 -10.49 -6.12
N GLN B 233 -13.52 -9.64 -5.08
CA GLN B 233 -12.34 -8.85 -4.74
C GLN B 233 -11.24 -9.53 -3.91
N ASP B 234 -11.61 -10.40 -2.98
CA ASP B 234 -10.61 -11.08 -2.15
C ASP B 234 -11.01 -12.51 -1.80
N TRP B 235 -10.14 -13.20 -1.06
CA TRP B 235 -10.39 -14.58 -0.66
C TRP B 235 -11.62 -14.73 0.22
N GLY B 236 -11.94 -13.67 0.97
CA GLY B 236 -13.11 -13.72 1.82
C GLY B 236 -14.34 -14.01 0.97
N THR B 237 -14.56 -13.20 -0.06
CA THR B 237 -15.69 -13.41 -0.94
C THR B 237 -15.53 -14.73 -1.67
N ASN B 238 -14.31 -15.00 -2.12
CA ASN B 238 -14.01 -16.23 -2.83
C ASN B 238 -14.47 -17.45 -2.01
N TYR B 239 -14.26 -17.41 -0.70
CA TYR B 239 -14.65 -18.49 0.18
C TYR B 239 -16.18 -18.60 0.27
N LEU B 240 -16.85 -17.46 0.32
CA LEU B 240 -18.31 -17.46 0.38
C LEU B 240 -18.85 -18.11 -0.89
N ILE B 241 -18.28 -17.74 -2.03
CA ILE B 241 -18.67 -18.31 -3.31
C ILE B 241 -18.51 -19.83 -3.28
N ALA B 242 -17.28 -20.30 -3.10
CA ALA B 242 -16.99 -21.73 -3.06
C ALA B 242 -17.87 -22.47 -2.06
N GLN B 243 -17.98 -21.91 -0.85
CA GLN B 243 -18.77 -22.55 0.19
C GLN B 243 -20.20 -22.71 -0.31
N THR B 244 -20.75 -21.62 -0.82
CA THR B 244 -22.11 -21.60 -1.32
C THR B 244 -22.39 -22.55 -2.48
N LEU B 245 -21.48 -22.56 -3.46
CA LEU B 245 -21.64 -23.38 -4.65
C LEU B 245 -21.62 -24.89 -4.47
N GLY B 246 -20.76 -25.42 -3.60
CA GLY B 246 -20.71 -26.85 -3.41
C GLY B 246 -19.32 -27.42 -3.29
N PRO B 247 -19.21 -28.69 -2.85
CA PRO B 247 -17.99 -29.47 -2.63
C PRO B 247 -17.00 -29.47 -3.78
N LYS B 248 -17.49 -29.19 -4.99
CA LYS B 248 -16.62 -29.20 -6.16
C LYS B 248 -16.16 -27.81 -6.55
N ALA B 249 -16.64 -26.81 -5.81
CA ALA B 249 -16.26 -25.43 -6.06
C ALA B 249 -15.15 -25.03 -5.11
N GLN B 250 -14.00 -24.65 -5.67
CA GLN B 250 -12.86 -24.25 -4.86
C GLN B 250 -12.31 -22.89 -5.24
N CYS B 251 -11.54 -22.30 -4.33
CA CYS B 251 -10.95 -20.99 -4.54
C CYS B 251 -9.55 -21.05 -5.14
N LEU B 252 -9.32 -20.14 -6.08
CA LEU B 252 -8.03 -20.07 -6.77
C LEU B 252 -7.29 -18.82 -6.24
N VAL B 253 -6.03 -18.98 -5.86
CA VAL B 253 -5.25 -17.87 -5.33
C VAL B 253 -4.14 -17.42 -6.25
N ASP B 254 -4.30 -16.23 -6.84
CA ASP B 254 -3.28 -15.70 -7.73
C ASP B 254 -2.41 -14.72 -6.93
N LEU B 255 -1.13 -15.05 -6.79
CA LEU B 255 -0.20 -14.25 -6.00
C LEU B 255 -0.31 -12.73 -6.12
N GLY B 256 -0.29 -12.22 -7.34
CA GLY B 256 -0.36 -10.79 -7.52
C GLY B 256 -1.74 -10.16 -7.41
N HIS B 257 -2.75 -10.93 -7.00
CA HIS B 257 -4.11 -10.40 -6.90
C HIS B 257 -4.53 -9.90 -5.53
N HIS B 258 -3.56 -9.46 -4.73
CA HIS B 258 -3.88 -9.01 -3.37
C HIS B 258 -3.46 -7.58 -3.02
N ALA B 259 -4.09 -7.03 -2.00
CA ALA B 259 -3.76 -5.68 -1.54
C ALA B 259 -2.30 -5.62 -1.11
N PRO B 260 -1.71 -4.42 -1.18
CA PRO B 260 -0.30 -4.29 -0.78
C PRO B 260 -0.09 -4.81 0.64
N ASN B 261 0.98 -5.59 0.82
CA ASN B 261 1.37 -6.14 2.10
C ASN B 261 0.53 -7.28 2.65
N THR B 262 -0.41 -7.77 1.83
CA THR B 262 -1.27 -8.87 2.26
C THR B 262 -0.39 -10.08 2.60
N ASN B 263 -0.73 -10.81 3.65
CA ASN B 263 0.03 -12.01 3.97
C ASN B 263 -0.68 -13.10 3.16
N ILE B 264 -0.15 -13.40 1.97
CA ILE B 264 -0.76 -14.39 1.09
C ILE B 264 -0.65 -15.83 1.61
N GLU B 265 0.49 -16.19 2.20
CA GLU B 265 0.68 -17.55 2.71
C GLU B 265 -0.35 -17.91 3.78
N MET B 266 -0.84 -16.90 4.49
CA MET B 266 -1.87 -17.15 5.50
C MET B 266 -3.20 -17.44 4.80
N ILE B 267 -3.46 -16.72 3.70
CA ILE B 267 -4.67 -16.94 2.92
C ILE B 267 -4.65 -18.41 2.49
N VAL B 268 -3.46 -18.84 2.08
CA VAL B 268 -3.27 -20.20 1.63
C VAL B 268 -3.59 -21.21 2.71
N ALA B 269 -3.12 -20.92 3.91
CA ALA B 269 -3.34 -21.80 5.06
C ALA B 269 -4.81 -21.86 5.44
N ARG B 270 -5.46 -20.70 5.45
CA ARG B 270 -6.88 -20.62 5.79
C ARG B 270 -7.74 -21.45 4.84
N LEU B 271 -7.54 -21.25 3.54
CA LEU B 271 -8.30 -21.99 2.54
C LEU B 271 -8.05 -23.48 2.64
N ILE B 272 -6.82 -23.88 2.94
CA ILE B 272 -6.49 -25.29 3.06
C ILE B 272 -7.26 -25.89 4.24
N GLN B 273 -7.29 -25.17 5.35
CA GLN B 273 -7.97 -25.63 6.56
C GLN B 273 -9.46 -25.89 6.32
N PHE B 274 -10.10 -25.04 5.53
CA PHE B 274 -11.52 -25.21 5.26
C PHE B 274 -11.78 -25.91 3.93
N GLY B 275 -10.76 -26.61 3.45
CA GLY B 275 -10.86 -27.36 2.20
C GLY B 275 -11.27 -26.61 0.96
N LYS B 276 -10.98 -25.32 0.86
CA LYS B 276 -11.37 -24.58 -0.34
C LYS B 276 -10.23 -24.04 -1.20
N LEU B 277 -9.04 -24.61 -1.04
CA LEU B 277 -7.90 -24.19 -1.84
C LEU B 277 -7.91 -25.00 -3.12
N GLY B 278 -8.41 -24.41 -4.20
CA GLY B 278 -8.47 -25.10 -5.46
C GLY B 278 -7.10 -25.24 -6.09
N GLY B 279 -6.34 -24.15 -6.05
CA GLY B 279 -5.01 -24.17 -6.63
C GLY B 279 -4.36 -22.80 -6.65
N PHE B 280 -3.15 -22.76 -7.22
CA PHE B 280 -2.40 -21.52 -7.31
C PHE B 280 -2.17 -21.03 -8.71
N HIS B 281 -1.95 -19.72 -8.80
CA HIS B 281 -1.63 -19.10 -10.06
C HIS B 281 -0.36 -18.36 -9.70
N PHE B 282 0.76 -18.97 -10.05
CA PHE B 282 2.05 -18.39 -9.75
C PHE B 282 2.48 -17.27 -10.66
N ASN B 283 3.25 -16.36 -10.08
CA ASN B 283 3.77 -15.18 -10.76
C ASN B 283 4.34 -14.33 -9.65
N ASP B 284 4.96 -13.22 -9.99
CA ASP B 284 5.51 -12.38 -8.96
C ASP B 284 5.03 -10.97 -9.20
N SER B 285 5.34 -10.07 -8.28
CA SER B 285 4.91 -8.70 -8.43
C SER B 285 5.54 -7.82 -7.38
N LYS B 286 5.39 -6.51 -7.56
CA LYS B 286 5.91 -5.51 -6.63
C LYS B 286 4.91 -4.39 -6.42
N TYR B 287 4.14 -4.07 -7.47
CA TYR B 287 3.19 -2.97 -7.37
C TYR B 287 1.73 -3.40 -7.34
N GLY B 288 1.29 -4.10 -8.38
CA GLY B 288 -0.08 -4.58 -8.43
C GLY B 288 -0.09 -5.99 -8.99
N ASP B 289 -1.01 -6.28 -9.91
CA ASP B 289 -1.04 -7.61 -10.52
C ASP B 289 -0.10 -7.47 -11.71
N ASP B 290 1.19 -7.45 -11.40
CA ASP B 290 2.24 -7.29 -12.42
C ASP B 290 2.46 -8.48 -13.32
N ASP B 291 1.99 -9.65 -12.90
CA ASP B 291 2.15 -10.89 -13.67
C ASP B 291 3.59 -11.15 -14.13
N LEU B 292 4.55 -10.86 -13.25
CA LEU B 292 5.95 -11.05 -13.57
C LEU B 292 6.39 -12.51 -13.36
N ASP B 293 7.60 -12.83 -13.81
CA ASP B 293 8.15 -14.18 -13.67
C ASP B 293 8.19 -14.59 -12.19
N ALA B 294 7.72 -15.80 -11.91
CA ALA B 294 7.67 -16.30 -10.54
C ALA B 294 8.99 -16.19 -9.79
N GLY B 295 8.93 -15.63 -8.58
CA GLY B 295 10.11 -15.48 -7.73
C GLY B 295 11.12 -14.45 -8.19
N ALA B 296 10.80 -13.68 -9.22
CA ALA B 296 11.71 -12.67 -9.74
C ALA B 296 11.79 -11.42 -8.86
N ILE B 297 10.76 -11.21 -8.04
CA ILE B 297 10.72 -10.04 -7.15
C ILE B 297 10.85 -10.44 -5.68
N GLU B 298 10.08 -11.44 -5.26
CA GLU B 298 10.11 -11.90 -3.88
C GLU B 298 10.19 -13.42 -3.79
N PRO B 299 11.38 -13.99 -3.99
CA PRO B 299 11.49 -15.45 -3.91
C PRO B 299 11.15 -16.03 -2.54
N TYR B 300 11.45 -15.31 -1.46
CA TYR B 300 11.15 -15.82 -0.13
C TYR B 300 9.63 -16.02 0.07
N ARG B 301 8.84 -15.02 -0.32
CA ARG B 301 7.39 -15.13 -0.20
C ARG B 301 6.89 -16.38 -0.92
N LEU B 302 7.51 -16.69 -2.06
CA LEU B 302 7.13 -17.86 -2.84
C LEU B 302 7.46 -19.15 -2.07
N PHE B 303 8.56 -19.10 -1.33
CA PHE B 303 9.00 -20.22 -0.51
C PHE B 303 8.04 -20.40 0.66
N LEU B 304 7.59 -19.27 1.22
CA LEU B 304 6.68 -19.32 2.37
C LEU B 304 5.30 -19.87 1.97
N VAL B 305 4.87 -19.58 0.75
CA VAL B 305 3.61 -20.09 0.24
C VAL B 305 3.75 -21.60 0.14
N PHE B 306 4.86 -22.04 -0.46
CA PHE B 306 5.13 -23.46 -0.60
C PHE B 306 5.35 -24.13 0.74
N ASN B 307 5.73 -23.35 1.75
CA ASN B 307 5.93 -23.90 3.08
C ASN B 307 4.58 -24.34 3.64
N GLU B 308 3.53 -23.60 3.29
CA GLU B 308 2.18 -23.94 3.75
C GLU B 308 1.68 -25.17 2.98
N LEU B 309 2.08 -25.29 1.72
CA LEU B 309 1.65 -26.42 0.92
C LEU B 309 2.30 -27.71 1.40
N VAL B 310 3.60 -27.66 1.61
CA VAL B 310 4.34 -28.82 2.08
C VAL B 310 3.90 -29.20 3.48
N ASP B 311 3.45 -28.23 4.27
CA ASP B 311 3.00 -28.52 5.63
C ASP B 311 1.65 -29.20 5.59
N ALA B 312 0.86 -28.88 4.57
CA ALA B 312 -0.47 -29.48 4.43
C ALA B 312 -0.31 -30.99 4.31
N GLU B 313 0.53 -31.41 3.37
CA GLU B 313 0.77 -32.83 3.14
C GLU B 313 1.27 -33.53 4.39
N ALA B 314 2.22 -32.90 5.07
CA ALA B 314 2.79 -33.44 6.30
C ALA B 314 1.73 -33.61 7.38
N ARG B 315 0.86 -32.62 7.52
CA ARG B 315 -0.21 -32.67 8.51
C ARG B 315 -1.29 -33.65 8.07
N GLY B 316 -1.03 -34.34 6.97
CA GLY B 316 -1.96 -35.31 6.45
C GLY B 316 -3.36 -34.82 6.10
N VAL B 317 -3.45 -33.77 5.28
CA VAL B 317 -4.75 -33.25 4.89
C VAL B 317 -5.24 -34.12 3.73
N LYS B 318 -6.48 -34.62 3.85
CA LYS B 318 -7.06 -35.51 2.85
C LYS B 318 -7.61 -34.85 1.59
N GLY B 319 -7.45 -35.55 0.46
CA GLY B 319 -7.94 -35.06 -0.82
C GLY B 319 -7.25 -33.83 -1.36
N PHE B 320 -6.29 -33.31 -0.60
CA PHE B 320 -5.52 -32.12 -0.94
C PHE B 320 -4.71 -32.30 -2.22
N HIS B 321 -5.24 -31.81 -3.34
CA HIS B 321 -4.55 -31.91 -4.62
C HIS B 321 -4.75 -30.64 -5.44
N PRO B 322 -4.20 -29.52 -4.96
CA PRO B 322 -4.32 -28.24 -5.66
C PRO B 322 -3.73 -28.25 -7.06
N ALA B 323 -4.45 -27.64 -8.01
CA ALA B 323 -3.98 -27.56 -9.38
C ALA B 323 -3.06 -26.35 -9.47
N HIS B 324 -1.80 -26.58 -9.83
CA HIS B 324 -0.84 -25.48 -9.94
C HIS B 324 -0.69 -24.95 -11.37
N MET B 325 -0.94 -23.67 -11.55
CA MET B 325 -0.79 -23.05 -12.87
C MET B 325 0.01 -21.75 -12.83
N ILE B 326 0.77 -21.50 -13.89
CA ILE B 326 1.54 -20.26 -14.01
C ILE B 326 0.64 -19.29 -14.77
N ASP B 327 0.46 -18.08 -14.24
CA ASP B 327 -0.35 -17.08 -14.94
C ASP B 327 0.48 -15.82 -15.04
N GLN B 328 1.25 -15.71 -16.12
CA GLN B 328 2.12 -14.57 -16.29
C GLN B 328 2.02 -13.93 -17.67
N SER B 329 2.51 -12.71 -17.76
CA SER B 329 2.56 -11.97 -19.00
C SER B 329 4.04 -11.66 -19.20
N HIS B 330 4.54 -11.93 -20.39
CA HIS B 330 5.94 -11.69 -20.67
C HIS B 330 6.04 -10.58 -21.71
N ASN B 331 6.25 -9.37 -21.20
CA ASN B 331 6.32 -8.18 -22.05
C ASN B 331 7.70 -7.81 -22.59
N VAL B 332 8.77 -8.25 -21.93
CA VAL B 332 10.11 -7.88 -22.38
C VAL B 332 11.13 -9.00 -22.44
N THR B 333 10.65 -10.22 -22.64
CA THR B 333 11.56 -11.36 -22.72
C THR B 333 10.97 -12.38 -23.67
N ASP B 334 11.76 -13.39 -23.99
CA ASP B 334 11.31 -14.47 -24.85
C ASP B 334 10.35 -15.21 -23.92
N PRO B 335 9.05 -15.22 -24.23
CA PRO B 335 8.06 -15.91 -23.39
C PRO B 335 8.45 -17.34 -22.97
N ILE B 336 9.17 -18.04 -23.84
CA ILE B 336 9.59 -19.41 -23.54
C ILE B 336 10.63 -19.47 -22.43
N GLU B 337 11.67 -18.65 -22.54
CA GLU B 337 12.71 -18.64 -21.51
C GLU B 337 12.09 -18.29 -20.15
N SER B 338 11.28 -17.23 -20.11
CA SER B 338 10.63 -16.81 -18.88
C SER B 338 9.84 -17.95 -18.26
N LEU B 339 8.95 -18.55 -19.04
CA LEU B 339 8.14 -19.65 -18.54
C LEU B 339 9.02 -20.78 -18.01
N ILE B 340 10.11 -21.06 -18.71
CA ILE B 340 11.04 -22.10 -18.29
C ILE B 340 11.61 -21.77 -16.90
N ASN B 341 12.13 -20.55 -16.76
CA ASN B 341 12.72 -20.13 -15.49
C ASN B 341 11.67 -19.94 -14.41
N SER B 342 10.45 -19.60 -14.81
CA SER B 342 9.38 -19.43 -13.84
C SER B 342 9.06 -20.82 -13.26
N ALA B 343 8.95 -21.81 -14.14
CA ALA B 343 8.66 -23.17 -13.71
C ALA B 343 9.81 -23.66 -12.83
N ASN B 344 11.03 -23.29 -13.20
CA ASN B 344 12.20 -23.68 -12.42
C ASN B 344 12.13 -23.10 -11.01
N GLU B 345 11.79 -21.81 -10.92
CA GLU B 345 11.70 -21.10 -9.65
C GLU B 345 10.65 -21.73 -8.74
N ILE B 346 9.52 -22.08 -9.34
CA ILE B 346 8.44 -22.74 -8.61
C ILE B 346 8.95 -24.05 -8.03
N ARG B 347 9.68 -24.83 -8.84
CA ARG B 347 10.21 -26.10 -8.35
C ARG B 347 11.28 -25.85 -7.31
N ARG B 348 12.00 -24.74 -7.46
CA ARG B 348 13.06 -24.36 -6.54
C ARG B 348 12.42 -24.14 -5.16
N ALA B 349 11.35 -23.33 -5.13
CA ALA B 349 10.65 -23.03 -3.88
C ALA B 349 10.11 -24.29 -3.21
N TYR B 350 9.54 -25.18 -4.01
CA TYR B 350 8.98 -26.44 -3.52
C TYR B 350 10.06 -27.33 -2.90
N ALA B 351 11.19 -27.47 -3.58
CA ALA B 351 12.27 -28.30 -3.06
C ALA B 351 12.81 -27.78 -1.72
N GLN B 352 12.97 -26.46 -1.63
CA GLN B 352 13.48 -25.87 -0.39
C GLN B 352 12.49 -26.15 0.73
N ALA B 353 11.20 -26.02 0.42
CA ALA B 353 10.15 -26.28 1.39
C ALA B 353 10.27 -27.69 1.93
N LEU B 354 10.62 -28.63 1.06
CA LEU B 354 10.77 -30.02 1.45
C LEU B 354 11.94 -30.23 2.42
N LEU B 355 12.90 -29.31 2.39
CA LEU B 355 14.06 -29.43 3.26
C LEU B 355 13.76 -28.98 4.68
N VAL B 356 12.64 -28.29 4.87
CA VAL B 356 12.30 -27.83 6.21
C VAL B 356 12.21 -28.97 7.19
N ASP B 357 12.95 -28.86 8.29
CA ASP B 357 12.94 -29.86 9.35
C ASP B 357 11.65 -29.59 10.12
N ARG B 358 10.56 -30.24 9.72
CA ARG B 358 9.24 -30.06 10.32
C ARG B 358 9.16 -30.30 11.83
N ALA B 359 9.90 -31.29 12.31
CA ALA B 359 9.90 -31.60 13.74
C ALA B 359 10.51 -30.47 14.55
N ALA B 360 11.68 -30.01 14.12
CA ALA B 360 12.38 -28.92 14.81
C ALA B 360 11.56 -27.64 14.81
N LEU B 361 10.92 -27.35 13.67
CA LEU B 361 10.11 -26.15 13.54
C LEU B 361 8.93 -26.23 14.51
N SER B 362 8.27 -27.38 14.53
CA SER B 362 7.14 -27.58 15.42
C SER B 362 7.57 -27.40 16.87
N GLY B 363 8.78 -27.85 17.18
CA GLY B 363 9.30 -27.73 18.53
C GLY B 363 9.52 -26.28 18.92
N TYR B 364 10.12 -25.52 18.01
CA TYR B 364 10.40 -24.12 18.29
C TYR B 364 9.11 -23.28 18.34
N GLN B 365 8.09 -23.72 17.63
CA GLN B 365 6.82 -23.03 17.62
C GLN B 365 6.09 -23.26 18.95
N GLU B 366 6.13 -24.48 19.44
CA GLU B 366 5.47 -24.79 20.71
C GLU B 366 6.14 -24.06 21.86
N ASP B 367 7.46 -23.92 21.82
CA ASP B 367 8.18 -23.25 22.89
C ASP B 367 8.32 -21.74 22.66
N ASN B 368 7.66 -21.25 21.63
CA ASN B 368 7.70 -19.83 21.30
C ASN B 368 9.12 -19.29 21.14
N ASP B 369 9.95 -20.06 20.45
CA ASP B 369 11.33 -19.66 20.19
C ASP B 369 11.28 -19.10 18.77
N ALA B 370 10.77 -17.89 18.67
CA ALA B 370 10.61 -17.20 17.39
C ALA B 370 11.88 -17.16 16.52
N LEU B 371 13.01 -16.84 17.14
CA LEU B 371 14.28 -16.74 16.41
C LEU B 371 14.66 -18.05 15.75
N MET B 372 14.65 -19.13 16.51
CA MET B 372 15.01 -20.43 15.95
C MET B 372 13.98 -20.99 14.98
N ALA B 373 12.72 -20.60 15.15
CA ALA B 373 11.67 -21.07 14.26
C ALA B 373 11.86 -20.43 12.89
N THR B 374 12.23 -19.15 12.87
CA THR B 374 12.42 -18.47 11.61
C THR B 374 13.72 -18.95 10.96
N GLU B 375 14.73 -19.19 11.78
CA GLU B 375 16.02 -19.69 11.30
C GLU B 375 15.87 -21.13 10.79
N THR B 376 14.86 -21.84 11.29
CA THR B 376 14.64 -23.22 10.84
C THR B 376 14.13 -23.19 9.40
N LEU B 377 13.33 -22.18 9.06
CA LEU B 377 12.81 -22.06 7.71
C LEU B 377 13.95 -21.55 6.82
N LYS B 378 14.69 -20.57 7.31
CA LYS B 378 15.81 -20.01 6.57
C LYS B 378 16.85 -21.05 6.20
N ARG B 379 17.08 -22.02 7.09
CA ARG B 379 18.07 -23.06 6.81
C ARG B 379 17.68 -23.86 5.56
N ALA B 380 16.39 -24.04 5.34
CA ALA B 380 15.92 -24.76 4.16
C ALA B 380 15.99 -23.80 2.96
N TYR B 381 15.46 -22.59 3.15
CA TYR B 381 15.43 -21.59 2.08
C TYR B 381 16.80 -21.17 1.56
N ARG B 382 17.78 -21.04 2.46
CA ARG B 382 19.13 -20.63 2.05
C ARG B 382 19.87 -21.71 1.25
N THR B 383 19.37 -22.93 1.29
CA THR B 383 20.00 -24.03 0.58
C THR B 383 19.82 -23.91 -0.94
N ASP B 384 20.94 -23.89 -1.66
CA ASP B 384 20.89 -23.78 -3.12
C ASP B 384 20.53 -25.15 -3.69
N VAL B 385 19.27 -25.32 -4.06
CA VAL B 385 18.78 -26.59 -4.59
C VAL B 385 18.87 -26.75 -6.10
N GLU B 386 19.59 -25.86 -6.78
CA GLU B 386 19.72 -25.96 -8.23
C GLU B 386 20.24 -27.34 -8.64
N PRO B 387 21.23 -27.89 -7.90
CA PRO B 387 21.75 -29.22 -8.24
C PRO B 387 20.65 -30.26 -8.35
N ILE B 388 19.69 -30.21 -7.43
CA ILE B 388 18.58 -31.14 -7.43
C ILE B 388 17.65 -30.88 -8.61
N LEU B 389 17.40 -29.61 -8.90
CA LEU B 389 16.55 -29.24 -10.01
C LEU B 389 17.15 -29.70 -11.33
N ALA B 390 18.46 -29.52 -11.46
CA ALA B 390 19.20 -29.89 -12.66
C ALA B 390 19.25 -31.40 -12.87
N GLU B 391 19.44 -32.13 -11.77
CA GLU B 391 19.52 -33.58 -11.83
C GLU B 391 18.18 -34.18 -12.21
N ALA B 392 17.11 -33.68 -11.60
CA ALA B 392 15.77 -34.16 -11.88
C ALA B 392 15.48 -34.02 -13.36
N ARG B 393 15.87 -32.88 -13.92
CA ARG B 393 15.65 -32.63 -15.34
C ARG B 393 16.46 -33.61 -16.18
N ARG B 394 17.70 -33.84 -15.78
CA ARG B 394 18.58 -34.73 -16.51
C ARG B 394 18.08 -36.17 -16.55
N ARG B 395 17.65 -36.69 -15.40
CA ARG B 395 17.15 -38.06 -15.29
C ARG B 395 15.80 -38.27 -15.96
N THR B 396 15.13 -37.18 -16.31
CA THR B 396 13.82 -37.30 -16.93
C THR B 396 13.74 -36.79 -18.36
N GLY B 397 14.89 -36.61 -19.00
CA GLY B 397 14.93 -36.15 -20.38
C GLY B 397 15.03 -34.65 -20.60
N GLY B 398 15.22 -33.89 -19.53
CA GLY B 398 15.33 -32.44 -19.67
C GLY B 398 16.74 -31.93 -19.78
N ALA B 399 16.87 -30.60 -19.75
CA ALA B 399 18.17 -29.95 -19.85
C ALA B 399 18.71 -29.48 -18.51
N VAL B 400 20.01 -29.69 -18.30
CA VAL B 400 20.68 -29.29 -17.06
C VAL B 400 20.51 -27.77 -16.93
N ASP B 401 20.71 -27.06 -18.02
CA ASP B 401 20.55 -25.61 -18.07
C ASP B 401 19.59 -25.38 -19.23
N PRO B 402 18.27 -25.48 -18.97
CA PRO B 402 17.19 -25.32 -19.96
C PRO B 402 17.35 -24.13 -20.90
N VAL B 403 17.47 -22.93 -20.34
CA VAL B 403 17.61 -21.73 -21.16
C VAL B 403 18.87 -21.80 -22.03
N ALA B 404 19.97 -22.30 -21.49
CA ALA B 404 21.19 -22.40 -22.26
C ALA B 404 20.96 -23.32 -23.45
N THR B 405 20.29 -24.44 -23.19
CA THR B 405 20.00 -25.41 -24.24
C THR B 405 19.05 -24.83 -25.26
N TYR B 406 18.03 -24.11 -24.77
CA TYR B 406 17.05 -23.48 -25.63
C TYR B 406 17.78 -22.55 -26.61
N ARG B 407 18.76 -21.80 -26.11
CA ARG B 407 19.51 -20.88 -26.94
C ARG B 407 20.48 -21.57 -27.91
N ALA B 408 21.04 -22.70 -27.48
CA ALA B 408 21.97 -23.44 -28.32
C ALA B 408 21.28 -24.14 -29.49
N SER B 409 19.96 -24.28 -29.41
CA SER B 409 19.18 -24.93 -30.46
C SER B 409 18.74 -23.96 -31.55
N GLY B 410 18.71 -22.68 -31.23
CA GLY B 410 18.29 -21.69 -32.20
C GLY B 410 16.82 -21.83 -32.55
N TYR B 411 16.05 -22.36 -31.61
CA TYR B 411 14.61 -22.56 -31.81
C TYR B 411 13.90 -21.25 -32.15
N ARG B 412 14.24 -20.18 -31.43
CA ARG B 412 13.60 -18.89 -31.67
C ARG B 412 13.82 -18.46 -33.10
N ALA B 413 15.08 -18.53 -33.56
CA ALA B 413 15.40 -18.17 -34.94
C ALA B 413 14.60 -19.05 -35.89
N ARG B 414 14.59 -20.34 -35.61
CA ARG B 414 13.85 -21.29 -36.45
C ARG B 414 12.38 -20.89 -36.65
N VAL B 415 11.62 -20.85 -35.55
CA VAL B 415 10.21 -20.48 -35.64
C VAL B 415 10.02 -19.05 -36.14
N ALA B 416 11.09 -18.27 -36.11
CA ALA B 416 11.04 -16.89 -36.59
C ALA B 416 10.99 -16.93 -38.11
N ALA B 417 11.58 -17.98 -38.68
CA ALA B 417 11.62 -18.16 -40.13
C ALA B 417 10.41 -18.94 -40.64
N GLU B 418 9.72 -19.63 -39.75
CA GLU B 418 8.54 -20.41 -40.14
C GLU B 418 7.28 -19.59 -39.92
N ARG B 419 7.37 -18.54 -39.11
CA ARG B 419 6.22 -17.70 -38.80
C ARG B 419 6.37 -16.27 -39.31
N PRO B 420 5.26 -15.70 -39.84
CA PRO B 420 5.21 -14.34 -40.38
C PRO B 420 5.57 -13.30 -39.34
N ALA B 421 6.47 -12.39 -39.69
CA ALA B 421 6.90 -11.34 -38.77
C ALA B 421 5.92 -10.16 -38.80
N PHE C 4 36.51 -10.72 28.62
CA PHE C 4 35.61 -11.24 27.55
C PHE C 4 34.22 -11.55 28.09
N ARG C 5 33.20 -10.89 27.54
CA ARG C 5 31.83 -11.09 27.97
C ARG C 5 31.44 -12.57 27.88
N ILE C 6 31.94 -13.25 26.84
CA ILE C 6 31.68 -14.66 26.63
C ILE C 6 33.01 -15.38 26.82
N ALA C 7 33.03 -16.40 27.68
CA ALA C 7 34.27 -17.15 27.94
C ALA C 7 34.84 -17.76 26.66
N GLN C 8 36.14 -17.62 26.46
CA GLN C 8 36.78 -18.16 25.27
C GLN C 8 36.71 -19.68 25.15
N ASP C 9 36.73 -20.38 26.28
CA ASP C 9 36.67 -21.84 26.21
C ASP C 9 35.34 -22.29 25.60
N VAL C 10 34.30 -21.51 25.82
CA VAL C 10 32.99 -21.81 25.27
C VAL C 10 33.03 -21.56 23.76
N VAL C 11 33.50 -20.38 23.37
CA VAL C 11 33.57 -20.05 21.96
C VAL C 11 34.45 -21.07 21.25
N ALA C 12 35.54 -21.44 21.90
CA ALA C 12 36.48 -22.42 21.35
C ALA C 12 35.81 -23.76 21.19
N ARG C 13 35.19 -24.25 22.26
CA ARG C 13 34.51 -25.53 22.24
C ARG C 13 33.43 -25.61 21.16
N GLU C 14 32.60 -24.58 21.09
CA GLU C 14 31.52 -24.56 20.12
C GLU C 14 32.07 -24.54 18.70
N ASN C 15 33.14 -23.79 18.48
CA ASN C 15 33.74 -23.74 17.16
C ASN C 15 34.30 -25.10 16.75
N ASP C 16 35.04 -25.75 17.64
CA ASP C 16 35.62 -27.06 17.32
C ASP C 16 34.54 -28.07 17.00
N ARG C 17 33.43 -27.98 17.73
CA ARG C 17 32.31 -28.89 17.52
C ARG C 17 31.81 -28.82 16.08
N ARG C 18 31.88 -27.63 15.48
CA ARG C 18 31.37 -27.43 14.12
C ARG C 18 32.46 -27.28 13.05
N ALA C 19 33.71 -27.45 13.43
CA ALA C 19 34.84 -27.32 12.50
C ALA C 19 34.73 -28.22 11.27
N SER C 20 34.44 -29.50 11.49
CA SER C 20 34.33 -30.46 10.39
C SER C 20 33.27 -30.10 9.35
N ALA C 21 32.06 -29.81 9.80
CA ALA C 21 30.99 -29.46 8.86
C ALA C 21 31.35 -28.17 8.11
N LEU C 22 31.88 -27.19 8.84
CA LEU C 22 32.28 -25.93 8.22
C LEU C 22 33.31 -26.19 7.14
N LYS C 23 34.29 -27.03 7.44
CA LYS C 23 35.32 -27.34 6.47
C LYS C 23 34.73 -27.93 5.19
N GLU C 24 33.88 -28.93 5.32
CA GLU C 24 33.26 -29.54 4.15
C GLU C 24 32.44 -28.56 3.31
N ASP C 25 31.57 -27.78 3.96
CA ASP C 25 30.75 -26.81 3.25
C ASP C 25 31.53 -25.65 2.67
N TYR C 26 32.57 -25.20 3.36
CA TYR C 26 33.35 -24.09 2.84
C TYR C 26 34.21 -24.50 1.65
N GLU C 27 34.84 -25.67 1.72
CA GLU C 27 35.68 -26.12 0.62
C GLU C 27 34.83 -26.45 -0.60
N ALA C 28 33.66 -27.04 -0.38
CA ALA C 28 32.76 -27.37 -1.48
C ALA C 28 32.35 -26.06 -2.17
N LEU C 29 31.86 -25.11 -1.38
CA LEU C 29 31.46 -23.82 -1.92
C LEU C 29 32.63 -23.14 -2.63
N GLY C 30 33.81 -23.28 -2.06
CA GLY C 30 34.99 -22.67 -2.66
C GLY C 30 35.23 -23.20 -4.05
N ALA C 31 35.04 -24.51 -4.21
CA ALA C 31 35.22 -25.16 -5.50
C ALA C 31 34.15 -24.68 -6.49
N ASN C 32 32.92 -24.60 -6.01
CA ASN C 32 31.81 -24.15 -6.82
C ASN C 32 32.05 -22.72 -7.32
N LEU C 33 32.65 -21.92 -6.46
CA LEU C 33 32.93 -20.54 -6.81
C LEU C 33 34.08 -20.47 -7.80
N ALA C 34 35.05 -21.38 -7.65
CA ALA C 34 36.19 -21.43 -8.55
C ALA C 34 35.69 -21.76 -9.95
N ARG C 35 34.76 -22.70 -10.04
CA ARG C 35 34.20 -23.07 -11.34
C ARG C 35 33.45 -21.87 -11.96
N ARG C 36 33.11 -20.91 -11.11
CA ARG C 36 32.42 -19.69 -11.53
C ARG C 36 33.39 -18.55 -11.76
N GLY C 37 34.68 -18.83 -11.57
CA GLY C 37 35.69 -17.82 -11.76
C GLY C 37 35.76 -16.84 -10.61
N VAL C 38 35.36 -17.30 -9.43
CA VAL C 38 35.40 -16.49 -8.22
C VAL C 38 36.26 -17.16 -7.17
N ASP C 39 37.23 -16.41 -6.66
CA ASP C 39 38.15 -16.89 -5.63
C ASP C 39 37.50 -16.60 -4.27
N ILE C 40 36.99 -17.64 -3.61
CA ILE C 40 36.31 -17.50 -2.33
C ILE C 40 37.11 -16.75 -1.27
N GLU C 41 38.40 -17.01 -1.19
CA GLU C 41 39.23 -16.32 -0.22
C GLU C 41 39.08 -14.80 -0.33
N ALA C 42 39.00 -14.30 -1.57
CA ALA C 42 38.85 -12.86 -1.78
C ALA C 42 37.53 -12.32 -1.22
N VAL C 43 36.49 -13.14 -1.26
CA VAL C 43 35.19 -12.74 -0.73
C VAL C 43 35.26 -12.71 0.81
N THR C 44 35.74 -13.81 1.38
CA THR C 44 35.86 -13.89 2.84
C THR C 44 36.65 -12.72 3.41
N ALA C 45 37.75 -12.37 2.76
CA ALA C 45 38.61 -11.27 3.21
C ALA C 45 37.88 -9.94 3.18
N LYS C 46 36.93 -9.79 2.26
CA LYS C 46 36.17 -8.55 2.22
C LYS C 46 35.05 -8.66 3.25
N VAL C 47 34.47 -9.85 3.38
CA VAL C 47 33.39 -10.07 4.33
C VAL C 47 33.79 -9.85 5.79
N GLU C 48 34.98 -10.32 6.16
CA GLU C 48 35.42 -10.15 7.54
C GLU C 48 35.69 -8.69 7.91
N LYS C 49 35.69 -7.82 6.92
CA LYS C 49 35.93 -6.41 7.18
C LYS C 49 34.70 -5.52 7.00
N PHE C 50 33.54 -6.14 6.80
CA PHE C 50 32.31 -5.36 6.65
C PHE C 50 31.68 -5.16 8.04
N PHE C 51 31.54 -3.90 8.44
CA PHE C 51 30.98 -3.59 9.75
C PHE C 51 29.68 -2.79 9.69
N VAL C 52 28.80 -3.06 10.64
CA VAL C 52 27.55 -2.34 10.74
C VAL C 52 27.43 -1.93 12.21
N ALA C 53 27.06 -0.68 12.45
CA ALA C 53 26.94 -0.19 13.82
C ALA C 53 25.67 -0.70 14.50
N VAL C 54 25.77 -0.96 15.80
CA VAL C 54 24.64 -1.43 16.59
C VAL C 54 24.11 -0.32 17.48
N PRO C 55 22.78 -0.18 17.54
CA PRO C 55 22.12 0.84 18.36
C PRO C 55 22.11 0.41 19.84
N SER C 56 22.52 1.32 20.72
CA SER C 56 22.56 1.02 22.15
C SER C 56 21.16 0.72 22.66
N TRP C 57 20.17 1.38 22.07
CA TRP C 57 18.78 1.17 22.48
C TRP C 57 18.20 -0.09 21.85
N GLY C 58 19.05 -0.92 21.25
CA GLY C 58 18.58 -2.14 20.61
C GLY C 58 18.79 -3.41 21.40
N VAL C 59 19.58 -3.33 22.47
CA VAL C 59 19.84 -4.51 23.30
C VAL C 59 18.82 -4.69 24.40
N GLY C 60 17.85 -3.77 24.43
CA GLY C 60 16.77 -3.84 25.40
C GLY C 60 15.53 -4.30 24.65
N THR C 61 14.62 -4.98 25.31
CA THR C 61 13.40 -5.45 24.64
C THR C 61 12.54 -4.23 24.29
N GLY C 62 12.07 -4.18 23.05
CA GLY C 62 11.24 -3.06 22.63
C GLY C 62 9.76 -3.36 22.79
N GLY C 63 8.92 -2.42 22.39
CA GLY C 63 7.48 -2.63 22.50
C GLY C 63 6.69 -1.77 21.53
N THR C 64 5.37 -1.93 21.57
CA THR C 64 4.45 -1.18 20.72
C THR C 64 3.71 -0.21 21.64
N ARG C 65 2.74 0.52 21.11
CA ARG C 65 1.96 1.43 21.94
C ARG C 65 0.92 0.63 22.72
N PHE C 66 0.81 -0.67 22.43
CA PHE C 66 -0.16 -1.52 23.12
C PHE C 66 0.44 -2.20 24.33
N ALA C 67 1.71 -2.58 24.24
CA ALA C 67 2.39 -3.25 25.34
C ALA C 67 3.87 -3.44 25.06
N ARG C 68 4.56 -3.83 26.12
CA ARG C 68 5.98 -4.11 26.09
C ARG C 68 6.11 -5.34 27.00
N PHE C 69 6.81 -6.36 26.53
CA PHE C 69 6.99 -7.58 27.32
C PHE C 69 8.48 -7.84 27.50
N PRO C 70 9.07 -7.21 28.53
CA PRO C 70 10.50 -7.40 28.77
C PRO C 70 10.88 -8.85 29.10
N GLY C 71 12.13 -9.18 28.82
CA GLY C 71 12.62 -10.50 29.14
C GLY C 71 13.42 -10.36 30.43
N THR C 72 14.24 -11.35 30.74
CA THR C 72 15.05 -11.30 31.94
C THR C 72 16.36 -10.57 31.61
N GLY C 73 16.98 -9.98 32.63
CA GLY C 73 18.24 -9.28 32.42
C GLY C 73 18.21 -8.03 31.55
N GLU C 74 17.15 -7.23 31.64
CA GLU C 74 17.08 -6.02 30.84
C GLU C 74 18.17 -5.06 31.30
N PRO C 75 18.97 -4.53 30.36
CA PRO C 75 20.05 -3.60 30.73
C PRO C 75 19.55 -2.42 31.55
N ARG C 76 20.28 -2.10 32.61
CA ARG C 76 19.91 -1.01 33.52
C ARG C 76 20.17 0.38 32.98
N GLY C 77 21.30 0.56 32.31
CA GLY C 77 21.63 1.86 31.77
C GLY C 77 22.53 1.69 30.58
N ILE C 78 23.23 2.75 30.19
CA ILE C 78 24.10 2.64 29.03
C ILE C 78 25.27 1.68 29.21
N PHE C 79 25.78 1.58 30.42
CA PHE C 79 26.92 0.69 30.67
C PHE C 79 26.57 -0.78 30.53
N ASP C 80 25.36 -1.16 30.93
CA ASP C 80 24.92 -2.55 30.76
C ASP C 80 24.74 -2.78 29.26
N LYS C 81 24.15 -1.79 28.60
CA LYS C 81 23.89 -1.87 27.16
C LYS C 81 25.20 -2.06 26.38
N LEU C 82 26.24 -1.31 26.74
CA LEU C 82 27.52 -1.46 26.06
C LEU C 82 28.00 -2.89 26.27
N ASP C 83 27.86 -3.37 27.50
CA ASP C 83 28.24 -4.74 27.84
C ASP C 83 27.54 -5.70 26.88
N ASP C 84 26.26 -5.50 26.65
CA ASP C 84 25.52 -6.37 25.76
C ASP C 84 26.01 -6.24 24.33
N CYS C 85 26.30 -5.02 23.89
CA CYS C 85 26.82 -4.80 22.55
C CYS C 85 28.16 -5.52 22.39
N ALA C 86 28.94 -5.59 23.47
CA ALA C 86 30.24 -6.25 23.43
C ALA C 86 30.10 -7.74 23.08
N VAL C 87 29.03 -8.36 23.57
CA VAL C 87 28.76 -9.77 23.27
C VAL C 87 28.47 -9.94 21.79
N ILE C 88 27.67 -9.03 21.24
CA ILE C 88 27.32 -9.11 19.83
C ILE C 88 28.61 -9.01 19.01
N GLN C 89 29.47 -8.05 19.36
CA GLN C 89 30.73 -7.87 18.65
C GLN C 89 31.65 -9.07 18.77
N GLN C 90 31.89 -9.51 20.00
CA GLN C 90 32.76 -10.66 20.24
C GLN C 90 32.34 -11.87 19.40
N LEU C 91 31.04 -12.12 19.33
CA LEU C 91 30.54 -13.28 18.58
C LEU C 91 30.39 -13.14 17.06
N THR C 92 29.98 -11.96 16.59
CA THR C 92 29.81 -11.79 15.15
C THR C 92 31.01 -11.13 14.52
N ARG C 93 31.72 -10.34 15.33
CA ARG C 93 32.89 -9.59 14.89
C ARG C 93 32.48 -8.66 13.74
N ALA C 94 31.18 -8.37 13.67
CA ALA C 94 30.66 -7.52 12.62
C ALA C 94 30.10 -6.18 13.10
N THR C 95 30.10 -5.97 14.41
CA THR C 95 29.53 -4.75 14.98
C THR C 95 30.44 -4.06 15.99
N PRO C 96 31.67 -3.73 15.57
CA PRO C 96 32.64 -3.08 16.43
C PRO C 96 32.27 -1.69 16.94
N ASN C 97 31.22 -1.09 16.39
CA ASN C 97 30.83 0.25 16.82
C ASN C 97 29.40 0.38 17.31
N VAL C 98 29.23 1.18 18.36
CA VAL C 98 27.94 1.41 18.99
C VAL C 98 27.48 2.84 18.72
N SER C 99 26.19 2.99 18.44
CA SER C 99 25.62 4.31 18.20
C SER C 99 24.83 4.69 19.44
N LEU C 100 25.20 5.80 20.08
CA LEU C 100 24.52 6.23 21.29
C LEU C 100 23.28 7.09 20.98
N HIS C 101 22.45 7.27 22.00
CA HIS C 101 21.23 8.06 21.88
C HIS C 101 21.14 8.94 23.12
N ILE C 102 21.06 10.26 22.90
CA ILE C 102 20.97 11.22 23.99
C ILE C 102 19.55 11.78 24.09
N PRO C 103 19.05 12.03 25.31
CA PRO C 103 19.67 11.86 26.62
C PRO C 103 19.71 10.45 27.21
N TRP C 104 18.98 9.51 26.62
CA TRP C 104 18.95 8.14 27.13
C TRP C 104 20.31 7.64 27.63
N ASP C 105 21.34 7.80 26.80
CA ASP C 105 22.67 7.31 27.17
C ASP C 105 23.58 8.33 27.83
N LYS C 106 23.02 9.42 28.33
CA LYS C 106 23.83 10.43 28.98
C LYS C 106 24.69 9.81 30.09
N ALA C 107 25.94 10.24 30.16
CA ALA C 107 26.90 9.77 31.15
C ALA C 107 28.18 10.57 30.93
N ASP C 108 29.13 10.48 31.87
CA ASP C 108 30.38 11.21 31.70
C ASP C 108 31.11 10.67 30.47
N PRO C 109 31.29 11.51 29.44
CA PRO C 109 31.97 11.09 28.21
C PRO C 109 33.24 10.29 28.42
N LYS C 110 34.02 10.66 29.43
CA LYS C 110 35.26 9.97 29.76
C LYS C 110 35.01 8.52 30.12
N GLU C 111 33.97 8.28 30.92
CA GLU C 111 33.64 6.92 31.33
C GLU C 111 33.08 6.09 30.17
N LEU C 112 32.29 6.71 29.30
CA LEU C 112 31.74 6.01 28.15
C LEU C 112 32.87 5.54 27.27
N LYS C 113 33.77 6.48 26.96
CA LYS C 113 34.92 6.18 26.13
C LYS C 113 35.76 5.07 26.75
N ALA C 114 35.93 5.13 28.07
CA ALA C 114 36.74 4.15 28.80
C ALA C 114 36.13 2.75 28.78
N ARG C 115 34.80 2.66 28.90
CA ARG C 115 34.15 1.35 28.87
C ARG C 115 34.26 0.77 27.46
N GLY C 116 34.08 1.64 26.47
CA GLY C 116 34.19 1.19 25.09
C GLY C 116 35.54 0.55 24.82
N ASP C 117 36.60 1.32 25.06
CA ASP C 117 37.95 0.82 24.84
C ASP C 117 38.18 -0.47 25.60
N ALA C 118 37.60 -0.55 26.79
CA ALA C 118 37.75 -1.74 27.63
C ALA C 118 37.04 -2.97 27.03
N LEU C 119 35.97 -2.74 26.27
CA LEU C 119 35.24 -3.84 25.68
C LEU C 119 35.59 -4.12 24.21
N GLY C 120 36.35 -3.21 23.61
CA GLY C 120 36.75 -3.39 22.22
C GLY C 120 35.71 -2.80 21.29
N LEU C 121 34.99 -1.78 21.77
CA LEU C 121 33.96 -1.14 20.98
C LEU C 121 34.25 0.33 20.72
N GLY C 122 33.91 0.78 19.50
CA GLY C 122 34.09 2.18 19.14
C GLY C 122 32.70 2.80 19.11
N PHE C 123 32.63 4.12 18.89
CA PHE C 123 31.34 4.79 18.85
C PHE C 123 31.01 5.34 17.48
N ASP C 124 29.80 5.05 17.02
CA ASP C 124 29.37 5.52 15.71
C ASP C 124 28.63 6.83 15.84
N ALA C 125 27.75 7.09 14.88
CA ALA C 125 26.97 8.32 14.86
C ALA C 125 26.20 8.53 16.15
N MET C 126 26.14 9.79 16.58
CA MET C 126 25.39 10.18 17.77
C MET C 126 23.94 10.29 17.30
N ASN C 127 23.00 10.19 18.24
CA ASN C 127 21.60 10.28 17.90
C ASN C 127 20.90 11.22 18.87
N SER C 128 20.25 12.25 18.33
CA SER C 128 19.53 13.21 19.16
C SER C 128 18.09 12.72 19.40
N ASN C 129 17.45 13.27 20.43
CA ASN C 129 16.09 12.89 20.79
C ASN C 129 15.19 14.09 21.09
N THR C 130 14.43 14.52 20.09
CA THR C 130 13.49 15.61 20.26
C THR C 130 12.12 15.10 19.79
N PHE C 131 11.91 13.79 19.95
CA PHE C 131 10.65 13.15 19.59
C PHE C 131 9.94 12.71 20.87
N SER C 132 10.56 13.05 22.00
CA SER C 132 10.00 12.74 23.32
C SER C 132 10.50 13.83 24.26
N ASP C 133 9.79 14.03 25.38
CA ASP C 133 10.18 15.05 26.33
C ASP C 133 11.00 14.48 27.48
N ALA C 134 12.13 15.12 27.74
CA ALA C 134 12.99 14.71 28.84
C ALA C 134 12.60 15.59 30.02
N PRO C 135 12.97 15.19 31.25
CA PRO C 135 12.64 15.95 32.46
C PRO C 135 13.18 17.39 32.49
N GLY C 136 12.35 18.31 32.96
CA GLY C 136 12.74 19.70 33.09
C GLY C 136 12.84 20.58 31.86
N GLN C 137 12.33 20.14 30.71
CA GLN C 137 12.40 20.98 29.51
C GLN C 137 11.54 22.24 29.67
N ALA C 138 12.04 23.35 29.17
CA ALA C 138 11.31 24.60 29.22
C ALA C 138 10.15 24.50 28.24
N HIS C 139 10.32 23.67 27.22
CA HIS C 139 9.28 23.50 26.21
C HIS C 139 9.06 22.05 25.80
N SER C 140 7.81 21.72 25.50
CA SER C 140 7.43 20.37 25.09
C SER C 140 7.52 20.20 23.57
N TYR C 141 7.90 19.00 23.12
CA TYR C 141 7.99 18.74 21.70
C TYR C 141 6.69 18.10 21.19
N LYS C 142 5.62 18.24 21.97
CA LYS C 142 4.33 17.69 21.60
C LYS C 142 3.92 18.06 20.17
N TYR C 143 4.06 19.34 19.83
CA TYR C 143 3.69 19.81 18.50
C TYR C 143 4.90 20.03 17.59
N GLY C 144 6.01 19.38 17.92
CA GLY C 144 7.20 19.52 17.10
C GLY C 144 8.41 19.94 17.91
N SER C 145 9.54 20.00 17.21
CA SER C 145 10.80 20.39 17.84
C SER C 145 11.55 21.35 16.92
N LEU C 146 12.33 20.82 15.97
CA LEU C 146 13.07 21.70 15.06
C LEU C 146 12.18 22.50 14.11
N SER C 147 10.92 22.09 13.91
CA SER C 147 10.01 22.81 13.01
C SER C 147 8.81 23.40 13.75
N HIS C 148 8.84 23.30 15.08
CA HIS C 148 7.77 23.82 15.93
C HIS C 148 7.55 25.31 15.62
N THR C 149 6.31 25.79 15.79
CA THR C 149 6.01 27.19 15.53
C THR C 149 6.65 28.16 16.52
N ASN C 150 6.87 27.69 17.75
CA ASN C 150 7.44 28.51 18.80
C ASN C 150 8.96 28.61 18.62
N ALA C 151 9.47 29.82 18.50
CA ALA C 151 10.91 30.05 18.31
C ALA C 151 11.80 29.48 19.43
N ALA C 152 11.36 29.64 20.67
CA ALA C 152 12.12 29.15 21.81
C ALA C 152 12.14 27.62 21.85
N THR C 153 11.11 26.99 21.30
CA THR C 153 11.07 25.54 21.29
C THR C 153 12.11 25.04 20.29
N ARG C 154 12.17 25.68 19.13
CA ARG C 154 13.14 25.29 18.10
C ARG C 154 14.56 25.51 18.61
N ALA C 155 14.79 26.62 19.29
CA ALA C 155 16.12 26.94 19.81
C ALA C 155 16.54 25.87 20.81
N GLN C 156 15.60 25.40 21.62
CA GLN C 156 15.87 24.38 22.61
C GLN C 156 16.29 23.06 21.96
N ALA C 157 15.64 22.71 20.84
CA ALA C 157 15.96 21.47 20.12
C ALA C 157 17.35 21.56 19.50
N VAL C 158 17.64 22.73 18.96
CA VAL C 158 18.93 23.02 18.34
C VAL C 158 20.02 22.83 19.38
N GLU C 159 19.86 23.47 20.53
CA GLU C 159 20.84 23.37 21.60
C GLU C 159 21.12 21.92 21.97
N HIS C 160 20.05 21.13 22.08
CA HIS C 160 20.17 19.70 22.41
C HIS C 160 21.02 18.95 21.38
N ASN C 161 20.80 19.24 20.11
CA ASN C 161 21.57 18.60 19.05
C ASN C 161 23.04 19.01 19.15
N LEU C 162 23.29 20.28 19.52
CA LEU C 162 24.65 20.76 19.67
C LEU C 162 25.33 20.02 20.82
N GLU C 163 24.57 19.75 21.87
CA GLU C 163 25.10 19.03 23.02
C GLU C 163 25.46 17.60 22.61
N CYS C 164 24.65 17.00 21.74
CA CYS C 164 24.93 15.64 21.28
C CYS C 164 26.26 15.63 20.54
N ILE C 165 26.54 16.71 19.82
CA ILE C 165 27.79 16.82 19.08
C ILE C 165 28.98 16.92 20.03
N GLU C 166 28.82 17.67 21.11
CA GLU C 166 29.88 17.81 22.10
C GLU C 166 30.22 16.46 22.73
N ILE C 167 29.19 15.71 23.11
CA ILE C 167 29.40 14.39 23.70
C ILE C 167 30.09 13.51 22.67
N GLY C 168 29.62 13.57 21.44
CA GLY C 168 30.20 12.77 20.38
C GLY C 168 31.69 13.02 20.19
N LYS C 169 32.07 14.29 20.09
CA LYS C 169 33.47 14.66 19.91
C LYS C 169 34.34 14.11 21.03
N ALA C 170 33.81 14.05 22.24
CA ALA C 170 34.58 13.56 23.37
C ALA C 170 34.80 12.05 23.37
N ILE C 171 33.93 11.31 22.68
CA ILE C 171 34.05 9.85 22.66
C ILE C 171 34.53 9.22 21.35
N GLY C 172 34.76 10.03 20.32
CA GLY C 172 35.24 9.48 19.07
C GLY C 172 34.23 9.39 17.95
N SER C 173 33.06 9.99 18.15
CA SER C 173 32.02 9.96 17.13
C SER C 173 32.36 10.97 16.04
N LYS C 174 31.89 10.71 14.83
CA LYS C 174 32.14 11.62 13.71
C LYS C 174 30.85 12.04 13.00
N ALA C 175 29.71 11.91 13.67
CA ALA C 175 28.46 12.29 13.02
C ALA C 175 27.26 12.37 13.96
N LEU C 176 26.25 13.13 13.51
CA LEU C 176 25.01 13.31 14.25
C LEU C 176 23.85 12.88 13.36
N THR C 177 23.05 11.94 13.84
CA THR C 177 21.90 11.48 13.08
C THR C 177 20.67 12.16 13.65
N VAL C 178 19.94 12.84 12.79
CA VAL C 178 18.76 13.54 13.23
C VAL C 178 17.46 12.99 12.65
N TRP C 179 16.68 12.34 13.51
CA TRP C 179 15.39 11.85 13.10
C TRP C 179 14.39 12.43 14.08
N ILE C 180 13.44 13.22 13.61
CA ILE C 180 12.42 13.77 14.49
C ILE C 180 11.04 13.22 14.13
N GLY C 181 10.05 13.50 14.99
CA GLY C 181 8.71 13.03 14.73
C GLY C 181 7.83 14.12 14.12
N ASP C 182 8.35 15.34 14.09
CA ASP C 182 7.66 16.50 13.56
C ASP C 182 6.72 16.25 12.37
N GLY C 183 5.50 16.75 12.49
CA GLY C 183 4.53 16.61 11.43
C GLY C 183 3.15 16.95 11.94
N SER C 184 2.12 16.47 11.25
CA SER C 184 0.76 16.75 11.69
C SER C 184 -0.12 15.53 11.60
N ASN C 185 -1.15 15.49 12.42
CA ASN C 185 -2.09 14.39 12.40
C ASN C 185 -3.39 14.83 11.73
N PHE C 186 -3.49 16.11 11.37
CA PHE C 186 -4.69 16.65 10.74
C PHE C 186 -4.43 17.62 9.60
N PRO C 187 -5.23 17.53 8.52
CA PRO C 187 -5.02 18.46 7.41
C PRO C 187 -5.23 19.87 7.95
N GLY C 188 -4.37 20.80 7.56
CA GLY C 188 -4.51 22.17 8.02
C GLY C 188 -3.74 22.50 9.28
N GLN C 189 -3.49 21.49 10.12
CA GLN C 189 -2.75 21.70 11.36
C GLN C 189 -1.38 22.35 11.09
N SER C 190 -0.74 21.97 10.00
CA SER C 190 0.56 22.55 9.66
C SER C 190 0.58 23.14 8.26
N ASN C 191 1.26 24.27 8.11
CA ASN C 191 1.42 24.84 6.79
C ASN C 191 2.68 24.07 6.38
N PHE C 192 2.55 23.17 5.41
CA PHE C 192 3.68 22.35 4.97
C PHE C 192 4.97 23.12 4.75
N THR C 193 4.91 24.14 3.90
CA THR C 193 6.08 24.94 3.58
C THR C 193 6.68 25.69 4.76
N ARG C 194 5.85 26.43 5.49
CA ARG C 194 6.34 27.18 6.65
C ARG C 194 7.09 26.26 7.62
N ALA C 195 6.56 25.06 7.82
CA ALA C 195 7.17 24.10 8.74
C ALA C 195 8.52 23.60 8.23
N PHE C 196 8.62 23.37 6.93
CA PHE C 196 9.86 22.90 6.33
C PHE C 196 10.90 24.02 6.40
N GLU C 197 10.44 25.25 6.13
CA GLU C 197 11.34 26.40 6.19
C GLU C 197 11.93 26.50 7.59
N ARG C 198 11.09 26.36 8.62
CA ARG C 198 11.53 26.43 10.01
C ARG C 198 12.51 25.29 10.34
N TYR C 199 12.29 24.13 9.73
CA TYR C 199 13.16 22.98 9.96
C TYR C 199 14.51 23.20 9.28
N LEU C 200 14.50 23.80 8.09
CA LEU C 200 15.74 24.05 7.35
C LEU C 200 16.60 25.08 8.07
N SER C 201 15.97 26.16 8.52
CA SER C 201 16.68 27.21 9.24
C SER C 201 17.33 26.63 10.50
N ALA C 202 16.55 25.89 11.28
CA ALA C 202 17.05 25.29 12.50
C ALA C 202 18.19 24.32 12.23
N MET C 203 18.02 23.44 11.25
CA MET C 203 19.06 22.47 10.91
C MET C 203 20.37 23.15 10.49
N ALA C 204 20.25 24.29 9.83
CA ALA C 204 21.44 25.03 9.40
C ALA C 204 22.29 25.41 10.61
N GLU C 205 21.63 25.79 11.71
CA GLU C 205 22.34 26.17 12.91
C GLU C 205 23.10 24.97 13.50
N ILE C 206 22.49 23.80 13.42
CA ILE C 206 23.12 22.59 13.92
C ILE C 206 24.33 22.28 13.05
N TYR C 207 24.15 22.48 11.75
CA TYR C 207 25.18 22.23 10.76
C TYR C 207 26.40 23.08 11.09
N LYS C 208 26.13 24.32 11.47
CA LYS C 208 27.14 25.31 11.82
C LYS C 208 28.03 24.85 12.98
N GLY C 209 27.53 23.91 13.78
CA GLY C 209 28.29 23.42 14.91
C GLY C 209 29.08 22.15 14.61
N LEU C 210 29.07 21.75 13.35
CA LEU C 210 29.78 20.53 12.94
C LEU C 210 31.28 20.71 12.78
N PRO C 211 32.08 19.82 13.39
CA PRO C 211 33.53 19.92 13.26
C PRO C 211 33.85 19.68 11.78
N ASP C 212 35.07 20.01 11.36
CA ASP C 212 35.45 19.85 9.97
C ASP C 212 35.30 18.43 9.43
N ASP C 213 35.48 17.43 10.28
CA ASP C 213 35.38 16.05 9.83
C ASP C 213 34.13 15.31 10.30
N TRP C 214 33.06 16.05 10.56
CA TRP C 214 31.80 15.43 10.98
C TRP C 214 30.75 15.52 9.87
N LYS C 215 29.78 14.64 9.93
CA LYS C 215 28.71 14.66 8.96
C LYS C 215 27.39 14.85 9.70
N LEU C 216 26.39 15.36 9.01
CA LEU C 216 25.08 15.56 9.62
C LEU C 216 24.11 14.72 8.78
N PHE C 217 23.49 13.71 9.41
CA PHE C 217 22.54 12.86 8.70
C PHE C 217 21.09 13.15 9.07
N SER C 218 20.27 13.45 8.06
CA SER C 218 18.85 13.70 8.28
C SER C 218 18.15 12.44 7.77
N GLU C 219 17.21 11.92 8.56
CA GLU C 219 16.52 10.68 8.22
C GLU C 219 15.02 10.85 7.93
N HIS C 220 14.59 10.47 6.72
CA HIS C 220 13.18 10.59 6.37
C HIS C 220 12.34 9.41 6.84
N LYS C 221 11.04 9.65 6.95
CA LYS C 221 10.11 8.62 7.40
C LYS C 221 8.71 9.04 6.97
N MET C 222 8.02 8.17 6.25
CA MET C 222 6.69 8.46 5.74
C MET C 222 5.68 8.87 6.79
N TYR C 223 5.58 8.09 7.86
CA TYR C 223 4.65 8.40 8.95
C TYR C 223 5.08 7.75 10.27
N GLU C 224 4.37 8.12 11.34
CA GLU C 224 4.61 7.65 12.71
C GLU C 224 5.82 8.35 13.31
N PRO C 225 5.61 9.12 14.40
CA PRO C 225 4.38 9.42 15.13
C PRO C 225 3.31 10.27 14.45
N ALA C 226 3.69 11.03 13.43
CA ALA C 226 2.71 11.87 12.72
C ALA C 226 1.90 10.97 11.77
N PHE C 227 0.57 11.10 11.79
CA PHE C 227 -0.25 10.25 10.94
C PHE C 227 -0.97 10.91 9.76
N TYR C 228 -0.64 12.16 9.46
CA TYR C 228 -1.22 12.81 8.31
C TYR C 228 -0.10 13.35 7.42
N SER C 229 0.83 14.09 8.02
CA SER C 229 1.96 14.61 7.26
C SER C 229 3.19 14.57 8.14
N THR C 230 4.36 14.49 7.52
CA THR C 230 5.62 14.47 8.25
C THR C 230 6.54 15.42 7.52
N VAL C 231 7.26 16.24 8.26
CA VAL C 231 8.16 17.21 7.65
C VAL C 231 9.18 16.52 6.73
N VAL C 232 9.97 15.62 7.29
CA VAL C 232 10.97 14.90 6.49
C VAL C 232 10.29 13.57 6.13
N GLN C 233 9.34 13.63 5.19
CA GLN C 233 8.56 12.45 4.82
C GLN C 233 9.18 11.45 3.85
N ASP C 234 10.00 11.90 2.92
CA ASP C 234 10.61 10.97 1.98
C ASP C 234 11.99 11.42 1.50
N TRP C 235 12.63 10.57 0.70
CA TRP C 235 13.97 10.89 0.22
C TRP C 235 14.04 12.17 -0.59
N GLY C 236 12.95 12.54 -1.26
CA GLY C 236 12.96 13.78 -2.02
C GLY C 236 13.22 14.94 -1.08
N THR C 237 12.40 15.06 -0.05
CA THR C 237 12.54 16.12 0.94
C THR C 237 13.90 16.03 1.61
N ASN C 238 14.38 14.80 1.79
CA ASN C 238 15.65 14.57 2.45
C ASN C 238 16.78 15.10 1.57
N TYR C 239 16.69 14.85 0.26
CA TYR C 239 17.72 15.34 -0.63
C TYR C 239 17.75 16.87 -0.59
N LEU C 240 16.58 17.49 -0.62
CA LEU C 240 16.49 18.96 -0.59
C LEU C 240 17.18 19.50 0.65
N ILE C 241 17.02 18.79 1.76
CA ILE C 241 17.64 19.19 3.00
C ILE C 241 19.16 19.14 2.88
N ALA C 242 19.69 17.96 2.56
CA ALA C 242 21.13 17.78 2.45
C ALA C 242 21.78 18.74 1.45
N GLN C 243 21.11 18.99 0.33
CA GLN C 243 21.66 19.91 -0.68
C GLN C 243 21.66 21.34 -0.15
N THR C 244 20.63 21.71 0.61
CA THR C 244 20.55 23.05 1.17
C THR C 244 21.57 23.30 2.27
N LEU C 245 21.72 22.33 3.19
CA LEU C 245 22.65 22.47 4.32
C LEU C 245 24.13 22.53 3.93
N GLY C 246 24.59 21.63 3.06
CA GLY C 246 25.99 21.63 2.67
C GLY C 246 26.60 20.25 2.44
N PRO C 247 27.89 20.19 2.07
CA PRO C 247 28.66 18.97 1.79
C PRO C 247 28.71 17.97 2.94
N LYS C 248 28.62 18.47 4.17
CA LYS C 248 28.68 17.62 5.34
C LYS C 248 27.33 17.00 5.71
N ALA C 249 26.27 17.47 5.06
CA ALA C 249 24.92 16.97 5.32
C ALA C 249 24.52 15.94 4.27
N GLN C 250 24.14 14.76 4.74
CA GLN C 250 23.73 13.69 3.83
C GLN C 250 22.46 13.00 4.33
N CYS C 251 21.90 12.14 3.47
CA CYS C 251 20.67 11.44 3.77
C CYS C 251 20.85 10.02 4.25
N LEU C 252 20.06 9.64 5.24
CA LEU C 252 20.07 8.31 5.82
C LEU C 252 18.85 7.56 5.29
N VAL C 253 19.04 6.34 4.81
CA VAL C 253 17.92 5.57 4.30
C VAL C 253 17.60 4.39 5.23
N ASP C 254 16.42 4.45 5.84
CA ASP C 254 15.96 3.39 6.75
C ASP C 254 14.95 2.57 5.98
N LEU C 255 15.25 1.29 5.78
CA LEU C 255 14.40 0.35 5.04
C LEU C 255 12.89 0.44 5.26
N GLY C 256 12.45 0.34 6.52
CA GLY C 256 11.03 0.36 6.79
C GLY C 256 10.37 1.73 6.85
N HIS C 257 11.06 2.76 6.36
CA HIS C 257 10.50 4.12 6.39
C HIS C 257 9.88 4.61 5.08
N HIS C 258 9.56 3.68 4.19
CA HIS C 258 9.00 4.04 2.90
C HIS C 258 7.58 3.52 2.66
N ALA C 259 6.88 4.18 1.73
CA ALA C 259 5.51 3.78 1.40
C ALA C 259 5.49 2.36 0.86
N PRO C 260 4.34 1.70 0.92
CA PRO C 260 4.24 0.33 0.42
C PRO C 260 4.70 0.21 -1.03
N ASN C 261 5.38 -0.90 -1.33
CA ASN C 261 5.87 -1.20 -2.67
C ASN C 261 6.93 -0.25 -3.22
N THR C 262 7.45 0.65 -2.38
CA THR C 262 8.48 1.58 -2.82
C THR C 262 9.70 0.81 -3.32
N ASN C 263 10.36 1.30 -4.35
CA ASN C 263 11.56 0.63 -4.80
C ASN C 263 12.65 1.31 -4.00
N ILE C 264 13.04 0.69 -2.89
CA ILE C 264 14.04 1.26 -2.01
C ILE C 264 15.45 1.23 -2.59
N GLU C 265 15.82 0.15 -3.28
CA GLU C 265 17.16 0.08 -3.87
C GLU C 265 17.42 1.21 -4.86
N MET C 266 16.38 1.64 -5.58
CA MET C 266 16.55 2.74 -6.52
C MET C 266 16.90 4.01 -5.75
N ILE C 267 16.16 4.26 -4.67
CA ILE C 267 16.41 5.44 -3.85
C ILE C 267 17.88 5.48 -3.45
N VAL C 268 18.40 4.33 -3.05
CA VAL C 268 19.80 4.23 -2.65
C VAL C 268 20.71 4.65 -3.80
N ALA C 269 20.38 4.19 -5.00
CA ALA C 269 21.15 4.51 -6.20
C ALA C 269 21.11 6.01 -6.50
N ARG C 270 19.92 6.59 -6.42
CA ARG C 270 19.75 8.01 -6.68
C ARG C 270 20.55 8.89 -5.73
N LEU C 271 20.53 8.57 -4.44
CA LEU C 271 21.26 9.35 -3.46
C LEU C 271 22.77 9.21 -3.67
N ILE C 272 23.20 8.03 -4.10
CA ILE C 272 24.63 7.79 -4.33
C ILE C 272 25.11 8.65 -5.50
N GLN C 273 24.38 8.56 -6.61
CA GLN C 273 24.72 9.33 -7.81
C GLN C 273 24.96 10.80 -7.52
N PHE C 274 24.15 11.37 -6.65
CA PHE C 274 24.27 12.78 -6.30
C PHE C 274 25.03 13.05 -5.01
N GLY C 275 25.79 12.03 -4.58
CA GLY C 275 26.62 12.16 -3.39
C GLY C 275 25.98 12.44 -2.05
N LYS C 276 24.71 12.09 -1.87
CA LYS C 276 24.05 12.37 -0.60
C LYS C 276 23.57 11.15 0.17
N LEU C 277 24.23 10.01 0.00
CA LEU C 277 23.85 8.83 0.76
C LEU C 277 24.77 8.73 1.96
N GLY C 278 24.32 9.24 3.09
CA GLY C 278 25.13 9.21 4.30
C GLY C 278 25.29 7.82 4.87
N GLY C 279 24.20 7.05 4.82
CA GLY C 279 24.24 5.70 5.34
C GLY C 279 22.91 5.00 5.16
N PHE C 280 22.86 3.76 5.62
CA PHE C 280 21.65 2.97 5.49
C PHE C 280 21.29 2.30 6.81
N HIS C 281 20.07 2.53 7.29
CA HIS C 281 19.64 1.88 8.53
C HIS C 281 18.90 0.60 8.18
N PHE C 282 19.48 -0.51 8.62
CA PHE C 282 18.92 -1.83 8.33
C PHE C 282 17.89 -2.33 9.33
N ASN C 283 16.93 -3.05 8.78
CA ASN C 283 15.84 -3.68 9.50
C ASN C 283 14.98 -4.28 8.41
N ASP C 284 13.88 -4.92 8.79
CA ASP C 284 13.03 -5.49 7.78
C ASP C 284 11.58 -5.20 8.14
N SER C 285 10.70 -5.23 7.14
CA SER C 285 9.31 -4.94 7.41
C SER C 285 8.37 -5.60 6.41
N LYS C 286 7.08 -5.48 6.69
CA LYS C 286 6.06 -6.04 5.82
C LYS C 286 4.91 -5.06 5.71
N TYR C 287 4.58 -4.42 6.83
CA TYR C 287 3.45 -3.48 6.83
C TYR C 287 3.80 -2.00 6.87
N GLY C 288 4.62 -1.62 7.85
CA GLY C 288 5.02 -0.22 7.99
C GLY C 288 6.43 -0.21 8.56
N ASP C 289 6.69 0.68 9.53
CA ASP C 289 8.00 0.74 10.14
C ASP C 289 8.02 -0.33 11.22
N ASP C 290 7.96 -1.58 10.79
CA ASP C 290 7.93 -2.73 11.69
C ASP C 290 9.21 -2.93 12.49
N ASP C 291 10.32 -2.43 11.98
CA ASP C 291 11.61 -2.55 12.65
C ASP C 291 11.95 -3.97 13.07
N LEU C 292 11.71 -4.92 12.17
CA LEU C 292 12.00 -6.33 12.43
C LEU C 292 13.45 -6.69 12.07
N ASP C 293 13.90 -7.86 12.49
CA ASP C 293 15.25 -8.32 12.19
C ASP C 293 15.50 -8.26 10.68
N ALA C 294 16.62 -7.63 10.30
CA ALA C 294 16.98 -7.49 8.89
C ALA C 294 17.01 -8.82 8.13
N GLY C 295 16.38 -8.84 6.96
CA GLY C 295 16.33 -10.03 6.15
C GLY C 295 15.39 -11.13 6.61
N ALA C 296 14.59 -10.85 7.63
CA ALA C 296 13.65 -11.86 8.14
C ALA C 296 12.37 -11.95 7.32
N ILE C 297 12.05 -10.88 6.60
CA ILE C 297 10.84 -10.82 5.79
C ILE C 297 11.14 -10.83 4.30
N GLU C 298 12.06 -9.97 3.88
CA GLU C 298 12.44 -9.88 2.48
C GLU C 298 13.95 -9.87 2.30
N PRO C 299 14.56 -11.05 2.35
CA PRO C 299 16.02 -11.15 2.18
C PRO C 299 16.48 -10.73 0.78
N TYR C 300 15.66 -10.96 -0.24
CA TYR C 300 16.06 -10.60 -1.60
C TYR C 300 16.20 -9.08 -1.76
N ARG C 301 15.26 -8.34 -1.18
CA ARG C 301 15.31 -6.89 -1.24
C ARG C 301 16.57 -6.39 -0.52
N LEU C 302 16.97 -7.10 0.54
CA LEU C 302 18.17 -6.70 1.28
C LEU C 302 19.37 -6.87 0.34
N PHE C 303 19.37 -7.98 -0.40
CA PHE C 303 20.42 -8.25 -1.37
C PHE C 303 20.44 -7.17 -2.45
N LEU C 304 19.27 -6.77 -2.91
CA LEU C 304 19.21 -5.76 -3.97
C LEU C 304 19.69 -4.39 -3.49
N VAL C 305 19.55 -4.13 -2.20
CA VAL C 305 20.04 -2.88 -1.66
C VAL C 305 21.56 -2.95 -1.74
N PHE C 306 22.15 -4.05 -1.26
CA PHE C 306 23.59 -4.19 -1.29
C PHE C 306 24.13 -4.18 -2.72
N ASN C 307 23.35 -4.74 -3.65
CA ASN C 307 23.74 -4.76 -5.05
C ASN C 307 24.01 -3.34 -5.51
N GLU C 308 23.22 -2.39 -4.99
CA GLU C 308 23.42 -1.00 -5.35
C GLU C 308 24.66 -0.44 -4.66
N LEU C 309 24.86 -0.83 -3.41
CA LEU C 309 26.04 -0.35 -2.68
C LEU C 309 27.32 -0.84 -3.38
N VAL C 310 27.34 -2.13 -3.72
CA VAL C 310 28.51 -2.70 -4.39
C VAL C 310 28.71 -2.15 -5.80
N ASP C 311 27.62 -1.93 -6.54
CA ASP C 311 27.75 -1.41 -7.90
C ASP C 311 28.39 -0.03 -7.87
N ALA C 312 28.24 0.65 -6.74
CA ALA C 312 28.83 1.98 -6.57
C ALA C 312 30.34 1.84 -6.71
N GLU C 313 30.90 0.84 -6.06
CA GLU C 313 32.33 0.60 -6.15
C GLU C 313 32.69 0.13 -7.55
N ALA C 314 31.81 -0.65 -8.17
CA ALA C 314 32.06 -1.15 -9.52
C ALA C 314 32.09 -0.01 -10.53
N ARG C 315 31.32 1.04 -10.28
CA ARG C 315 31.26 2.19 -11.19
C ARG C 315 32.35 3.19 -10.82
N GLY C 316 33.07 2.92 -9.73
CA GLY C 316 34.14 3.80 -9.32
C GLY C 316 33.78 5.08 -8.60
N VAL C 317 32.64 5.12 -7.91
CA VAL C 317 32.25 6.31 -7.17
C VAL C 317 33.37 6.61 -6.18
N LYS C 318 33.74 7.88 -6.07
CA LYS C 318 34.82 8.27 -5.17
C LYS C 318 34.33 8.81 -3.83
N GLY C 319 35.11 8.53 -2.80
CA GLY C 319 34.77 8.99 -1.46
C GLY C 319 33.47 8.48 -0.89
N PHE C 320 33.02 7.32 -1.33
CA PHE C 320 31.78 6.76 -0.83
C PHE C 320 32.07 5.88 0.39
N HIS C 321 31.82 6.42 1.57
CA HIS C 321 32.04 5.70 2.82
C HIS C 321 30.81 5.86 3.71
N PRO C 322 29.67 5.25 3.30
CA PRO C 322 28.40 5.30 4.03
C PRO C 322 28.49 4.77 5.46
N ALA C 323 27.69 5.36 6.35
CA ALA C 323 27.66 4.94 7.75
C ALA C 323 26.43 4.08 8.02
N HIS C 324 26.61 2.78 7.89
CA HIS C 324 25.53 1.82 8.10
C HIS C 324 25.24 1.49 9.56
N MET C 325 23.96 1.37 9.87
CA MET C 325 23.55 1.06 11.24
C MET C 325 22.32 0.18 11.23
N ILE C 326 22.16 -0.59 12.30
CA ILE C 326 21.00 -1.43 12.43
C ILE C 326 20.09 -0.62 13.32
N ASP C 327 18.82 -0.54 12.98
CA ASP C 327 17.85 0.19 13.80
C ASP C 327 16.67 -0.75 13.85
N GLN C 328 16.53 -1.44 14.96
CA GLN C 328 15.46 -2.40 15.11
C GLN C 328 14.87 -2.41 16.50
N SER C 329 13.69 -3.03 16.58
CA SER C 329 12.97 -3.17 17.83
C SER C 329 12.71 -4.66 17.96
N HIS C 330 13.17 -5.24 19.07
CA HIS C 330 13.01 -6.66 19.31
C HIS C 330 11.99 -6.85 20.41
N ASN C 331 10.75 -7.08 20.01
CA ASN C 331 9.65 -7.24 20.96
C ASN C 331 9.40 -8.67 21.42
N VAL C 332 9.79 -9.66 20.64
CA VAL C 332 9.52 -11.05 21.03
C VAL C 332 10.71 -12.00 21.00
N THR C 333 11.91 -11.46 21.08
CA THR C 333 13.09 -12.31 21.09
C THR C 333 14.12 -11.76 22.05
N ASP C 334 15.21 -12.50 22.23
CA ASP C 334 16.30 -12.04 23.07
C ASP C 334 16.95 -11.01 22.14
N PRO C 335 16.95 -9.73 22.53
CA PRO C 335 17.54 -8.67 21.70
C PRO C 335 18.93 -8.99 21.16
N ILE C 336 19.77 -9.61 21.99
CA ILE C 336 21.12 -9.93 21.58
C ILE C 336 21.17 -10.93 20.44
N GLU C 337 20.26 -11.89 20.46
CA GLU C 337 20.22 -12.91 19.42
C GLU C 337 19.72 -12.29 18.13
N SER C 338 18.64 -11.52 18.21
CA SER C 338 18.11 -10.87 17.01
C SER C 338 19.16 -9.97 16.39
N LEU C 339 19.90 -9.23 17.21
CA LEU C 339 20.94 -8.35 16.68
C LEU C 339 22.07 -9.15 16.02
N ILE C 340 22.40 -10.28 16.64
CA ILE C 340 23.44 -11.16 16.10
C ILE C 340 23.03 -11.68 14.72
N ASN C 341 21.82 -12.23 14.62
CA ASN C 341 21.39 -12.78 13.34
C ASN C 341 21.11 -11.73 12.28
N SER C 342 20.70 -10.53 12.69
CA SER C 342 20.46 -9.45 11.73
C SER C 342 21.80 -9.06 11.12
N ALA C 343 22.80 -8.91 11.97
CA ALA C 343 24.15 -8.56 11.53
C ALA C 343 24.62 -9.60 10.52
N ASN C 344 24.33 -10.87 10.82
CA ASN C 344 24.72 -11.96 9.94
C ASN C 344 24.02 -11.80 8.60
N GLU C 345 22.72 -11.59 8.64
CA GLU C 345 21.90 -11.44 7.45
C GLU C 345 22.42 -10.28 6.58
N ILE C 346 22.88 -9.22 7.20
CA ILE C 346 23.43 -8.06 6.48
C ILE C 346 24.73 -8.46 5.78
N ARG C 347 25.60 -9.19 6.48
CA ARG C 347 26.85 -9.63 5.89
C ARG C 347 26.55 -10.66 4.80
N ARG C 348 25.47 -11.41 5.00
CA ARG C 348 25.06 -12.42 4.04
C ARG C 348 24.70 -11.75 2.72
N ALA C 349 23.83 -10.75 2.77
CA ALA C 349 23.42 -10.05 1.57
C ALA C 349 24.61 -9.35 0.91
N TYR C 350 25.53 -8.83 1.72
CA TYR C 350 26.73 -8.16 1.22
C TYR C 350 27.64 -9.13 0.45
N ALA C 351 27.77 -10.35 0.98
CA ALA C 351 28.62 -11.37 0.37
C ALA C 351 28.09 -11.81 -0.99
N GLN C 352 26.78 -12.02 -1.07
CA GLN C 352 26.15 -12.44 -2.31
C GLN C 352 26.31 -11.35 -3.35
N ALA C 353 26.14 -10.10 -2.92
CA ALA C 353 26.31 -8.97 -3.82
C ALA C 353 27.73 -8.96 -4.40
N LEU C 354 28.70 -9.40 -3.59
CA LEU C 354 30.10 -9.44 -4.02
C LEU C 354 30.29 -10.55 -5.05
N LEU C 355 29.42 -11.55 -5.01
CA LEU C 355 29.49 -12.69 -5.92
C LEU C 355 28.94 -12.43 -7.32
N VAL C 356 28.20 -11.33 -7.49
CA VAL C 356 27.62 -11.01 -8.78
C VAL C 356 28.69 -10.82 -9.85
N ASP C 357 28.46 -11.39 -11.03
CA ASP C 357 29.40 -11.26 -12.15
C ASP C 357 29.09 -9.92 -12.83
N ARG C 358 29.69 -8.86 -12.33
CA ARG C 358 29.48 -7.51 -12.87
C ARG C 358 29.81 -7.45 -14.36
N ALA C 359 30.85 -8.15 -14.77
CA ALA C 359 31.25 -8.15 -16.17
C ALA C 359 30.14 -8.70 -17.05
N ALA C 360 29.64 -9.89 -16.69
CA ALA C 360 28.56 -10.51 -17.44
C ALA C 360 27.29 -9.66 -17.34
N LEU C 361 27.04 -9.12 -16.15
CA LEU C 361 25.85 -8.30 -15.93
C LEU C 361 25.83 -7.06 -16.85
N SER C 362 26.93 -6.32 -16.90
CA SER C 362 26.98 -5.12 -17.73
C SER C 362 26.76 -5.47 -19.20
N GLY C 363 27.09 -6.71 -19.58
CA GLY C 363 26.90 -7.14 -20.95
C GLY C 363 25.43 -7.37 -21.22
N TYR C 364 24.75 -7.99 -20.26
CA TYR C 364 23.32 -8.25 -20.41
C TYR C 364 22.49 -6.99 -20.32
N GLN C 365 22.97 -6.00 -19.57
CA GLN C 365 22.25 -4.75 -19.44
C GLN C 365 22.33 -3.96 -20.74
N GLU C 366 23.51 -3.96 -21.34
CA GLU C 366 23.73 -3.23 -22.59
C GLU C 366 22.92 -3.79 -23.75
N ASP C 367 22.86 -5.12 -23.87
CA ASP C 367 22.10 -5.70 -24.97
C ASP C 367 20.67 -6.04 -24.59
N ASN C 368 20.22 -5.46 -23.48
CA ASN C 368 18.86 -5.64 -22.99
C ASN C 368 18.37 -7.07 -22.83
N ASP C 369 19.24 -7.93 -22.32
CA ASP C 369 18.86 -9.33 -22.09
C ASP C 369 18.33 -9.36 -20.65
N ALA C 370 17.08 -8.93 -20.49
CA ALA C 370 16.44 -8.87 -19.17
C ALA C 370 16.54 -10.16 -18.39
N LEU C 371 16.23 -11.28 -19.02
CA LEU C 371 16.26 -12.59 -18.36
C LEU C 371 17.64 -12.98 -17.79
N MET C 372 18.68 -12.94 -18.62
CA MET C 372 20.01 -13.30 -18.14
C MET C 372 20.56 -12.28 -17.14
N ALA C 373 20.09 -11.04 -17.23
CA ALA C 373 20.54 -10.01 -16.30
C ALA C 373 20.01 -10.36 -14.91
N THR C 374 18.72 -10.67 -14.84
CA THR C 374 18.11 -11.01 -13.56
C THR C 374 18.67 -12.33 -13.03
N GLU C 375 18.87 -13.29 -13.91
CA GLU C 375 19.42 -14.59 -13.50
C GLU C 375 20.85 -14.44 -12.99
N THR C 376 21.59 -13.46 -13.53
CA THR C 376 22.96 -13.23 -13.10
C THR C 376 22.97 -12.82 -11.62
N LEU C 377 21.97 -12.04 -11.20
CA LEU C 377 21.87 -11.63 -9.80
C LEU C 377 21.45 -12.83 -8.97
N LYS C 378 20.49 -13.60 -9.48
CA LYS C 378 20.01 -14.79 -8.78
C LYS C 378 21.12 -15.81 -8.53
N ARG C 379 22.00 -16.00 -9.51
CA ARG C 379 23.08 -16.96 -9.34
C ARG C 379 23.93 -16.60 -8.14
N ALA C 380 23.97 -15.32 -7.82
CA ALA C 380 24.75 -14.85 -6.68
C ALA C 380 23.93 -15.01 -5.40
N TYR C 381 22.72 -14.46 -5.45
CA TYR C 381 21.81 -14.49 -4.31
C TYR C 381 21.44 -15.90 -3.86
N ARG C 382 21.31 -16.84 -4.80
CA ARG C 382 20.96 -18.21 -4.45
C ARG C 382 22.12 -18.95 -3.80
N THR C 383 23.33 -18.44 -3.97
CA THR C 383 24.50 -19.08 -3.39
C THR C 383 24.45 -18.98 -1.87
N ASP C 384 24.58 -20.10 -1.18
CA ASP C 384 24.56 -20.11 0.27
C ASP C 384 25.94 -19.71 0.76
N VAL C 385 26.06 -18.49 1.27
CA VAL C 385 27.33 -17.98 1.75
C VAL C 385 27.60 -18.15 3.24
N GLU C 386 26.73 -18.89 3.93
CA GLU C 386 26.92 -19.09 5.36
C GLU C 386 28.35 -19.55 5.69
N PRO C 387 28.89 -20.52 4.92
CA PRO C 387 30.26 -20.98 5.20
C PRO C 387 31.27 -19.83 5.21
N ILE C 388 31.06 -18.85 4.35
CA ILE C 388 31.95 -17.69 4.26
C ILE C 388 31.85 -16.86 5.51
N LEU C 389 30.62 -16.58 5.93
CA LEU C 389 30.37 -15.77 7.13
C LEU C 389 30.97 -16.42 8.36
N ALA C 390 30.78 -17.74 8.47
CA ALA C 390 31.28 -18.52 9.59
C ALA C 390 32.81 -18.52 9.65
N GLU C 391 33.44 -18.73 8.50
CA GLU C 391 34.89 -18.73 8.42
C GLU C 391 35.43 -17.35 8.77
N ALA C 392 34.73 -16.31 8.32
CA ALA C 392 35.12 -14.93 8.59
C ALA C 392 35.12 -14.69 10.10
N ARG C 393 34.11 -15.24 10.77
CA ARG C 393 34.02 -15.08 12.21
C ARG C 393 35.12 -15.85 12.92
N ARG C 394 35.41 -17.05 12.44
CA ARG C 394 36.44 -17.89 13.03
C ARG C 394 37.78 -17.19 12.99
N ARG C 395 38.08 -16.58 11.85
CA ARG C 395 39.35 -15.87 11.65
C ARG C 395 39.53 -14.64 12.52
N THR C 396 38.43 -14.03 12.93
CA THR C 396 38.52 -12.81 13.72
C THR C 396 38.16 -12.92 15.20
N GLY C 397 38.14 -14.14 15.72
CA GLY C 397 37.84 -14.35 17.12
C GLY C 397 36.36 -14.52 17.45
N GLY C 398 35.54 -14.65 16.41
CA GLY C 398 34.11 -14.81 16.60
C GLY C 398 33.72 -16.26 16.63
N ALA C 399 32.41 -16.54 16.62
CA ALA C 399 31.91 -17.90 16.67
C ALA C 399 31.29 -18.40 15.37
N VAL C 400 31.63 -19.64 15.01
CA VAL C 400 31.11 -20.28 13.80
C VAL C 400 29.58 -20.19 13.76
N ASP C 401 28.95 -20.29 14.93
CA ASP C 401 27.50 -20.17 15.06
C ASP C 401 27.26 -19.34 16.32
N PRO C 402 27.19 -18.01 16.15
CA PRO C 402 26.99 -17.02 17.22
C PRO C 402 25.86 -17.31 18.20
N VAL C 403 24.65 -17.41 17.69
CA VAL C 403 23.50 -17.66 18.56
C VAL C 403 23.62 -18.90 19.42
N ALA C 404 24.02 -20.03 18.83
CA ALA C 404 24.14 -21.26 19.60
C ALA C 404 25.21 -21.10 20.69
N THR C 405 26.33 -20.49 20.30
CA THR C 405 27.43 -20.27 21.23
C THR C 405 26.94 -19.34 22.32
N TYR C 406 26.13 -18.35 21.94
CA TYR C 406 25.57 -17.41 22.91
C TYR C 406 24.73 -18.18 23.93
N ARG C 407 23.89 -19.10 23.44
CA ARG C 407 23.03 -19.88 24.33
C ARG C 407 23.83 -20.82 25.21
N ALA C 408 24.85 -21.45 24.64
CA ALA C 408 25.68 -22.38 25.40
C ALA C 408 26.41 -21.68 26.55
N SER C 409 26.63 -20.38 26.41
CA SER C 409 27.35 -19.61 27.43
C SER C 409 26.49 -19.28 28.64
N GLY C 410 25.18 -19.26 28.45
CA GLY C 410 24.28 -18.95 29.55
C GLY C 410 24.39 -17.49 29.97
N TYR C 411 24.82 -16.65 29.04
CA TYR C 411 24.97 -15.22 29.31
C TYR C 411 23.69 -14.50 29.77
N ARG C 412 22.55 -14.85 29.17
CA ARG C 412 21.27 -14.22 29.52
C ARG C 412 20.90 -14.45 30.99
N ALA C 413 21.03 -15.70 31.44
CA ALA C 413 20.70 -16.07 32.81
C ALA C 413 21.66 -15.38 33.77
N ARG C 414 22.91 -15.24 33.33
CA ARG C 414 23.93 -14.60 34.14
C ARG C 414 23.58 -13.14 34.38
N VAL C 415 23.24 -12.40 33.32
CA VAL C 415 22.89 -10.99 33.49
C VAL C 415 21.50 -10.82 34.12
N ALA C 416 20.66 -11.85 34.04
CA ALA C 416 19.34 -11.77 34.65
C ALA C 416 19.48 -11.77 36.17
N ALA C 417 20.49 -12.48 36.66
CA ALA C 417 20.73 -12.57 38.09
C ALA C 417 21.51 -11.35 38.60
N GLU C 418 22.06 -10.57 37.68
CA GLU C 418 22.84 -9.40 38.05
C GLU C 418 22.04 -8.10 37.92
N ARG C 419 21.02 -8.11 37.07
CA ARG C 419 20.24 -6.90 36.82
C ARG C 419 18.83 -6.89 37.38
N PRO C 420 18.51 -5.84 38.15
CA PRO C 420 17.20 -5.69 38.79
C PRO C 420 16.12 -5.45 37.75
N ALA C 421 15.00 -6.15 37.88
CA ALA C 421 13.88 -5.95 36.98
C ALA C 421 13.17 -4.68 37.46
N SER C 422 12.69 -3.88 36.53
CA SER C 422 12.00 -2.64 36.89
C SER C 422 10.74 -3.02 37.66
N VAL C 423 10.30 -2.17 38.57
CA VAL C 423 9.11 -2.45 39.37
C VAL C 423 8.03 -1.37 39.31
N PHE D 4 -24.82 17.62 35.99
CA PHE D 4 -24.45 18.32 34.72
C PHE D 4 -22.99 18.76 34.73
N ARG D 5 -22.18 18.12 33.88
CA ARG D 5 -20.76 18.45 33.79
C ARG D 5 -20.58 19.87 33.27
N ILE D 6 -21.42 20.27 32.31
CA ILE D 6 -21.38 21.61 31.76
C ILE D 6 -22.63 22.33 32.27
N ALA D 7 -22.50 23.57 32.72
CA ALA D 7 -23.65 24.29 33.23
C ALA D 7 -24.71 24.51 32.14
N GLN D 8 -25.96 24.17 32.47
CA GLN D 8 -27.06 24.30 31.53
C GLN D 8 -27.27 25.72 31.02
N ASP D 9 -27.00 26.71 31.86
CA ASP D 9 -27.16 28.09 31.44
C ASP D 9 -26.11 28.44 30.38
N VAL D 10 -24.93 27.85 30.49
CA VAL D 10 -23.86 28.10 29.52
C VAL D 10 -24.32 27.57 28.16
N VAL D 11 -24.93 26.39 28.17
CA VAL D 11 -25.43 25.78 26.95
C VAL D 11 -26.55 26.65 26.38
N ALA D 12 -27.46 27.05 27.26
CA ALA D 12 -28.60 27.88 26.84
C ALA D 12 -28.07 29.17 26.22
N ARG D 13 -27.14 29.80 26.90
CA ARG D 13 -26.56 31.06 26.45
C ARG D 13 -25.93 30.93 25.06
N GLU D 14 -25.04 29.97 24.91
CA GLU D 14 -24.36 29.75 23.64
C GLU D 14 -25.33 29.38 22.53
N ASN D 15 -26.32 28.54 22.84
CA ASN D 15 -27.31 28.14 21.86
C ASN D 15 -28.18 29.30 21.42
N ASP D 16 -28.53 30.17 22.37
CA ASP D 16 -29.38 31.32 22.07
C ASP D 16 -28.71 32.40 21.22
N ARG D 17 -27.43 32.64 21.43
CA ARG D 17 -26.72 33.66 20.65
C ARG D 17 -26.62 33.23 19.18
N ARG D 18 -26.73 31.92 18.93
CA ARG D 18 -26.62 31.38 17.57
C ARG D 18 -27.95 30.95 16.96
N ALA D 19 -29.01 30.97 17.76
CA ALA D 19 -30.34 30.55 17.30
C ALA D 19 -30.76 31.15 15.96
N SER D 20 -30.60 32.46 15.79
CA SER D 20 -31.00 33.08 14.54
C SER D 20 -30.20 32.57 13.36
N ALA D 21 -28.89 32.44 13.52
CA ALA D 21 -28.05 31.93 12.45
C ALA D 21 -28.45 30.51 12.10
N LEU D 22 -28.71 29.70 13.12
CA LEU D 22 -29.11 28.31 12.88
C LEU D 22 -30.43 28.26 12.14
N LYS D 23 -31.43 28.95 12.66
CA LYS D 23 -32.74 28.99 12.01
C LYS D 23 -32.59 29.37 10.54
N GLU D 24 -31.79 30.40 10.27
CA GLU D 24 -31.59 30.86 8.91
C GLU D 24 -31.00 29.77 7.99
N ASP D 25 -30.06 28.99 8.51
CA ASP D 25 -29.46 27.93 7.72
C ASP D 25 -30.39 26.73 7.63
N TYR D 26 -31.12 26.46 8.71
CA TYR D 26 -32.03 25.31 8.74
C TYR D 26 -33.21 25.49 7.79
N GLU D 27 -33.65 26.73 7.61
CA GLU D 27 -34.77 27.00 6.72
C GLU D 27 -34.32 27.01 5.26
N ALA D 28 -33.14 27.56 5.00
CA ALA D 28 -32.63 27.62 3.63
C ALA D 28 -32.35 26.20 3.12
N LEU D 29 -31.78 25.35 3.98
CA LEU D 29 -31.50 23.98 3.60
C LEU D 29 -32.81 23.20 3.45
N GLY D 30 -33.80 23.59 4.23
CA GLY D 30 -35.09 22.93 4.17
C GLY D 30 -35.77 23.15 2.82
N ALA D 31 -35.70 24.38 2.34
CA ALA D 31 -36.31 24.73 1.06
C ALA D 31 -35.57 24.02 -0.06
N ASN D 32 -34.25 23.87 0.10
CA ASN D 32 -33.44 23.20 -0.91
C ASN D 32 -33.86 21.74 -0.98
N LEU D 33 -33.96 21.09 0.17
CA LEU D 33 -34.35 19.68 0.24
C LEU D 33 -35.78 19.48 -0.24
N ALA D 34 -36.65 20.43 0.08
CA ALA D 34 -38.05 20.36 -0.35
C ALA D 34 -38.09 20.24 -1.87
N ARG D 35 -37.34 21.10 -2.54
CA ARG D 35 -37.28 21.09 -4.00
C ARG D 35 -36.66 19.79 -4.51
N ARG D 36 -36.19 18.95 -3.59
CA ARG D 36 -35.59 17.67 -3.95
C ARG D 36 -36.47 16.52 -3.50
N GLY D 37 -37.66 16.84 -3.00
CA GLY D 37 -38.57 15.81 -2.55
C GLY D 37 -38.14 15.19 -1.24
N VAL D 38 -37.51 16.00 -0.39
CA VAL D 38 -37.02 15.54 0.90
C VAL D 38 -37.53 16.43 2.04
N ASP D 39 -38.08 15.79 3.06
CA ASP D 39 -38.59 16.52 4.22
C ASP D 39 -37.47 16.55 5.25
N ILE D 40 -36.94 17.75 5.47
CA ILE D 40 -35.85 17.92 6.41
C ILE D 40 -36.20 17.36 7.78
N GLU D 41 -37.46 17.54 8.19
CA GLU D 41 -37.92 17.05 9.49
C GLU D 41 -37.67 15.56 9.70
N ALA D 42 -38.04 14.76 8.70
CA ALA D 42 -37.86 13.32 8.77
C ALA D 42 -36.38 12.96 8.91
N VAL D 43 -35.52 13.75 8.28
CA VAL D 43 -34.09 13.51 8.35
C VAL D 43 -33.57 13.85 9.75
N THR D 44 -33.98 15.02 10.25
CA THR D 44 -33.56 15.46 11.56
C THR D 44 -33.99 14.49 12.66
N ALA D 45 -35.19 13.92 12.51
CA ALA D 45 -35.72 12.99 13.50
C ALA D 45 -34.90 11.70 13.58
N LYS D 46 -34.37 11.26 12.45
CA LYS D 46 -33.55 10.05 12.44
C LYS D 46 -32.16 10.38 12.98
N VAL D 47 -31.65 11.56 12.61
CA VAL D 47 -30.34 12.03 13.06
C VAL D 47 -30.30 12.15 14.59
N GLU D 48 -31.43 12.51 15.19
CA GLU D 48 -31.54 12.66 16.64
C GLU D 48 -31.47 11.31 17.35
N LYS D 49 -31.83 10.25 16.63
CA LYS D 49 -31.82 8.93 17.22
C LYS D 49 -30.61 8.09 16.87
N PHE D 50 -29.68 8.64 16.11
CA PHE D 50 -28.49 7.89 15.76
C PHE D 50 -27.45 8.02 16.86
N PHE D 51 -27.14 6.92 17.51
CA PHE D 51 -26.14 6.95 18.58
C PHE D 51 -24.92 6.11 18.23
N VAL D 52 -23.80 6.46 18.84
CA VAL D 52 -22.55 5.73 18.65
C VAL D 52 -21.87 5.69 20.02
N ALA D 53 -21.44 4.51 20.42
CA ALA D 53 -20.81 4.34 21.72
C ALA D 53 -19.44 4.99 21.79
N VAL D 54 -19.14 5.59 22.94
CA VAL D 54 -17.84 6.23 23.18
C VAL D 54 -16.98 5.27 24.01
N PRO D 55 -15.68 5.20 23.71
CA PRO D 55 -14.77 4.33 24.45
C PRO D 55 -14.24 5.05 25.69
N SER D 56 -14.31 4.40 26.85
CA SER D 56 -13.83 5.03 28.07
C SER D 56 -12.39 5.48 27.95
N TRP D 57 -11.59 4.72 27.23
CA TRP D 57 -10.19 5.05 27.07
C TRP D 57 -9.94 6.15 26.01
N GLY D 58 -10.98 6.60 25.35
CA GLY D 58 -10.82 7.62 24.33
C GLY D 58 -10.66 9.04 24.85
N VAL D 59 -11.13 9.31 26.07
CA VAL D 59 -11.03 10.65 26.63
C VAL D 59 -9.69 10.99 27.24
N GLY D 60 -8.82 9.99 27.34
CA GLY D 60 -7.49 10.24 27.87
C GLY D 60 -6.57 10.49 26.69
N THR D 61 -5.46 11.20 26.88
CA THR D 61 -4.55 11.48 25.76
C THR D 61 -3.80 10.23 25.33
N GLY D 62 -3.84 9.95 24.03
CA GLY D 62 -3.17 8.77 23.49
C GLY D 62 -1.73 9.04 23.17
N GLY D 63 -1.04 8.01 22.69
CA GLY D 63 0.36 8.18 22.37
C GLY D 63 0.84 7.13 21.39
N THR D 64 2.13 7.19 21.06
CA THR D 64 2.75 6.25 20.15
C THR D 64 3.87 5.56 20.92
N ARG D 65 4.54 4.60 20.30
CA ARG D 65 5.62 3.91 20.97
C ARG D 65 6.80 4.84 21.25
N PHE D 66 6.80 6.01 20.61
CA PHE D 66 7.87 6.98 20.81
C PHE D 66 7.59 7.94 21.95
N ALA D 67 6.32 8.27 22.18
CA ALA D 67 5.97 9.18 23.26
C ALA D 67 4.49 9.49 23.45
N ARG D 68 4.15 9.92 24.66
CA ARG D 68 2.79 10.33 25.02
C ARG D 68 2.90 11.72 25.62
N PHE D 69 2.27 12.70 24.98
CA PHE D 69 2.31 14.09 25.45
C PHE D 69 0.98 14.47 26.08
N PRO D 70 0.84 14.24 27.38
CA PRO D 70 -0.39 14.56 28.12
C PRO D 70 -0.74 16.02 28.11
N GLY D 71 -2.05 16.30 28.13
CA GLY D 71 -2.53 17.66 28.17
C GLY D 71 -2.88 17.87 29.65
N THR D 72 -3.62 18.93 29.97
CA THR D 72 -3.98 19.16 31.36
C THR D 72 -5.25 18.40 31.72
N GLY D 73 -5.47 18.22 33.02
CA GLY D 73 -6.66 17.52 33.48
C GLY D 73 -6.89 16.13 32.93
N GLU D 74 -5.82 15.33 32.82
CA GLU D 74 -5.95 13.97 32.30
C GLU D 74 -6.87 13.13 33.18
N PRO D 75 -7.92 12.52 32.60
CA PRO D 75 -8.77 11.71 33.47
C PRO D 75 -7.97 10.49 33.91
N ARG D 76 -8.01 10.19 35.21
CA ARG D 76 -7.28 9.05 35.76
C ARG D 76 -8.27 8.08 36.39
N GLY D 77 -8.50 6.95 35.74
CA GLY D 77 -9.44 5.98 36.28
C GLY D 77 -10.79 6.13 35.62
N ILE D 78 -11.61 5.08 35.73
CA ILE D 78 -12.91 5.11 35.10
C ILE D 78 -13.88 6.18 35.60
N PHE D 79 -13.68 6.68 36.81
CA PHE D 79 -14.59 7.69 37.31
C PHE D 79 -14.33 9.02 36.62
N ASP D 80 -13.07 9.43 36.57
CA ASP D 80 -12.73 10.67 35.87
C ASP D 80 -13.19 10.49 34.43
N LYS D 81 -12.91 9.33 33.85
CA LYS D 81 -13.27 9.03 32.47
C LYS D 81 -14.75 9.15 32.20
N LEU D 82 -15.58 8.61 33.11
CA LEU D 82 -17.02 8.69 32.93
C LEU D 82 -17.43 10.16 32.97
N ASP D 83 -16.83 10.91 33.89
CA ASP D 83 -17.14 12.33 34.03
C ASP D 83 -16.87 13.10 32.73
N ASP D 84 -15.86 12.69 31.97
CA ASP D 84 -15.53 13.37 30.72
C ASP D 84 -16.41 12.89 29.59
N CYS D 85 -16.71 11.59 29.58
CA CYS D 85 -17.58 11.04 28.56
C CYS D 85 -18.97 11.71 28.67
N ALA D 86 -19.31 12.14 29.88
CA ALA D 86 -20.60 12.78 30.09
C ALA D 86 -20.71 14.10 29.33
N VAL D 87 -19.59 14.83 29.26
CA VAL D 87 -19.56 16.10 28.51
C VAL D 87 -19.94 15.84 27.06
N ILE D 88 -19.27 14.87 26.45
CA ILE D 88 -19.52 14.52 25.07
C ILE D 88 -20.99 14.21 24.84
N GLN D 89 -21.59 13.40 25.71
CA GLN D 89 -23.00 13.04 25.59
C GLN D 89 -23.88 14.25 25.78
N GLN D 90 -23.63 15.02 26.83
CA GLN D 90 -24.43 16.20 27.08
C GLN D 90 -24.48 17.16 25.89
N LEU D 91 -23.31 17.52 25.36
CA LEU D 91 -23.25 18.46 24.24
C LEU D 91 -23.60 17.95 22.84
N THR D 92 -23.38 16.67 22.58
CA THR D 92 -23.68 16.11 21.26
C THR D 92 -24.96 15.26 21.23
N ARG D 93 -25.34 14.71 22.37
CA ARG D 93 -26.53 13.88 22.49
C ARG D 93 -26.44 12.71 21.52
N ALA D 94 -25.23 12.38 21.10
CA ALA D 94 -25.03 11.29 20.16
C ALA D 94 -24.26 10.12 20.79
N THR D 95 -23.87 10.27 22.05
CA THR D 95 -23.11 9.23 22.74
C THR D 95 -23.65 8.88 24.13
N PRO D 96 -24.92 8.45 24.20
CA PRO D 96 -25.48 8.11 25.51
C PRO D 96 -24.88 6.84 26.14
N ASN D 97 -24.08 6.10 25.39
CA ASN D 97 -23.48 4.88 25.93
C ASN D 97 -21.96 4.82 25.88
N VAL D 98 -21.38 4.31 26.97
CA VAL D 98 -19.94 4.18 27.11
C VAL D 98 -19.49 2.72 27.06
N SER D 99 -18.39 2.48 26.35
CA SER D 99 -17.84 1.13 26.23
C SER D 99 -16.66 1.01 27.19
N LEU D 100 -16.71 0.02 28.08
CA LEU D 100 -15.66 -0.18 29.07
C LEU D 100 -14.56 -1.15 28.64
N HIS D 101 -13.42 -1.05 29.31
CA HIS D 101 -12.27 -1.89 29.02
C HIS D 101 -11.68 -2.44 30.31
N ILE D 102 -11.64 -3.75 30.43
CA ILE D 102 -11.13 -4.42 31.61
C ILE D 102 -9.74 -4.99 31.34
N PRO D 103 -8.82 -4.91 32.30
CA PRO D 103 -8.92 -4.33 33.65
C PRO D 103 -8.78 -2.82 33.82
N TRP D 104 -8.50 -2.08 32.75
CA TRP D 104 -8.35 -0.63 32.91
C TRP D 104 -9.45 0.02 33.75
N ASP D 105 -10.71 -0.34 33.49
CA ASP D 105 -11.84 0.24 34.20
C ASP D 105 -12.48 -0.64 35.25
N LYS D 106 -11.70 -1.48 35.92
CA LYS D 106 -12.29 -2.32 36.94
C LYS D 106 -12.68 -1.43 38.12
N ALA D 107 -13.88 -1.67 38.64
CA ALA D 107 -14.41 -0.90 39.78
C ALA D 107 -15.67 -1.60 40.28
N ASP D 108 -16.08 -1.29 41.50
CA ASP D 108 -17.28 -1.92 42.05
C ASP D 108 -18.43 -1.72 41.07
N PRO D 109 -18.98 -2.83 40.54
CA PRO D 109 -20.10 -2.76 39.59
C PRO D 109 -21.18 -1.77 40.01
N LYS D 110 -21.65 -1.92 41.24
CA LYS D 110 -22.70 -1.04 41.76
C LYS D 110 -22.30 0.42 41.67
N GLU D 111 -21.04 0.72 41.98
CA GLU D 111 -20.54 2.10 41.92
C GLU D 111 -20.51 2.59 40.48
N LEU D 112 -20.12 1.70 39.56
CA LEU D 112 -20.07 2.06 38.15
C LEU D 112 -21.44 2.44 37.65
N LYS D 113 -22.39 1.54 37.86
CA LYS D 113 -23.77 1.73 37.43
C LYS D 113 -24.32 3.01 38.02
N ALA D 114 -24.13 3.20 39.31
CA ALA D 114 -24.62 4.41 39.98
C ALA D 114 -24.03 5.65 39.34
N ARG D 115 -22.73 5.62 39.07
CA ARG D 115 -22.07 6.77 38.47
C ARG D 115 -22.63 7.03 37.07
N GLY D 116 -22.81 5.97 36.30
CA GLY D 116 -23.35 6.11 34.95
C GLY D 116 -24.75 6.70 34.97
N ASP D 117 -25.60 6.16 35.83
CA ASP D 117 -26.98 6.64 35.94
C ASP D 117 -27.02 8.11 36.33
N ALA D 118 -26.13 8.52 37.24
CA ALA D 118 -26.08 9.91 37.67
C ALA D 118 -25.63 10.85 36.56
N LEU D 119 -24.85 10.32 35.61
CA LEU D 119 -24.34 11.13 34.52
C LEU D 119 -25.20 11.12 33.25
N GLY D 120 -26.16 10.20 33.16
CA GLY D 120 -27.00 10.14 31.98
C GLY D 120 -26.31 9.27 30.92
N LEU D 121 -25.53 8.31 31.40
CA LEU D 121 -24.79 7.41 30.50
C LEU D 121 -25.13 5.94 30.76
N GLY D 122 -25.13 5.16 29.69
CA GLY D 122 -25.41 3.75 29.80
C GLY D 122 -24.11 3.03 29.45
N PHE D 123 -24.13 1.71 29.41
CA PHE D 123 -22.91 0.98 29.07
C PHE D 123 -23.11 0.06 27.89
N ASP D 124 -22.19 0.15 26.94
CA ASP D 124 -22.25 -0.66 25.74
C ASP D 124 -21.42 -1.93 25.89
N ALA D 125 -20.93 -2.47 24.78
CA ALA D 125 -20.14 -3.69 24.82
C ALA D 125 -18.92 -3.60 25.71
N MET D 126 -18.62 -4.70 26.39
CA MET D 126 -17.44 -4.79 27.26
C MET D 126 -16.25 -5.08 26.35
N ASN D 127 -15.05 -4.73 26.82
CA ASN D 127 -13.85 -4.96 26.05
C ASN D 127 -12.80 -5.65 26.90
N SER D 128 -12.43 -6.86 26.51
CA SER D 128 -11.42 -7.63 27.24
C SER D 128 -10.04 -7.13 26.86
N ASN D 129 -9.04 -7.49 27.66
CA ASN D 129 -7.66 -7.06 27.41
C ASN D 129 -6.65 -8.18 27.61
N THR D 130 -6.22 -8.81 26.53
CA THR D 130 -5.22 -9.86 26.62
C THR D 130 -4.13 -9.57 25.61
N PHE D 131 -3.87 -8.27 25.44
CA PHE D 131 -2.83 -7.80 24.54
C PHE D 131 -1.74 -7.11 25.38
N SER D 132 -1.96 -7.11 26.69
CA SER D 132 -1.02 -6.54 27.66
C SER D 132 -1.04 -7.36 28.95
N ASP D 133 0.03 -7.30 29.73
CA ASP D 133 0.08 -8.05 30.98
C ASP D 133 -0.28 -7.17 32.17
N ALA D 134 -1.07 -7.70 33.09
CA ALA D 134 -1.42 -6.94 34.28
C ALA D 134 -0.53 -7.46 35.42
N PRO D 135 -0.35 -6.66 36.48
CA PRO D 135 0.50 -7.09 37.61
C PRO D 135 -0.02 -8.36 38.28
N GLY D 136 0.90 -9.24 38.68
CA GLY D 136 0.48 -10.47 39.33
C GLY D 136 -0.04 -11.54 38.40
N GLN D 137 -0.23 -11.20 37.14
CA GLN D 137 -0.73 -12.14 36.14
C GLN D 137 0.18 -13.39 36.16
N ALA D 138 -0.42 -14.58 36.20
CA ALA D 138 0.35 -15.82 36.25
C ALA D 138 1.03 -16.19 34.93
N HIS D 139 0.38 -15.91 33.80
CA HIS D 139 0.96 -16.22 32.51
C HIS D 139 0.99 -15.00 31.59
N SER D 140 2.15 -14.78 30.96
CA SER D 140 2.33 -13.63 30.08
C SER D 140 1.71 -13.81 28.71
N TYR D 141 1.24 -12.70 28.13
CA TYR D 141 0.62 -12.74 26.82
C TYR D 141 1.60 -12.33 25.72
N LYS D 142 2.87 -12.18 26.08
CA LYS D 142 3.91 -11.82 25.13
C LYS D 142 3.75 -12.58 23.81
N TYR D 143 3.58 -13.90 23.89
CA TYR D 143 3.44 -14.74 22.71
C TYR D 143 1.99 -15.10 22.37
N GLY D 144 1.05 -14.33 22.90
CA GLY D 144 -0.35 -14.59 22.61
C GLY D 144 -1.21 -14.77 23.85
N SER D 145 -2.48 -15.07 23.63
CA SER D 145 -3.41 -15.28 24.72
C SER D 145 -4.36 -16.42 24.36
N LEU D 146 -5.49 -16.07 23.76
CA LEU D 146 -6.48 -17.07 23.37
C LEU D 146 -5.90 -18.10 22.40
N SER D 147 -4.85 -17.73 21.66
CA SER D 147 -4.25 -18.68 20.71
C SER D 147 -2.83 -19.13 21.11
N HIS D 148 -2.42 -18.77 22.32
CA HIS D 148 -1.10 -19.12 22.83
C HIS D 148 -0.92 -20.65 22.81
N THR D 149 0.31 -21.11 22.62
CA THR D 149 0.59 -22.55 22.59
C THR D 149 0.37 -23.20 23.95
N ASN D 150 0.61 -22.44 25.00
CA ASN D 150 0.45 -22.96 26.35
C ASN D 150 -1.02 -22.96 26.79
N ALA D 151 -1.54 -24.14 27.08
CA ALA D 151 -2.94 -24.32 27.49
C ALA D 151 -3.34 -23.47 28.70
N ALA D 152 -2.50 -23.44 29.71
CA ALA D 152 -2.79 -22.66 30.90
C ALA D 152 -2.96 -21.19 30.58
N THR D 153 -2.17 -20.70 29.62
CA THR D 153 -2.25 -19.29 29.24
C THR D 153 -3.58 -19.02 28.55
N ARG D 154 -4.00 -19.96 27.69
CA ARG D 154 -5.27 -19.78 26.99
C ARG D 154 -6.41 -19.79 28.00
N ALA D 155 -6.32 -20.71 28.96
CA ALA D 155 -7.33 -20.85 30.01
C ALA D 155 -7.47 -19.55 30.77
N GLN D 156 -6.34 -18.95 31.11
CA GLN D 156 -6.32 -17.69 31.84
C GLN D 156 -6.99 -16.61 30.98
N ALA D 157 -6.72 -16.64 29.67
CA ALA D 157 -7.29 -15.66 28.75
C ALA D 157 -8.81 -15.81 28.68
N VAL D 158 -9.26 -17.06 28.59
CA VAL D 158 -10.69 -17.34 28.54
C VAL D 158 -11.38 -16.90 29.84
N GLU D 159 -10.80 -17.27 30.99
CA GLU D 159 -11.41 -16.89 32.25
C GLU D 159 -11.53 -15.38 32.36
N HIS D 160 -10.56 -14.65 31.82
CA HIS D 160 -10.61 -13.21 31.88
C HIS D 160 -11.78 -12.68 31.06
N ASN D 161 -11.97 -13.23 29.87
CA ASN D 161 -13.08 -12.78 29.04
C ASN D 161 -14.40 -13.10 29.73
N LEU D 162 -14.47 -14.22 30.43
CA LEU D 162 -15.69 -14.59 31.15
C LEU D 162 -16.00 -13.54 32.20
N GLU D 163 -14.97 -13.11 32.93
CA GLU D 163 -15.15 -12.10 33.97
C GLU D 163 -15.64 -10.79 33.37
N CYS D 164 -15.25 -10.52 32.13
CA CYS D 164 -15.68 -9.29 31.46
C CYS D 164 -17.19 -9.34 31.27
N ILE D 165 -17.71 -10.54 31.07
CA ILE D 165 -19.14 -10.75 30.88
C ILE D 165 -19.86 -10.52 32.20
N GLU D 166 -19.34 -11.12 33.28
CA GLU D 166 -19.96 -10.97 34.59
C GLU D 166 -20.05 -9.50 35.02
N ILE D 167 -19.01 -8.73 34.72
CA ILE D 167 -18.98 -7.31 35.04
C ILE D 167 -20.04 -6.62 34.20
N GLY D 168 -20.07 -6.98 32.92
CA GLY D 168 -21.03 -6.39 32.00
C GLY D 168 -22.46 -6.67 32.39
N LYS D 169 -22.76 -7.93 32.72
CA LYS D 169 -24.12 -8.32 33.12
C LYS D 169 -24.59 -7.46 34.29
N ALA D 170 -23.65 -7.07 35.14
CA ALA D 170 -23.96 -6.27 36.32
C ALA D 170 -24.15 -4.78 36.07
N ILE D 171 -23.74 -4.28 34.91
CA ILE D 171 -23.91 -2.85 34.66
C ILE D 171 -24.87 -2.54 33.52
N GLY D 172 -25.46 -3.57 32.95
CA GLY D 172 -26.42 -3.38 31.87
C GLY D 172 -25.87 -3.60 30.47
N SER D 173 -24.68 -4.18 30.38
CA SER D 173 -24.05 -4.44 29.08
C SER D 173 -24.67 -5.67 28.43
N LYS D 174 -24.58 -5.77 27.10
CA LYS D 174 -25.15 -6.91 26.40
C LYS D 174 -24.21 -7.55 25.38
N ALA D 175 -22.92 -7.21 25.44
CA ALA D 175 -21.98 -7.80 24.49
C ALA D 175 -20.53 -7.71 24.95
N LEU D 176 -19.71 -8.57 24.36
CA LEU D 176 -18.29 -8.61 24.67
C LEU D 176 -17.50 -8.52 23.37
N THR D 177 -16.65 -7.52 23.28
CA THR D 177 -15.82 -7.38 22.09
C THR D 177 -14.46 -7.98 22.41
N VAL D 178 -13.95 -8.79 21.50
CA VAL D 178 -12.65 -9.41 21.68
C VAL D 178 -11.65 -9.00 20.59
N TRP D 179 -10.68 -8.19 20.96
CA TRP D 179 -9.61 -7.82 20.04
C TRP D 179 -8.34 -8.19 20.75
N ILE D 180 -7.55 -9.06 20.14
CA ILE D 180 -6.29 -9.49 20.71
C ILE D 180 -5.15 -9.17 19.76
N GLY D 181 -3.93 -9.15 20.29
CA GLY D 181 -2.78 -8.84 19.45
C GLY D 181 -2.20 -10.08 18.80
N ASP D 182 -2.59 -11.24 19.32
CA ASP D 182 -2.13 -12.55 18.85
C ASP D 182 -1.70 -12.63 17.38
N GLY D 183 -0.49 -13.13 17.19
CA GLY D 183 0.08 -13.29 15.86
C GLY D 183 1.55 -13.61 15.97
N SER D 184 2.31 -13.30 14.92
CA SER D 184 3.74 -13.56 14.91
C SER D 184 4.47 -12.40 14.24
N ASN D 185 5.74 -12.24 14.58
CA ASN D 185 6.57 -11.19 13.98
C ASN D 185 7.57 -11.81 13.00
N PHE D 186 7.68 -13.13 13.01
CA PHE D 186 8.60 -13.83 12.12
C PHE D 186 7.97 -15.02 11.38
N PRO D 187 8.40 -15.24 10.14
CA PRO D 187 7.85 -16.38 9.39
C PRO D 187 8.26 -17.64 10.15
N GLY D 188 7.33 -18.60 10.29
CA GLY D 188 7.66 -19.82 10.99
C GLY D 188 7.47 -19.80 12.50
N GLN D 189 7.39 -18.61 13.09
CA GLN D 189 7.19 -18.49 14.53
C GLN D 189 5.89 -19.16 14.95
N SER D 190 4.86 -18.99 14.13
CA SER D 190 3.55 -19.58 14.38
C SER D 190 3.16 -20.51 13.25
N ASN D 191 2.35 -21.51 13.58
CA ASN D 191 1.81 -22.42 12.57
C ASN D 191 0.43 -21.81 12.36
N PHE D 192 0.24 -21.12 11.24
CA PHE D 192 -1.02 -20.45 10.95
C PHE D 192 -2.29 -21.19 11.34
N THR D 193 -2.45 -22.40 10.83
CA THR D 193 -3.63 -23.19 11.09
C THR D 193 -3.80 -23.65 12.54
N ARG D 194 -2.74 -24.15 13.15
CA ARG D 194 -2.84 -24.61 14.53
C ARG D 194 -3.16 -23.48 15.50
N ALA D 195 -2.59 -22.30 15.27
CA ALA D 195 -2.86 -21.16 16.13
C ALA D 195 -4.31 -20.72 15.97
N PHE D 196 -4.84 -20.85 14.75
CA PHE D 196 -6.22 -20.46 14.51
C PHE D 196 -7.18 -21.45 15.18
N GLU D 197 -6.83 -22.72 15.15
CA GLU D 197 -7.64 -23.76 15.79
C GLU D 197 -7.70 -23.50 17.29
N ARG D 198 -6.55 -23.18 17.87
CA ARG D 198 -6.49 -22.91 19.30
C ARG D 198 -7.40 -21.74 19.64
N TYR D 199 -7.38 -20.72 18.78
CA TYR D 199 -8.19 -19.53 18.95
C TYR D 199 -9.69 -19.86 18.93
N LEU D 200 -10.10 -20.61 17.91
CA LEU D 200 -11.50 -21.00 17.77
C LEU D 200 -11.97 -21.77 19.00
N SER D 201 -11.14 -22.71 19.44
CA SER D 201 -11.45 -23.53 20.60
C SER D 201 -11.63 -22.68 21.87
N ALA D 202 -10.73 -21.72 22.09
CA ALA D 202 -10.82 -20.86 23.26
C ALA D 202 -12.04 -19.94 23.17
N MET D 203 -12.39 -19.52 21.96
CA MET D 203 -13.53 -18.64 21.77
C MET D 203 -14.85 -19.37 22.01
N ALA D 204 -14.87 -20.67 21.71
CA ALA D 204 -16.07 -21.45 21.93
C ALA D 204 -16.43 -21.45 23.42
N GLU D 205 -15.41 -21.58 24.26
CA GLU D 205 -15.63 -21.59 25.71
C GLU D 205 -16.19 -20.26 26.21
N ILE D 206 -15.76 -19.15 25.60
CA ILE D 206 -16.26 -17.85 25.99
C ILE D 206 -17.69 -17.75 25.50
N TYR D 207 -17.92 -18.30 24.32
CA TYR D 207 -19.25 -18.27 23.73
C TYR D 207 -20.27 -18.94 24.64
N LYS D 208 -19.85 -20.02 25.31
CA LYS D 208 -20.73 -20.75 26.22
C LYS D 208 -21.19 -19.90 27.40
N GLY D 209 -20.34 -18.98 27.85
CA GLY D 209 -20.69 -18.13 28.99
C GLY D 209 -21.58 -16.97 28.61
N LEU D 210 -21.94 -16.93 27.34
CA LEU D 210 -22.79 -15.88 26.81
C LEU D 210 -24.26 -16.00 27.18
N PRO D 211 -24.82 -14.98 27.87
CA PRO D 211 -26.24 -15.09 28.20
C PRO D 211 -27.02 -15.14 26.89
N ASP D 212 -28.30 -15.46 26.96
CA ASP D 212 -29.11 -15.57 25.74
C ASP D 212 -29.19 -14.30 24.90
N ASP D 213 -29.26 -13.14 25.55
CA ASP D 213 -29.36 -11.86 24.83
C ASP D 213 -28.02 -11.14 24.60
N TRP D 214 -26.92 -11.86 24.78
CA TRP D 214 -25.60 -11.26 24.57
C TRP D 214 -25.01 -11.64 23.22
N LYS D 215 -24.07 -10.84 22.75
CA LYS D 215 -23.40 -11.12 21.49
C LYS D 215 -21.90 -11.11 21.75
N LEU D 216 -21.16 -11.82 20.92
CA LEU D 216 -19.72 -11.90 21.04
C LEU D 216 -19.12 -11.37 19.74
N PHE D 217 -18.44 -10.23 19.83
CA PHE D 217 -17.85 -9.62 18.66
C PHE D 217 -16.34 -9.89 18.55
N SER D 218 -15.91 -10.34 17.38
CA SER D 218 -14.48 -10.58 17.15
C SER D 218 -14.04 -9.49 16.15
N GLU D 219 -12.89 -8.89 16.42
CA GLU D 219 -12.38 -7.82 15.59
C GLU D 219 -11.07 -8.15 14.91
N HIS D 220 -11.05 -8.07 13.58
CA HIS D 220 -9.87 -8.37 12.79
C HIS D 220 -8.99 -7.15 12.60
N LYS D 221 -7.73 -7.40 12.29
CA LYS D 221 -6.77 -6.32 12.10
C LYS D 221 -5.60 -6.90 11.32
N MET D 222 -5.20 -6.21 10.26
CA MET D 222 -4.10 -6.69 9.43
C MET D 222 -2.77 -6.85 10.17
N TYR D 223 -2.42 -5.86 10.99
CA TYR D 223 -1.17 -5.89 11.74
C TYR D 223 -1.11 -4.93 12.94
N GLU D 224 -0.04 -5.07 13.72
CA GLU D 224 0.20 -4.29 14.93
C GLU D 224 -0.75 -4.74 16.04
N PRO D 225 -0.20 -5.23 17.15
CA PRO D 225 1.22 -5.38 17.49
C PRO D 225 2.02 -6.44 16.73
N ALA D 226 1.33 -7.34 16.01
CA ALA D 226 2.00 -8.40 15.27
C ALA D 226 2.43 -7.84 13.92
N PHE D 227 3.70 -8.02 13.56
CA PHE D 227 4.20 -7.46 12.31
C PHE D 227 4.52 -8.39 11.14
N TYR D 228 4.10 -9.65 11.23
CA TYR D 228 4.29 -10.58 10.13
C TYR D 228 2.94 -11.21 9.83
N SER D 229 2.32 -11.79 10.85
CA SER D 229 1.01 -12.41 10.71
C SER D 229 0.19 -12.12 11.94
N THR D 230 -1.12 -12.09 11.77
CA THR D 230 -2.03 -11.86 12.87
C THR D 230 -3.12 -12.93 12.70
N VAL D 231 -3.46 -13.63 13.77
CA VAL D 231 -4.46 -14.70 13.71
C VAL D 231 -5.79 -14.23 13.12
N VAL D 232 -6.32 -13.13 13.63
CA VAL D 232 -7.57 -12.57 13.10
C VAL D 232 -7.13 -11.38 12.26
N GLN D 233 -6.55 -11.64 11.10
CA GLN D 233 -6.02 -10.58 10.24
C GLN D 233 -7.01 -9.82 9.35
N ASP D 234 -8.04 -10.48 8.83
CA ASP D 234 -9.00 -9.74 8.01
C ASP D 234 -10.44 -10.22 8.17
N TRP D 235 -11.36 -9.59 7.45
CA TRP D 235 -12.77 -9.95 7.56
C TRP D 235 -13.00 -11.38 7.07
N GLY D 236 -12.05 -11.90 6.29
CA GLY D 236 -12.18 -13.26 5.82
C GLY D 236 -12.14 -14.21 7.00
N THR D 237 -11.03 -14.18 7.72
CA THR D 237 -10.86 -15.02 8.91
C THR D 237 -11.94 -14.67 9.92
N ASN D 238 -12.30 -13.39 9.96
CA ASN D 238 -13.32 -12.94 10.88
C ASN D 238 -14.67 -13.59 10.60
N TYR D 239 -15.04 -13.72 9.33
CA TYR D 239 -16.31 -14.35 8.99
C TYR D 239 -16.26 -15.82 9.45
N LEU D 240 -15.18 -16.49 9.11
CA LEU D 240 -15.02 -17.90 9.49
C LEU D 240 -15.24 -18.09 10.98
N ILE D 241 -14.75 -17.13 11.76
CA ILE D 241 -14.89 -17.17 13.20
C ILE D 241 -16.35 -17.11 13.60
N ALA D 242 -17.00 -16.03 13.21
CA ALA D 242 -18.39 -15.79 13.53
C ALA D 242 -19.30 -16.94 13.13
N GLN D 243 -19.13 -17.43 11.90
CA GLN D 243 -19.93 -18.53 11.39
C GLN D 243 -19.73 -19.79 12.23
N THR D 244 -18.47 -20.07 12.55
CA THR D 244 -18.14 -21.25 13.35
C THR D 244 -18.62 -21.17 14.80
N LEU D 245 -18.55 -19.99 15.40
CA LEU D 245 -18.96 -19.84 16.79
C LEU D 245 -20.48 -19.91 16.98
N GLY D 246 -21.23 -19.31 16.05
CA GLY D 246 -22.68 -19.36 16.14
C GLY D 246 -23.41 -18.05 15.92
N PRO D 247 -24.75 -18.04 16.07
CA PRO D 247 -25.66 -16.91 15.90
C PRO D 247 -25.32 -15.67 16.73
N LYS D 248 -24.88 -15.88 17.96
CA LYS D 248 -24.53 -14.78 18.87
C LYS D 248 -23.18 -14.16 18.59
N ALA D 249 -22.44 -14.73 17.64
CA ALA D 249 -21.12 -14.24 17.28
C ALA D 249 -21.13 -13.47 15.97
N GLN D 250 -20.61 -12.25 16.00
CA GLN D 250 -20.55 -11.42 14.80
C GLN D 250 -19.23 -10.68 14.69
N CYS D 251 -18.98 -10.10 13.53
CA CYS D 251 -17.73 -9.39 13.24
C CYS D 251 -17.79 -7.87 13.30
N LEU D 252 -16.77 -7.28 13.91
CA LEU D 252 -16.67 -5.83 13.99
C LEU D 252 -15.70 -5.36 12.92
N VAL D 253 -16.07 -4.32 12.18
CA VAL D 253 -15.24 -3.76 11.14
C VAL D 253 -14.68 -2.41 11.60
N ASP D 254 -13.38 -2.38 11.91
CA ASP D 254 -12.73 -1.15 12.36
C ASP D 254 -12.01 -0.52 11.16
N LEU D 255 -12.56 0.59 10.68
CA LEU D 255 -12.04 1.28 9.51
C LEU D 255 -10.52 1.24 9.25
N GLY D 256 -9.72 1.62 10.23
CA GLY D 256 -8.27 1.63 10.05
C GLY D 256 -7.54 0.30 10.14
N HIS D 257 -8.26 -0.81 10.25
CA HIS D 257 -7.61 -2.11 10.38
C HIS D 257 -7.48 -2.88 9.07
N HIS D 258 -7.40 -2.18 7.96
CA HIS D 258 -7.32 -2.86 6.67
C HIS D 258 -6.09 -2.54 5.82
N ALA D 259 -5.82 -3.42 4.86
CA ALA D 259 -4.69 -3.24 3.96
C ALA D 259 -4.88 -1.95 3.18
N PRO D 260 -3.78 -1.39 2.65
CA PRO D 260 -3.90 -0.15 1.89
C PRO D 260 -4.77 -0.34 0.65
N ASN D 261 -5.64 0.63 0.38
CA ASN D 261 -6.52 0.62 -0.78
C ASN D 261 -7.72 -0.33 -0.72
N THR D 262 -7.89 -1.01 0.41
CA THR D 262 -9.00 -1.94 0.59
C THR D 262 -10.34 -1.25 0.36
N ASN D 263 -11.31 -1.94 -0.26
CA ASN D 263 -12.62 -1.33 -0.40
C ASN D 263 -13.36 -1.76 0.85
N ILE D 264 -13.34 -0.89 1.86
CA ILE D 264 -13.96 -1.18 3.14
C ILE D 264 -15.50 -1.24 3.12
N GLU D 265 -16.14 -0.34 2.39
CA GLU D 265 -17.60 -0.33 2.32
C GLU D 265 -18.16 -1.64 1.74
N MET D 266 -17.39 -2.30 0.87
CA MET D 266 -17.84 -3.56 0.31
C MET D 266 -17.78 -4.63 1.37
N ILE D 267 -16.77 -4.52 2.24
CA ILE D 267 -16.63 -5.50 3.32
C ILE D 267 -17.85 -5.40 4.20
N VAL D 268 -18.28 -4.18 4.47
CA VAL D 268 -19.47 -3.95 5.31
C VAL D 268 -20.71 -4.57 4.65
N ALA D 269 -20.87 -4.36 3.34
CA ALA D 269 -22.02 -4.90 2.63
C ALA D 269 -21.97 -6.43 2.61
N ARG D 270 -20.78 -7.01 2.43
CA ARG D 270 -20.69 -8.46 2.41
C ARG D 270 -21.08 -9.08 3.74
N LEU D 271 -20.71 -8.44 4.84
CA LEU D 271 -21.05 -8.95 6.16
C LEU D 271 -22.55 -8.83 6.45
N ILE D 272 -23.15 -7.72 6.00
CA ILE D 272 -24.57 -7.47 6.19
C ILE D 272 -25.37 -8.56 5.50
N GLN D 273 -25.07 -8.77 4.24
CA GLN D 273 -25.72 -9.78 3.45
C GLN D 273 -25.78 -11.11 4.21
N PHE D 274 -24.63 -11.56 4.70
CA PHE D 274 -24.57 -12.81 5.44
C PHE D 274 -24.84 -12.67 6.93
N GLY D 275 -25.53 -11.59 7.28
CA GLY D 275 -25.89 -11.32 8.67
C GLY D 275 -24.81 -11.53 9.72
N LYS D 276 -23.61 -11.00 9.45
CA LYS D 276 -22.54 -11.14 10.41
C LYS D 276 -21.82 -9.85 10.73
N LEU D 277 -22.47 -8.72 10.45
CA LEU D 277 -21.85 -7.44 10.77
C LEU D 277 -22.31 -7.04 12.17
N GLY D 278 -21.47 -7.30 13.17
CA GLY D 278 -21.81 -6.97 14.54
C GLY D 278 -21.82 -5.48 14.82
N GLY D 279 -20.92 -4.76 14.17
CA GLY D 279 -20.84 -3.33 14.36
C GLY D 279 -19.62 -2.74 13.68
N PHE D 280 -19.60 -1.42 13.56
CA PHE D 280 -18.51 -0.72 12.91
C PHE D 280 -17.81 0.17 13.93
N HIS D 281 -16.48 0.16 13.91
CA HIS D 281 -15.70 1.01 14.82
C HIS D 281 -15.12 2.15 13.98
N PHE D 282 -15.53 3.36 14.33
CA PHE D 282 -15.14 4.56 13.61
C PHE D 282 -13.84 5.25 14.03
N ASN D 283 -13.15 5.73 13.02
CA ASN D 283 -11.90 6.46 13.13
C ASN D 283 -11.52 6.70 11.68
N ASP D 284 -10.40 7.37 11.45
CA ASP D 284 -9.95 7.59 10.09
C ASP D 284 -8.46 7.27 10.05
N SER D 285 -7.94 7.06 8.84
CA SER D 285 -6.54 6.72 8.70
C SER D 285 -6.03 7.11 7.33
N LYS D 286 -4.71 7.25 7.23
CA LYS D 286 -4.07 7.59 5.98
C LYS D 286 -2.99 6.57 5.68
N TYR D 287 -2.35 6.06 6.73
CA TYR D 287 -1.27 5.11 6.55
C TYR D 287 -1.56 3.70 7.07
N GLY D 288 -1.88 3.59 8.36
CA GLY D 288 -2.20 2.30 8.95
C GLY D 288 -3.38 2.47 9.90
N ASP D 289 -3.33 1.86 11.07
CA ASP D 289 -4.41 2.05 12.04
C ASP D 289 -4.05 3.33 12.82
N ASP D 290 -4.13 4.47 12.13
CA ASP D 290 -3.78 5.76 12.73
C ASP D 290 -4.70 6.21 13.86
N ASP D 291 -5.91 5.64 13.89
CA ASP D 291 -6.91 5.95 14.91
C ASP D 291 -7.20 7.44 15.01
N LEU D 292 -7.20 8.12 13.86
CA LEU D 292 -7.47 9.56 13.81
C LEU D 292 -8.96 9.86 13.87
N ASP D 293 -9.30 11.13 14.09
CA ASP D 293 -10.69 11.57 14.17
C ASP D 293 -11.46 11.11 12.93
N ALA D 294 -12.66 10.57 13.13
CA ALA D 294 -13.48 10.10 12.02
C ALA D 294 -13.71 11.24 11.02
N GLY D 295 -13.50 10.94 9.74
CA GLY D 295 -13.70 11.95 8.71
C GLY D 295 -12.66 13.05 8.52
N ALA D 296 -11.63 13.09 9.36
CA ALA D 296 -10.60 14.12 9.21
C ALA D 296 -9.70 13.93 7.99
N ILE D 297 -9.63 12.69 7.49
CA ILE D 297 -8.80 12.37 6.33
C ILE D 297 -9.61 11.99 5.10
N GLU D 298 -10.55 11.05 5.24
CA GLU D 298 -11.37 10.65 4.11
C GLU D 298 -12.87 10.66 4.45
N PRO D 299 -13.48 11.86 4.49
CA PRO D 299 -14.91 11.96 4.81
C PRO D 299 -15.82 11.30 3.78
N TYR D 300 -15.39 11.20 2.53
CA TYR D 300 -16.24 10.56 1.52
C TYR D 300 -16.30 9.06 1.77
N ARG D 301 -15.16 8.47 2.11
CA ARG D 301 -15.11 7.05 2.40
C ARG D 301 -16.10 6.74 3.51
N LEU D 302 -16.10 7.60 4.53
CA LEU D 302 -17.00 7.44 5.67
C LEU D 302 -18.44 7.46 5.18
N PHE D 303 -18.74 8.37 4.26
CA PHE D 303 -20.08 8.49 3.67
C PHE D 303 -20.48 7.20 2.95
N LEU D 304 -19.55 6.64 2.16
CA LEU D 304 -19.80 5.41 1.41
C LEU D 304 -20.10 4.23 2.31
N VAL D 305 -19.43 4.21 3.47
CA VAL D 305 -19.65 3.15 4.44
C VAL D 305 -21.07 3.32 4.94
N PHE D 306 -21.43 4.55 5.26
CA PHE D 306 -22.77 4.84 5.73
C PHE D 306 -23.82 4.61 4.67
N ASN D 307 -23.42 4.72 3.40
CA ASN D 307 -24.35 4.50 2.32
C ASN D 307 -24.82 3.04 2.39
N GLU D 308 -23.89 2.15 2.69
CA GLU D 308 -24.23 0.73 2.81
C GLU D 308 -25.08 0.48 4.06
N LEU D 309 -24.73 1.16 5.15
CA LEU D 309 -25.49 0.97 6.38
C LEU D 309 -26.93 1.41 6.21
N VAL D 310 -27.13 2.54 5.52
CA VAL D 310 -28.46 3.08 5.28
C VAL D 310 -29.26 2.21 4.35
N ASP D 311 -28.61 1.66 3.34
CA ASP D 311 -29.29 0.80 2.39
C ASP D 311 -29.90 -0.36 3.18
N ALA D 312 -29.09 -0.98 4.03
CA ALA D 312 -29.54 -2.09 4.84
C ALA D 312 -30.57 -1.64 5.87
N GLU D 313 -30.34 -0.49 6.48
CA GLU D 313 -31.24 0.07 7.48
C GLU D 313 -32.62 0.33 6.88
N ALA D 314 -32.67 0.66 5.60
CA ALA D 314 -33.93 0.94 4.93
C ALA D 314 -34.56 -0.32 4.31
N ARG D 315 -33.80 -1.02 3.48
CA ARG D 315 -34.30 -2.21 2.82
C ARG D 315 -34.57 -3.39 3.79
N GLY D 316 -34.20 -3.23 5.06
CA GLY D 316 -34.44 -4.26 6.04
C GLY D 316 -33.23 -5.09 6.47
N VAL D 317 -33.13 -6.31 5.90
CA VAL D 317 -32.03 -7.29 6.14
C VAL D 317 -32.03 -8.02 7.47
N LYS D 318 -32.13 -9.33 7.35
CA LYS D 318 -32.15 -10.29 8.45
C LYS D 318 -30.92 -10.16 9.38
N GLY D 319 -31.03 -9.88 10.67
CA GLY D 319 -29.81 -9.76 11.49
C GLY D 319 -29.02 -8.45 11.50
N PHE D 320 -29.65 -7.37 11.07
CA PHE D 320 -28.96 -6.08 11.06
C PHE D 320 -29.19 -5.20 12.28
N HIS D 321 -28.43 -5.44 13.35
CA HIS D 321 -28.52 -4.64 14.58
C HIS D 321 -27.11 -4.25 15.00
N PRO D 322 -26.44 -3.40 14.20
CA PRO D 322 -25.07 -2.97 14.51
C PRO D 322 -24.89 -2.24 15.83
N ALA D 323 -23.76 -2.51 16.47
CA ALA D 323 -23.39 -1.88 17.73
C ALA D 323 -22.19 -1.01 17.36
N HIS D 324 -22.44 0.25 17.04
CA HIS D 324 -21.38 1.17 16.65
C HIS D 324 -20.56 1.77 17.80
N MET D 325 -19.28 1.99 17.54
CA MET D 325 -18.40 2.56 18.54
C MET D 325 -17.27 3.34 17.88
N ILE D 326 -16.83 4.37 18.57
CA ILE D 326 -15.71 5.19 18.10
C ILE D 326 -14.48 4.61 18.77
N ASP D 327 -13.43 4.31 17.99
CA ASP D 327 -12.21 3.80 18.59
C ASP D 327 -11.06 4.63 18.06
N GLN D 328 -10.69 5.66 18.82
CA GLN D 328 -9.64 6.55 18.38
C GLN D 328 -8.60 6.84 19.45
N SER D 329 -7.50 7.46 19.01
CA SER D 329 -6.42 7.85 19.89
C SER D 329 -6.21 9.33 19.60
N HIS D 330 -6.28 10.16 20.64
CA HIS D 330 -6.14 11.60 20.46
C HIS D 330 -4.83 12.07 21.02
N ASN D 331 -3.81 12.09 20.15
CA ASN D 331 -2.46 12.46 20.56
C ASN D 331 -2.10 13.95 20.54
N VAL D 332 -2.79 14.76 19.75
CA VAL D 332 -2.47 16.18 19.66
C VAL D 332 -3.64 17.13 19.80
N THR D 333 -4.74 16.66 20.40
CA THR D 333 -5.91 17.52 20.58
C THR D 333 -6.53 17.23 21.94
N ASP D 334 -7.51 18.05 22.31
CA ASP D 334 -8.21 17.84 23.56
C ASP D 334 -9.11 16.67 23.22
N PRO D 335 -8.91 15.52 23.86
CA PRO D 335 -9.70 14.31 23.61
C PRO D 335 -11.22 14.53 23.59
N ILE D 336 -11.74 15.36 24.49
CA ILE D 336 -13.19 15.62 24.52
C ILE D 336 -13.62 16.31 23.22
N GLU D 337 -12.81 17.26 22.77
CA GLU D 337 -13.14 18.00 21.56
C GLU D 337 -13.12 17.11 20.31
N SER D 338 -12.14 16.22 20.23
CA SER D 338 -12.03 15.33 19.09
C SER D 338 -13.17 14.33 19.04
N LEU D 339 -13.55 13.78 20.18
CA LEU D 339 -14.62 12.80 20.22
C LEU D 339 -15.94 13.47 19.86
N ILE D 340 -16.10 14.71 20.31
CA ILE D 340 -17.30 15.47 20.01
C ILE D 340 -17.41 15.71 18.50
N ASN D 341 -16.32 16.17 17.89
CA ASN D 341 -16.35 16.43 16.45
C ASN D 341 -16.39 15.16 15.62
N SER D 342 -15.88 14.08 16.17
CA SER D 342 -15.91 12.82 15.43
C SER D 342 -17.33 12.27 15.44
N ALA D 343 -18.01 12.39 16.57
CA ALA D 343 -19.38 11.92 16.67
C ALA D 343 -20.21 12.77 15.72
N ASN D 344 -19.85 14.05 15.60
CA ASN D 344 -20.54 14.97 14.70
C ASN D 344 -20.34 14.52 13.26
N GLU D 345 -19.11 14.15 12.95
CA GLU D 345 -18.74 13.69 11.62
C GLU D 345 -19.49 12.41 11.26
N ILE D 346 -19.65 11.53 12.24
CA ILE D 346 -20.34 10.26 12.03
C ILE D 346 -21.82 10.52 11.72
N ARG D 347 -22.42 11.47 12.42
CA ARG D 347 -23.82 11.79 12.17
C ARG D 347 -23.96 12.50 10.83
N ARG D 348 -22.94 13.28 10.45
CA ARG D 348 -22.97 14.02 9.19
C ARG D 348 -23.05 13.01 8.03
N ALA D 349 -22.14 12.03 8.04
CA ALA D 349 -22.12 11.01 7.00
C ALA D 349 -23.46 10.26 7.02
N TYR D 350 -23.97 10.00 8.21
CA TYR D 350 -25.26 9.32 8.34
C TYR D 350 -26.32 10.18 7.66
N ALA D 351 -26.43 11.42 8.10
CA ALA D 351 -27.41 12.36 7.56
C ALA D 351 -27.34 12.48 6.04
N GLN D 352 -26.14 12.60 5.50
CA GLN D 352 -25.99 12.70 4.05
C GLN D 352 -26.42 11.41 3.38
N ALA D 353 -26.17 10.28 4.02
CA ALA D 353 -26.55 9.00 3.46
C ALA D 353 -28.09 8.93 3.36
N LEU D 354 -28.77 9.55 4.33
CA LEU D 354 -30.23 9.55 4.34
C LEU D 354 -30.83 10.33 3.18
N LEU D 355 -30.06 11.26 2.62
CA LEU D 355 -30.53 12.09 1.52
C LEU D 355 -30.46 11.41 0.15
N VAL D 356 -29.68 10.35 0.05
CA VAL D 356 -29.55 9.65 -1.20
C VAL D 356 -30.90 9.18 -1.73
N ASP D 357 -31.16 9.48 -3.00
CA ASP D 357 -32.39 9.08 -3.66
C ASP D 357 -32.21 7.62 -4.02
N ARG D 358 -32.66 6.73 -3.15
CA ARG D 358 -32.51 5.29 -3.37
C ARG D 358 -33.17 4.77 -4.65
N ALA D 359 -34.31 5.33 -5.02
CA ALA D 359 -35.02 4.90 -6.22
C ALA D 359 -34.25 5.24 -7.50
N ALA D 360 -33.85 6.50 -7.62
CA ALA D 360 -33.09 6.96 -8.79
C ALA D 360 -31.77 6.22 -8.89
N LEU D 361 -31.13 6.01 -7.75
CA LEU D 361 -29.85 5.29 -7.70
C LEU D 361 -30.04 3.90 -8.29
N SER D 362 -31.04 3.19 -7.76
CA SER D 362 -31.34 1.85 -8.22
C SER D 362 -31.65 1.81 -9.72
N GLY D 363 -32.22 2.91 -10.23
CA GLY D 363 -32.53 2.97 -11.65
C GLY D 363 -31.26 3.13 -12.46
N TYR D 364 -30.36 3.97 -11.98
CA TYR D 364 -29.11 4.19 -12.69
C TYR D 364 -28.22 2.95 -12.65
N GLN D 365 -28.31 2.17 -11.58
CA GLN D 365 -27.52 0.96 -11.46
C GLN D 365 -28.06 -0.06 -12.46
N GLU D 366 -29.38 -0.17 -12.52
CA GLU D 366 -30.01 -1.10 -13.46
C GLU D 366 -29.70 -0.76 -14.90
N ASP D 367 -29.59 0.52 -15.21
CA ASP D 367 -29.29 1.00 -16.56
C ASP D 367 -27.80 1.08 -16.85
N ASN D 368 -26.99 0.80 -15.84
CA ASN D 368 -25.55 0.87 -16.00
C ASN D 368 -25.10 2.29 -16.36
N ASP D 369 -25.80 3.26 -15.79
CA ASP D 369 -25.48 4.67 -15.98
C ASP D 369 -24.55 5.04 -14.83
N ALA D 370 -23.30 4.60 -14.91
CA ALA D 370 -22.30 4.83 -13.87
C ALA D 370 -22.13 6.28 -13.47
N LEU D 371 -22.05 7.17 -14.45
CA LEU D 371 -21.88 8.59 -14.17
C LEU D 371 -23.02 9.14 -13.33
N MET D 372 -24.25 8.87 -13.72
CA MET D 372 -25.40 9.35 -12.95
C MET D 372 -25.59 8.64 -11.62
N ALA D 373 -25.07 7.42 -11.51
CA ALA D 373 -25.19 6.67 -10.27
C ALA D 373 -24.27 7.27 -9.21
N THR D 374 -23.05 7.61 -9.63
CA THR D 374 -22.05 8.18 -8.75
C THR D 374 -22.46 9.61 -8.43
N GLU D 375 -23.08 10.29 -9.38
CA GLU D 375 -23.55 11.67 -9.19
C GLU D 375 -24.71 11.68 -8.20
N THR D 376 -25.51 10.62 -8.22
CA THR D 376 -26.65 10.52 -7.30
C THR D 376 -26.16 10.51 -5.85
N LEU D 377 -25.04 9.83 -5.59
CA LEU D 377 -24.47 9.79 -4.25
C LEU D 377 -23.91 11.17 -3.93
N LYS D 378 -23.13 11.70 -4.87
CA LYS D 378 -22.50 13.01 -4.70
C LYS D 378 -23.49 14.12 -4.36
N ARG D 379 -24.70 14.06 -4.89
CA ARG D 379 -25.69 15.09 -4.59
C ARG D 379 -26.01 15.08 -3.10
N ALA D 380 -26.11 13.88 -2.54
CA ALA D 380 -26.38 13.74 -1.12
C ALA D 380 -25.15 14.18 -0.35
N TYR D 381 -24.00 13.59 -0.72
CA TYR D 381 -22.74 13.87 -0.06
C TYR D 381 -22.34 15.35 -0.05
N ARG D 382 -22.51 16.03 -1.18
CA ARG D 382 -22.14 17.45 -1.27
C ARG D 382 -23.01 18.36 -0.42
N THR D 383 -24.15 17.85 0.02
CA THR D 383 -25.08 18.63 0.83
C THR D 383 -24.53 18.92 2.23
N ASP D 384 -24.51 20.20 2.60
CA ASP D 384 -24.02 20.61 3.92
C ASP D 384 -25.15 20.39 4.92
N VAL D 385 -25.09 19.29 5.65
CA VAL D 385 -26.13 18.96 6.63
C VAL D 385 -25.86 19.43 8.05
N GLU D 386 -24.90 20.34 8.21
CA GLU D 386 -24.57 20.86 9.53
C GLU D 386 -25.79 21.44 10.25
N PRO D 387 -26.62 22.23 9.54
CA PRO D 387 -27.78 22.80 10.24
C PRO D 387 -28.66 21.70 10.81
N ILE D 388 -28.72 20.57 10.10
CA ILE D 388 -29.51 19.43 10.54
C ILE D 388 -28.92 18.86 11.81
N LEU D 389 -27.61 18.67 11.82
CA LEU D 389 -26.95 18.13 13.00
C LEU D 389 -27.13 19.05 14.20
N ALA D 390 -26.95 20.35 14.00
CA ALA D 390 -27.08 21.32 15.09
C ALA D 390 -28.49 21.40 15.67
N GLU D 391 -29.49 21.45 14.80
CA GLU D 391 -30.89 21.52 15.23
C GLU D 391 -31.21 20.27 16.04
N ALA D 392 -30.77 19.13 15.52
CA ALA D 392 -31.01 17.86 16.20
C ALA D 392 -30.47 17.97 17.61
N ARG D 393 -29.29 18.57 17.74
CA ARG D 393 -28.67 18.75 19.05
C ARG D 393 -29.50 19.71 19.90
N ARG D 394 -29.92 20.81 19.29
CA ARG D 394 -30.72 21.81 19.99
C ARG D 394 -32.04 21.24 20.54
N ARG D 395 -32.71 20.40 19.76
CA ARG D 395 -33.98 19.81 20.18
C ARG D 395 -33.84 18.75 21.26
N THR D 396 -32.64 18.22 21.44
CA THR D 396 -32.44 17.15 22.42
C THR D 396 -31.60 17.48 23.66
N GLY D 397 -31.36 18.77 23.90
CA GLY D 397 -30.58 19.15 25.07
C GLY D 397 -29.12 19.39 24.78
N GLY D 398 -28.73 19.28 23.51
CA GLY D 398 -27.34 19.50 23.14
C GLY D 398 -27.02 20.94 22.81
N ALA D 399 -25.77 21.19 22.41
CA ALA D 399 -25.32 22.53 22.06
C ALA D 399 -25.28 22.72 20.54
N VAL D 400 -25.71 23.89 20.08
CA VAL D 400 -25.71 24.21 18.65
C VAL D 400 -24.30 23.98 18.08
N ASP D 401 -23.30 24.52 18.78
CA ASP D 401 -21.89 24.39 18.42
C ASP D 401 -21.21 23.78 19.64
N PRO D 402 -21.11 22.44 19.67
CA PRO D 402 -20.49 21.68 20.78
C PRO D 402 -19.11 22.13 21.26
N VAL D 403 -18.15 22.18 20.35
CA VAL D 403 -16.79 22.56 20.72
C VAL D 403 -16.73 23.98 21.24
N ALA D 404 -17.44 24.89 20.58
CA ALA D 404 -17.47 26.28 21.00
C ALA D 404 -18.02 26.38 22.42
N THR D 405 -19.12 25.65 22.67
CA THR D 405 -19.76 25.67 23.97
C THR D 405 -18.84 25.06 25.03
N TYR D 406 -18.16 23.98 24.65
CA TYR D 406 -17.24 23.30 25.55
C TYR D 406 -16.11 24.25 25.97
N ARG D 407 -15.64 25.07 25.03
CA ARG D 407 -14.56 26.00 25.33
C ARG D 407 -15.01 27.15 26.22
N ALA D 408 -16.19 27.69 25.93
CA ALA D 408 -16.69 28.79 26.73
C ALA D 408 -17.00 28.35 28.17
N SER D 409 -17.21 27.06 28.37
CA SER D 409 -17.54 26.55 29.71
C SER D 409 -16.33 26.42 30.62
N GLY D 410 -15.14 26.46 30.03
CA GLY D 410 -13.92 26.35 30.82
C GLY D 410 -13.78 24.99 31.48
N TYR D 411 -14.44 23.98 30.91
CA TYR D 411 -14.40 22.63 31.47
C TYR D 411 -12.98 22.08 31.59
N ARG D 412 -12.17 22.24 30.54
CA ARG D 412 -10.79 21.72 30.57
C ARG D 412 -9.99 22.33 31.73
N ALA D 413 -10.12 23.64 31.92
CA ALA D 413 -9.40 24.31 32.99
C ALA D 413 -9.90 23.85 34.36
N ARG D 414 -11.20 23.56 34.44
CA ARG D 414 -11.78 23.11 35.70
C ARG D 414 -11.24 21.75 36.14
N VAL D 415 -11.26 20.77 35.24
CA VAL D 415 -10.76 19.45 35.61
C VAL D 415 -9.24 19.52 35.76
N ALA D 416 -8.63 20.54 35.16
CA ALA D 416 -7.18 20.69 35.27
C ALA D 416 -6.82 21.04 36.71
N ALA D 417 -7.67 21.85 37.34
CA ALA D 417 -7.46 22.27 38.71
C ALA D 417 -7.76 21.12 39.67
N GLU D 418 -8.65 20.23 39.27
CA GLU D 418 -9.04 19.10 40.10
C GLU D 418 -8.14 17.89 39.93
N ARG D 419 -7.44 17.81 38.80
CA ARG D 419 -6.59 16.66 38.52
C ARG D 419 -5.13 17.03 38.39
N PRO D 420 -4.35 16.85 39.47
CA PRO D 420 -2.93 17.19 39.39
C PRO D 420 -2.21 16.40 38.31
N ALA D 421 -1.42 17.10 37.51
CA ALA D 421 -0.66 16.47 36.43
C ALA D 421 0.65 15.92 36.99
N SER D 422 1.39 15.20 36.16
CA SER D 422 2.67 14.66 36.59
C SER D 422 3.57 15.82 37.01
N VAL D 423 3.52 16.91 36.26
CA VAL D 423 4.30 18.11 36.56
C VAL D 423 3.52 19.36 36.14
ZN ZN E . -0.42 12.73 -16.54
ZN ZN F . -1.36 8.14 -15.91
ZN ZN G . -4.69 -15.94 -12.38
ZN ZN H . -3.79 -11.89 -12.92
ZN ZN I . 16.65 4.65 11.44
ZN ZN J . 12.24 3.23 12.15
ZN ZN K . -11.91 -1.19 17.06
ZN ZN L . -7.54 0.15 16.22
#